data_2RSD
#
_entry.id   2RSD
#
loop_
_entity.id
_entity.type
_entity.pdbx_description
1 polymer 'E3 SUMO-protein ligase SIZ1'
2 non-polymer 'ZINC ION'
#
_entity_poly.entity_id   1
_entity_poly.type   'polypeptide(L)'
_entity_poly.pdbx_seq_one_letter_code
;GSDSFQPEAKVRCICSSTMVNDSMIQCEDQRCQVWQHLNCVLIPDKPGESAEVPPVFYCELCRLSRAD
;
_entity_poly.pdbx_strand_id   A
#
# COMPACT_ATOMS: atom_id res chain seq x y z
N GLY A 1 -9.10 11.54 -6.65
CA GLY A 1 -9.51 12.50 -7.67
C GLY A 1 -9.57 13.92 -7.14
N SER A 2 -10.30 14.11 -6.06
CA SER A 2 -10.44 15.44 -5.46
C SER A 2 -10.91 15.32 -4.01
N ASP A 3 -12.05 14.68 -3.81
CA ASP A 3 -12.61 14.51 -2.48
C ASP A 3 -13.01 13.06 -2.24
N SER A 4 -12.31 12.14 -2.91
CA SER A 4 -12.59 10.72 -2.77
C SER A 4 -11.65 10.07 -1.75
N PHE A 5 -11.15 10.88 -0.82
CA PHE A 5 -10.24 10.39 0.21
C PHE A 5 -10.99 10.15 1.52
N GLN A 6 -11.46 8.92 1.71
CA GLN A 6 -12.19 8.56 2.92
C GLN A 6 -11.25 8.45 4.11
N PRO A 7 -11.79 8.66 5.32
CA PRO A 7 -11.02 8.58 6.56
C PRO A 7 -10.59 7.16 6.89
N GLU A 8 -11.27 6.18 6.30
CA GLU A 8 -10.96 4.78 6.54
C GLU A 8 -10.49 4.10 5.25
N ALA A 9 -10.88 4.67 4.12
CA ALA A 9 -10.49 4.12 2.82
C ALA A 9 -9.83 5.19 1.95
N LYS A 10 -8.52 5.36 2.13
CA LYS A 10 -7.77 6.34 1.37
C LYS A 10 -6.64 5.67 0.59
N VAL A 11 -6.80 5.63 -0.74
CA VAL A 11 -5.79 5.01 -1.60
C VAL A 11 -4.66 5.99 -1.89
N ARG A 12 -3.50 5.73 -1.28
CA ARG A 12 -2.32 6.57 -1.47
C ARG A 12 -1.13 5.76 -1.94
N CYS A 13 -0.98 5.65 -3.26
CA CYS A 13 0.13 4.90 -3.84
C CYS A 13 1.13 5.84 -4.52
N ILE A 14 2.36 5.37 -4.66
CA ILE A 14 3.41 6.16 -5.30
C ILE A 14 3.03 6.54 -6.72
N CYS A 15 2.11 5.78 -7.31
CA CYS A 15 1.66 6.04 -8.67
C CYS A 15 0.57 7.10 -8.68
N SER A 16 0.16 7.55 -7.50
CA SER A 16 -0.87 8.56 -7.37
C SER A 16 -2.13 8.16 -8.13
N SER A 17 -2.44 6.86 -8.08
CA SER A 17 -3.62 6.34 -8.76
C SER A 17 -4.51 5.56 -7.80
N THR A 18 -5.71 6.05 -7.58
CA THR A 18 -6.66 5.40 -6.68
C THR A 18 -7.60 4.48 -7.45
N MET A 19 -7.10 3.90 -8.54
CA MET A 19 -7.89 2.99 -9.35
C MET A 19 -7.79 1.56 -8.84
N VAL A 20 -8.48 0.64 -9.51
CA VAL A 20 -8.47 -0.77 -9.11
C VAL A 20 -7.38 -1.53 -9.84
N ASN A 21 -6.18 -1.55 -9.26
CA ASN A 21 -5.06 -2.25 -9.87
C ASN A 21 -5.24 -3.76 -9.78
N ASP A 22 -4.19 -4.50 -10.09
CA ASP A 22 -4.25 -5.96 -10.05
C ASP A 22 -4.70 -6.45 -8.67
N SER A 23 -4.24 -5.78 -7.62
CA SER A 23 -4.60 -6.14 -6.26
C SER A 23 -4.28 -5.01 -5.29
N MET A 24 -5.28 -4.60 -4.52
CA MET A 24 -5.10 -3.52 -3.55
C MET A 24 -4.94 -4.09 -2.14
N ILE A 25 -4.37 -3.28 -1.25
CA ILE A 25 -4.16 -3.70 0.13
C ILE A 25 -4.19 -2.50 1.08
N GLN A 26 -4.87 -2.66 2.21
CA GLN A 26 -4.98 -1.61 3.19
C GLN A 26 -3.87 -1.71 4.24
N CYS A 27 -3.41 -0.57 4.71
CA CYS A 27 -2.34 -0.53 5.71
C CYS A 27 -2.76 -1.28 6.98
N GLU A 28 -1.78 -1.83 7.69
CA GLU A 28 -2.05 -2.56 8.91
C GLU A 28 -2.03 -1.64 10.13
N ASP A 29 -2.20 -0.33 9.87
CA ASP A 29 -2.21 0.66 10.94
C ASP A 29 -3.55 1.38 10.99
N GLN A 30 -4.29 1.16 12.07
CA GLN A 30 -5.59 1.78 12.25
C GLN A 30 -5.48 3.30 12.23
N ARG A 31 -4.29 3.80 12.57
CA ARG A 31 -4.04 5.23 12.59
C ARG A 31 -3.64 5.74 11.21
N CYS A 32 -3.69 4.86 10.22
CA CYS A 32 -3.34 5.22 8.85
C CYS A 32 -4.49 4.95 7.90
N GLN A 33 -4.92 3.69 7.83
CA GLN A 33 -6.02 3.30 6.95
C GLN A 33 -5.78 3.79 5.53
N VAL A 34 -4.62 3.44 4.98
CA VAL A 34 -4.25 3.84 3.63
C VAL A 34 -4.11 2.63 2.72
N TRP A 35 -4.84 2.63 1.61
CA TRP A 35 -4.80 1.53 0.66
C TRP A 35 -3.72 1.76 -0.39
N GLN A 36 -3.05 0.68 -0.81
CA GLN A 36 -2.00 0.78 -1.81
C GLN A 36 -2.02 -0.43 -2.74
N HIS A 37 -1.44 -0.27 -3.92
CA HIS A 37 -1.39 -1.35 -4.90
C HIS A 37 -0.34 -2.39 -4.52
N LEU A 38 -0.80 -3.59 -4.21
CA LEU A 38 0.10 -4.68 -3.84
C LEU A 38 1.21 -4.85 -4.86
N ASN A 39 0.85 -4.77 -6.14
CA ASN A 39 1.82 -4.92 -7.22
C ASN A 39 2.87 -3.81 -7.16
N CYS A 40 2.46 -2.65 -6.67
CA CYS A 40 3.37 -1.51 -6.55
C CYS A 40 4.30 -1.66 -5.36
N VAL A 41 3.77 -2.27 -4.29
CA VAL A 41 4.55 -2.49 -3.08
C VAL A 41 5.09 -3.91 -3.01
N LEU A 42 5.04 -4.61 -4.14
CA LEU A 42 5.52 -5.99 -4.21
C LEU A 42 6.90 -6.04 -4.84
N ILE A 43 7.83 -6.71 -4.17
CA ILE A 43 9.19 -6.83 -4.67
C ILE A 43 9.57 -8.31 -4.86
N PRO A 44 9.32 -8.83 -6.07
CA PRO A 44 9.61 -10.21 -6.42
C PRO A 44 11.12 -10.47 -6.51
N ASP A 45 11.54 -11.66 -6.08
CA ASP A 45 12.95 -12.03 -6.13
C ASP A 45 13.48 -11.97 -7.56
N LYS A 46 12.57 -12.03 -8.52
CA LYS A 46 12.95 -11.99 -9.93
C LYS A 46 11.87 -11.33 -10.77
N PRO A 47 12.24 -10.87 -11.97
CA PRO A 47 11.30 -10.22 -12.90
C PRO A 47 10.28 -11.19 -13.48
N GLY A 48 9.02 -10.97 -13.15
CA GLY A 48 7.96 -11.84 -13.65
C GLY A 48 7.79 -13.09 -12.80
N GLU A 49 8.39 -13.09 -11.62
CA GLU A 49 8.30 -14.23 -10.71
C GLU A 49 7.24 -14.00 -9.65
N SER A 50 7.18 -14.91 -8.68
CA SER A 50 6.20 -14.81 -7.60
C SER A 50 6.62 -13.73 -6.60
N ALA A 51 5.91 -12.61 -6.63
CA ALA A 51 6.20 -11.50 -5.72
C ALA A 51 6.04 -11.93 -4.27
N GLU A 52 6.64 -11.16 -3.36
CA GLU A 52 6.56 -11.46 -1.94
C GLU A 52 5.43 -10.65 -1.27
N VAL A 53 4.32 -11.31 -1.03
CA VAL A 53 3.17 -10.67 -0.39
C VAL A 53 3.06 -11.05 1.08
N PRO A 54 3.63 -10.20 1.95
CA PRO A 54 3.62 -10.43 3.39
C PRO A 54 2.22 -10.27 3.99
N PRO A 55 2.03 -10.78 5.22
CA PRO A 55 0.76 -10.69 5.93
C PRO A 55 0.41 -9.27 6.36
N VAL A 56 1.40 -8.58 6.91
CA VAL A 56 1.21 -7.21 7.37
C VAL A 56 1.88 -6.21 6.42
N PHE A 57 1.10 -5.24 5.94
CA PHE A 57 1.61 -4.23 5.02
C PHE A 57 1.55 -2.84 5.66
N TYR A 58 2.67 -2.15 5.66
CA TYR A 58 2.75 -0.81 6.23
C TYR A 58 3.21 0.20 5.19
N CYS A 59 2.39 1.21 4.95
CA CYS A 59 2.71 2.25 3.98
C CYS A 59 4.05 2.91 4.32
N GLU A 60 4.43 3.90 3.51
CA GLU A 60 5.69 4.61 3.73
C GLU A 60 5.71 5.26 5.10
N LEU A 61 4.63 5.95 5.45
CA LEU A 61 4.53 6.62 6.74
C LEU A 61 4.86 5.67 7.88
N CYS A 62 4.10 4.58 7.97
CA CYS A 62 4.32 3.59 9.02
C CYS A 62 5.70 2.94 8.88
N ARG A 63 6.10 2.67 7.64
CA ARG A 63 7.39 2.05 7.37
C ARG A 63 8.52 2.85 8.01
N LEU A 64 8.52 4.15 7.76
CA LEU A 64 9.56 5.03 8.31
C LEU A 64 9.42 5.14 9.82
N SER A 65 8.19 5.32 10.29
CA SER A 65 7.94 5.44 11.73
C SER A 65 8.33 4.16 12.46
N ARG A 66 8.36 3.05 11.73
CA ARG A 66 8.72 1.77 12.32
C ARG A 66 10.21 1.49 12.11
N ALA A 67 10.79 2.07 11.07
CA ALA A 67 12.20 1.88 10.77
C ALA A 67 12.53 0.40 10.57
N ASP A 68 11.56 -0.34 10.06
CA ASP A 68 11.75 -1.78 9.81
C ASP A 68 12.66 -2.00 8.60
N GLY A 1 -15.69 10.37 -9.02
CA GLY A 1 -15.11 10.32 -7.70
C GLY A 1 -15.58 11.45 -6.81
N SER A 2 -14.74 12.45 -6.61
CA SER A 2 -15.08 13.59 -5.77
C SER A 2 -15.08 13.20 -4.30
N ASP A 3 -16.06 12.38 -3.91
CA ASP A 3 -16.16 11.93 -2.53
C ASP A 3 -15.52 10.56 -2.36
N SER A 4 -14.48 10.29 -3.13
CA SER A 4 -13.77 9.02 -3.07
C SER A 4 -12.86 8.96 -1.84
N PHE A 5 -12.42 10.13 -1.38
CA PHE A 5 -11.54 10.21 -0.22
C PHE A 5 -12.29 9.84 1.05
N GLN A 6 -12.22 8.56 1.42
CA GLN A 6 -12.89 8.07 2.62
C GLN A 6 -12.00 8.23 3.84
N PRO A 7 -12.63 8.35 5.02
CA PRO A 7 -11.91 8.52 6.29
C PRO A 7 -11.17 7.25 6.70
N GLU A 8 -11.64 6.11 6.21
CA GLU A 8 -11.01 4.83 6.53
C GLU A 8 -10.44 4.17 5.27
N ALA A 9 -10.92 4.62 4.11
CA ALA A 9 -10.46 4.07 2.84
C ALA A 9 -9.78 5.15 1.99
N LYS A 10 -8.48 5.34 2.22
CA LYS A 10 -7.73 6.34 1.49
C LYS A 10 -6.60 5.69 0.68
N VAL A 11 -6.75 5.67 -0.64
CA VAL A 11 -5.74 5.08 -1.51
C VAL A 11 -4.59 6.04 -1.76
N ARG A 12 -3.45 5.75 -1.17
CA ARG A 12 -2.27 6.58 -1.33
C ARG A 12 -1.06 5.76 -1.78
N CYS A 13 -0.88 5.67 -3.09
CA CYS A 13 0.24 4.90 -3.65
C CYS A 13 1.27 5.83 -4.29
N ILE A 14 2.50 5.35 -4.42
CA ILE A 14 3.57 6.13 -5.01
C ILE A 14 3.22 6.54 -6.44
N CYS A 15 2.31 5.79 -7.06
CA CYS A 15 1.89 6.08 -8.42
C CYS A 15 0.81 7.15 -8.45
N SER A 16 0.39 7.59 -7.27
CA SER A 16 -0.64 8.62 -7.16
C SER A 16 -1.88 8.23 -7.95
N SER A 17 -2.21 6.94 -7.94
CA SER A 17 -3.38 6.44 -8.66
C SER A 17 -4.31 5.67 -7.74
N THR A 18 -5.51 6.19 -7.54
CA THR A 18 -6.49 5.55 -6.68
C THR A 18 -7.43 4.66 -7.48
N MET A 19 -6.91 4.09 -8.57
CA MET A 19 -7.71 3.21 -9.42
C MET A 19 -7.66 1.77 -8.90
N VAL A 20 -8.34 0.87 -9.61
CA VAL A 20 -8.38 -0.54 -9.23
C VAL A 20 -7.26 -1.33 -9.90
N ASN A 21 -6.09 -1.34 -9.26
CA ASN A 21 -4.94 -2.06 -9.80
C ASN A 21 -5.17 -3.57 -9.76
N ASP A 22 -4.11 -4.33 -10.01
CA ASP A 22 -4.19 -5.78 -9.99
C ASP A 22 -4.66 -6.29 -8.63
N SER A 23 -4.20 -5.63 -7.57
CA SER A 23 -4.56 -6.01 -6.21
C SER A 23 -4.24 -4.90 -5.22
N MET A 24 -5.24 -4.49 -4.47
CA MET A 24 -5.07 -3.42 -3.48
C MET A 24 -4.92 -4.00 -2.08
N ILE A 25 -4.35 -3.22 -1.17
CA ILE A 25 -4.15 -3.66 0.21
C ILE A 25 -4.19 -2.48 1.18
N GLN A 26 -4.91 -2.64 2.27
CA GLN A 26 -5.03 -1.58 3.28
C GLN A 26 -3.89 -1.68 4.29
N CYS A 27 -3.42 -0.52 4.74
CA CYS A 27 -2.34 -0.47 5.72
C CYS A 27 -2.72 -1.20 7.01
N GLU A 28 -1.73 -1.75 7.69
CA GLU A 28 -1.97 -2.47 8.94
C GLU A 28 -1.88 -1.54 10.14
N ASP A 29 -2.05 -0.24 9.89
CA ASP A 29 -1.98 0.76 10.95
C ASP A 29 -3.33 1.45 11.11
N GLN A 30 -3.99 1.19 12.24
CA GLN A 30 -5.29 1.80 12.50
C GLN A 30 -5.19 3.32 12.51
N ARG A 31 -3.99 3.82 12.74
CA ARG A 31 -3.77 5.27 12.76
C ARG A 31 -3.37 5.79 11.39
N CYS A 32 -3.56 4.95 10.38
CA CYS A 32 -3.24 5.33 9.00
C CYS A 32 -4.40 5.02 8.06
N GLN A 33 -4.77 3.76 7.98
CA GLN A 33 -5.86 3.34 7.11
C GLN A 33 -5.66 3.84 5.69
N VAL A 34 -4.55 3.42 5.07
CA VAL A 34 -4.25 3.83 3.71
C VAL A 34 -4.08 2.62 2.79
N TRP A 35 -4.83 2.62 1.70
CA TRP A 35 -4.77 1.52 0.74
C TRP A 35 -3.69 1.76 -0.31
N GLN A 36 -3.00 0.69 -0.69
CA GLN A 36 -1.93 0.79 -1.68
C GLN A 36 -1.96 -0.39 -2.63
N HIS A 37 -1.34 -0.23 -3.80
CA HIS A 37 -1.30 -1.29 -4.80
C HIS A 37 -0.27 -2.35 -4.42
N LEU A 38 -0.74 -3.56 -4.12
CA LEU A 38 0.14 -4.65 -3.75
C LEU A 38 1.26 -4.83 -4.77
N ASN A 39 0.90 -4.73 -6.04
CA ASN A 39 1.87 -4.89 -7.12
C ASN A 39 2.94 -3.80 -7.05
N CYS A 40 2.55 -2.63 -6.54
CA CYS A 40 3.48 -1.50 -6.42
C CYS A 40 4.39 -1.69 -5.21
N VAL A 41 3.85 -2.29 -4.15
CA VAL A 41 4.62 -2.53 -2.93
C VAL A 41 5.14 -3.96 -2.88
N LEU A 42 5.07 -4.65 -4.01
CA LEU A 42 5.54 -6.03 -4.08
C LEU A 42 6.93 -6.11 -4.69
N ILE A 43 7.84 -6.80 -4.02
CA ILE A 43 9.20 -6.95 -4.49
C ILE A 43 9.56 -8.42 -4.71
N PRO A 44 9.32 -8.91 -5.92
CA PRO A 44 9.60 -10.31 -6.28
C PRO A 44 11.10 -10.60 -6.36
N ASP A 45 11.49 -11.80 -5.93
CA ASP A 45 12.89 -12.19 -5.95
C ASP A 45 13.46 -12.11 -7.37
N LYS A 46 12.58 -12.15 -8.35
CA LYS A 46 12.98 -12.07 -9.75
C LYS A 46 11.93 -11.38 -10.61
N PRO A 47 12.34 -10.91 -11.79
CA PRO A 47 11.44 -10.21 -12.72
C PRO A 47 10.42 -11.15 -13.33
N GLY A 48 9.14 -10.91 -13.03
CA GLY A 48 8.07 -11.74 -13.58
C GLY A 48 7.87 -13.01 -12.76
N GLU A 49 8.43 -13.04 -11.57
CA GLU A 49 8.31 -14.21 -10.69
C GLU A 49 7.23 -13.97 -9.63
N SER A 50 7.13 -14.91 -8.69
CA SER A 50 6.14 -14.81 -7.63
C SER A 50 6.55 -13.76 -6.60
N ALA A 51 5.86 -12.62 -6.61
CA ALA A 51 6.15 -11.54 -5.68
C ALA A 51 5.95 -11.99 -4.24
N GLU A 52 6.54 -11.25 -3.30
CA GLU A 52 6.44 -11.57 -1.88
C GLU A 52 5.34 -10.75 -1.23
N VAL A 53 4.19 -11.38 -0.99
CA VAL A 53 3.06 -10.71 -0.36
C VAL A 53 2.93 -11.10 1.11
N PRO A 54 3.52 -10.28 1.99
CA PRO A 54 3.48 -10.52 3.43
C PRO A 54 2.09 -10.32 4.03
N PRO A 55 1.87 -10.84 5.24
CA PRO A 55 0.59 -10.73 5.94
C PRO A 55 0.30 -9.31 6.39
N VAL A 56 1.30 -8.65 6.94
CA VAL A 56 1.16 -7.27 7.42
C VAL A 56 1.84 -6.29 6.48
N PHE A 57 1.09 -5.31 6.00
CA PHE A 57 1.62 -4.30 5.10
C PHE A 57 1.57 -2.92 5.73
N TYR A 58 2.62 -2.13 5.51
CA TYR A 58 2.70 -0.78 6.06
C TYR A 58 3.15 0.22 4.99
N CYS A 59 2.35 1.26 4.80
CA CYS A 59 2.66 2.29 3.81
C CYS A 59 4.02 2.92 4.09
N GLU A 60 4.38 3.93 3.30
CA GLU A 60 5.65 4.62 3.48
C GLU A 60 5.74 5.28 4.84
N LEU A 61 4.68 5.98 5.23
CA LEU A 61 4.64 6.66 6.52
C LEU A 61 4.98 5.69 7.65
N CYS A 62 4.19 4.64 7.78
CA CYS A 62 4.40 3.64 8.82
C CYS A 62 5.73 2.92 8.62
N ARG A 63 6.09 2.69 7.36
CA ARG A 63 7.34 2.01 7.03
C ARG A 63 8.53 2.72 7.68
N LEU A 64 8.68 4.00 7.38
CA LEU A 64 9.77 4.80 7.93
C LEU A 64 9.59 5.01 9.43
N SER A 65 8.34 5.18 9.85
CA SER A 65 8.02 5.39 11.26
C SER A 65 8.40 4.16 12.09
N ARG A 66 8.40 3.00 11.45
CA ARG A 66 8.73 1.76 12.13
C ARG A 66 10.17 1.36 11.86
N ALA A 67 10.72 1.86 10.76
CA ALA A 67 12.10 1.56 10.38
C ALA A 67 12.27 0.07 10.09
N ASP A 68 11.25 -0.53 9.49
CA ASP A 68 11.30 -1.95 9.15
C ASP A 68 11.52 -2.80 10.40
N GLY A 1 -8.94 17.18 -5.99
CA GLY A 1 -10.10 17.12 -6.87
C GLY A 1 -10.60 15.70 -7.08
N SER A 2 -11.23 15.15 -6.05
CA SER A 2 -11.76 13.79 -6.11
C SER A 2 -12.83 13.58 -5.06
N ASP A 3 -13.80 12.72 -5.38
CA ASP A 3 -14.88 12.42 -4.44
C ASP A 3 -14.80 10.96 -3.97
N SER A 4 -13.59 10.43 -3.94
CA SER A 4 -13.38 9.05 -3.51
C SER A 4 -12.42 9.01 -2.32
N PHE A 5 -12.37 10.10 -1.56
CA PHE A 5 -11.50 10.18 -0.40
C PHE A 5 -12.25 9.81 0.87
N GLN A 6 -12.20 8.53 1.24
CA GLN A 6 -12.88 8.04 2.43
C GLN A 6 -12.02 8.25 3.67
N PRO A 7 -12.69 8.38 4.84
CA PRO A 7 -11.99 8.58 6.12
C PRO A 7 -11.22 7.34 6.57
N GLU A 8 -11.65 6.19 6.10
CA GLU A 8 -11.01 4.92 6.45
C GLU A 8 -10.41 4.25 5.22
N ALA A 9 -10.88 4.66 4.04
CA ALA A 9 -10.40 4.10 2.79
C ALA A 9 -9.70 5.16 1.94
N LYS A 10 -8.42 5.37 2.20
CA LYS A 10 -7.64 6.36 1.45
C LYS A 10 -6.52 5.69 0.67
N VAL A 11 -6.67 5.63 -0.64
CA VAL A 11 -5.67 5.02 -1.51
C VAL A 11 -4.54 6.00 -1.81
N ARG A 12 -3.38 5.76 -1.20
CA ARG A 12 -2.22 6.61 -1.40
C ARG A 12 -1.02 5.80 -1.88
N CYS A 13 -0.87 5.69 -3.19
CA CYS A 13 0.23 4.93 -3.77
C CYS A 13 1.24 5.87 -4.44
N ILE A 14 2.47 5.40 -4.59
CA ILE A 14 3.52 6.19 -5.22
C ILE A 14 3.13 6.59 -6.64
N CYS A 15 2.22 5.83 -7.24
CA CYS A 15 1.75 6.12 -8.60
C CYS A 15 0.67 7.19 -8.58
N SER A 16 0.27 7.61 -7.40
CA SER A 16 -0.75 8.64 -7.25
C SER A 16 -2.03 8.25 -8.01
N SER A 17 -2.34 6.95 -7.98
CA SER A 17 -3.53 6.44 -8.66
C SER A 17 -4.39 5.62 -7.71
N THR A 18 -5.60 6.10 -7.45
CA THR A 18 -6.53 5.42 -6.56
C THR A 18 -7.47 4.51 -7.34
N MET A 19 -6.97 3.97 -8.46
CA MET A 19 -7.78 3.07 -9.29
C MET A 19 -7.74 1.65 -8.75
N VAL A 20 -8.44 0.74 -9.43
CA VAL A 20 -8.48 -0.66 -9.02
C VAL A 20 -7.42 -1.48 -9.74
N ASN A 21 -6.18 -1.35 -9.27
CA ASN A 21 -5.07 -2.10 -9.85
C ASN A 21 -5.31 -3.60 -9.77
N ASP A 22 -4.27 -4.37 -10.09
CA ASP A 22 -4.37 -5.83 -10.06
C ASP A 22 -4.81 -6.30 -8.68
N SER A 23 -4.32 -5.65 -7.64
CA SER A 23 -4.66 -6.01 -6.27
C SER A 23 -4.27 -4.90 -5.30
N MET A 24 -5.23 -4.46 -4.49
CA MET A 24 -4.99 -3.41 -3.51
C MET A 24 -4.86 -3.98 -2.11
N ILE A 25 -4.29 -3.20 -1.20
CA ILE A 25 -4.12 -3.63 0.18
C ILE A 25 -4.14 -2.45 1.14
N GLN A 26 -4.85 -2.61 2.25
CA GLN A 26 -4.96 -1.54 3.24
C GLN A 26 -3.85 -1.66 4.29
N CYS A 27 -3.36 -0.51 4.74
CA CYS A 27 -2.29 -0.48 5.73
C CYS A 27 -2.71 -1.21 7.01
N GLU A 28 -1.73 -1.78 7.70
CA GLU A 28 -2.00 -2.51 8.94
C GLU A 28 -1.93 -1.58 10.15
N ASP A 29 -2.06 -0.28 9.90
CA ASP A 29 -2.00 0.71 10.96
C ASP A 29 -3.36 1.42 11.10
N GLN A 30 -4.04 1.16 12.21
CA GLN A 30 -5.34 1.77 12.46
C GLN A 30 -5.23 3.29 12.48
N ARG A 31 -4.03 3.79 12.75
CA ARG A 31 -3.79 5.23 12.80
C ARG A 31 -3.38 5.76 11.42
N CYS A 32 -3.54 4.92 10.41
CA CYS A 32 -3.17 5.30 9.04
C CYS A 32 -4.34 5.03 8.08
N GLN A 33 -4.72 3.76 7.97
CA GLN A 33 -5.81 3.37 7.09
C GLN A 33 -5.58 3.89 5.68
N VAL A 34 -4.49 3.43 5.05
CA VAL A 34 -4.16 3.85 3.69
C VAL A 34 -4.01 2.65 2.77
N TRP A 35 -4.76 2.64 1.68
CA TRP A 35 -4.70 1.55 0.71
C TRP A 35 -3.62 1.80 -0.32
N GLN A 36 -2.98 0.71 -0.77
CA GLN A 36 -1.91 0.82 -1.77
C GLN A 36 -1.92 -0.39 -2.69
N HIS A 37 -1.40 -0.20 -3.90
CA HIS A 37 -1.35 -1.27 -4.89
C HIS A 37 -0.32 -2.33 -4.49
N LEU A 38 -0.79 -3.53 -4.19
CA LEU A 38 0.10 -4.62 -3.80
C LEU A 38 1.22 -4.80 -4.81
N ASN A 39 0.87 -4.71 -6.08
CA ASN A 39 1.85 -4.87 -7.16
C ASN A 39 2.91 -3.77 -7.09
N CYS A 40 2.51 -2.60 -6.61
CA CYS A 40 3.43 -1.47 -6.49
C CYS A 40 4.33 -1.63 -5.28
N VAL A 41 3.80 -2.24 -4.22
CA VAL A 41 4.56 -2.45 -3.00
C VAL A 41 5.09 -3.89 -2.93
N LEU A 42 5.03 -4.58 -4.06
CA LEU A 42 5.52 -5.96 -4.12
C LEU A 42 6.91 -6.03 -4.74
N ILE A 43 7.80 -6.76 -4.10
CA ILE A 43 9.17 -6.90 -4.58
C ILE A 43 9.53 -8.38 -4.78
N PRO A 44 9.28 -8.90 -5.98
CA PRO A 44 9.57 -10.29 -6.33
C PRO A 44 11.07 -10.56 -6.41
N ASP A 45 11.46 -11.78 -6.05
CA ASP A 45 12.87 -12.17 -6.09
C ASP A 45 13.39 -12.19 -7.52
N LYS A 46 12.47 -12.16 -8.48
CA LYS A 46 12.83 -12.18 -9.89
C LYS A 46 11.62 -11.85 -10.77
N PRO A 47 11.89 -11.32 -11.97
CA PRO A 47 10.85 -10.95 -12.93
C PRO A 47 10.14 -12.16 -13.51
N GLY A 48 8.84 -12.27 -13.24
CA GLY A 48 8.07 -13.40 -13.74
C GLY A 48 7.58 -14.30 -12.64
N GLU A 49 8.26 -14.28 -11.51
CA GLU A 49 7.88 -15.12 -10.37
C GLU A 49 6.81 -14.43 -9.53
N SER A 50 6.38 -15.11 -8.46
CA SER A 50 5.35 -14.56 -7.59
C SER A 50 5.96 -13.65 -6.53
N ALA A 51 5.61 -12.37 -6.60
CA ALA A 51 6.12 -11.38 -5.65
C ALA A 51 5.89 -11.83 -4.21
N GLU A 52 6.57 -11.18 -3.28
CA GLU A 52 6.45 -11.51 -1.86
C GLU A 52 5.35 -10.70 -1.20
N VAL A 53 4.20 -11.33 -0.99
CA VAL A 53 3.06 -10.67 -0.37
C VAL A 53 2.90 -11.10 1.10
N PRO A 54 3.49 -10.30 2.00
CA PRO A 54 3.43 -10.58 3.44
C PRO A 54 2.03 -10.37 4.02
N PRO A 55 1.81 -10.89 5.23
CA PRO A 55 0.52 -10.77 5.91
C PRO A 55 0.22 -9.34 6.37
N VAL A 56 1.24 -8.69 6.94
CA VAL A 56 1.08 -7.32 7.41
C VAL A 56 1.81 -6.35 6.49
N PHE A 57 1.09 -5.35 6.02
CA PHE A 57 1.66 -4.33 5.12
C PHE A 57 1.61 -2.96 5.76
N TYR A 58 2.66 -2.17 5.55
CA TYR A 58 2.74 -0.82 6.11
C TYR A 58 3.19 0.18 5.05
N CYS A 59 2.41 1.23 4.85
CA CYS A 59 2.73 2.27 3.87
C CYS A 59 4.10 2.88 4.17
N GLU A 60 4.46 3.89 3.39
CA GLU A 60 5.75 4.57 3.57
C GLU A 60 5.83 5.21 4.95
N LEU A 61 4.76 5.93 5.33
CA LEU A 61 4.71 6.60 6.62
C LEU A 61 5.04 5.63 7.75
N CYS A 62 4.24 4.57 7.87
CA CYS A 62 4.44 3.58 8.90
C CYS A 62 5.78 2.87 8.72
N ARG A 63 6.15 2.61 7.47
CA ARG A 63 7.40 1.93 7.16
C ARG A 63 8.57 2.65 7.82
N LEU A 64 8.69 3.95 7.55
CA LEU A 64 9.78 4.75 8.11
C LEU A 64 9.64 4.86 9.63
N SER A 65 8.41 5.10 10.08
CA SER A 65 8.14 5.23 11.51
C SER A 65 8.49 3.94 12.26
N ARG A 66 8.47 2.83 11.54
CA ARG A 66 8.77 1.53 12.12
C ARG A 66 10.26 1.19 11.94
N ALA A 67 10.86 1.73 10.88
CA ALA A 67 12.26 1.48 10.60
C ALA A 67 13.14 1.92 11.76
N ASP A 68 12.63 2.83 12.58
CA ASP A 68 13.37 3.33 13.74
C ASP A 68 12.82 2.73 15.03
N GLY A 1 -12.68 14.07 3.36
CA GLY A 1 -13.88 13.28 3.56
C GLY A 1 -15.07 13.83 2.79
N SER A 2 -14.93 13.91 1.48
CA SER A 2 -15.99 14.42 0.62
C SER A 2 -15.64 14.25 -0.85
N ASP A 3 -14.39 14.55 -1.19
CA ASP A 3 -13.93 14.42 -2.57
C ASP A 3 -13.78 12.96 -2.96
N SER A 4 -13.01 12.21 -2.16
CA SER A 4 -12.78 10.80 -2.44
C SER A 4 -11.92 10.17 -1.34
N PHE A 5 -10.96 10.95 -0.84
CA PHE A 5 -10.07 10.48 0.21
C PHE A 5 -10.82 10.24 1.51
N GLN A 6 -11.29 9.02 1.71
CA GLN A 6 -12.03 8.66 2.91
C GLN A 6 -11.10 8.53 4.11
N PRO A 7 -11.66 8.75 5.32
CA PRO A 7 -10.89 8.66 6.56
C PRO A 7 -10.49 7.23 6.89
N GLU A 8 -11.19 6.26 6.31
CA GLU A 8 -10.90 4.85 6.54
C GLU A 8 -10.46 4.16 5.25
N ALA A 9 -10.84 4.75 4.12
CA ALA A 9 -10.48 4.19 2.83
C ALA A 9 -9.80 5.23 1.95
N LYS A 10 -8.51 5.44 2.18
CA LYS A 10 -7.73 6.40 1.41
C LYS A 10 -6.63 5.72 0.61
N VAL A 11 -6.80 5.66 -0.71
CA VAL A 11 -5.82 5.03 -1.58
C VAL A 11 -4.68 5.99 -1.90
N ARG A 12 -3.52 5.74 -1.31
CA ARG A 12 -2.35 6.57 -1.53
C ARG A 12 -1.16 5.74 -1.98
N CYS A 13 -1.01 5.59 -3.29
CA CYS A 13 0.10 4.82 -3.86
C CYS A 13 1.11 5.74 -4.53
N ILE A 14 2.34 5.23 -4.68
CA ILE A 14 3.41 6.01 -5.30
C ILE A 14 3.04 6.41 -6.72
N CYS A 15 2.11 5.66 -7.32
CA CYS A 15 1.67 5.93 -8.68
C CYS A 15 0.58 7.01 -8.70
N SER A 16 0.19 7.46 -7.51
CA SER A 16 -0.83 8.50 -7.38
C SER A 16 -2.09 8.09 -8.13
N SER A 17 -2.42 6.82 -8.09
CA SER A 17 -3.61 6.29 -8.77
C SER A 17 -4.49 5.51 -7.81
N THR A 18 -5.70 6.02 -7.58
CA THR A 18 -6.64 5.36 -6.68
C THR A 18 -7.59 4.46 -7.45
N MET A 19 -7.10 3.88 -8.54
CA MET A 19 -7.91 2.99 -9.37
C MET A 19 -7.86 1.56 -8.83
N VAL A 20 -8.58 0.67 -9.49
CA VAL A 20 -8.62 -0.74 -9.08
C VAL A 20 -7.54 -1.55 -9.78
N ASN A 21 -6.31 -1.42 -9.30
CA ASN A 21 -5.18 -2.15 -9.88
C ASN A 21 -5.40 -3.65 -9.79
N ASP A 22 -4.36 -4.42 -10.10
CA ASP A 22 -4.44 -5.87 -10.05
C ASP A 22 -4.90 -6.34 -8.68
N SER A 23 -4.41 -5.69 -7.63
CA SER A 23 -4.77 -6.05 -6.27
C SER A 23 -4.39 -4.93 -5.30
N MET A 24 -5.37 -4.49 -4.51
CA MET A 24 -5.14 -3.42 -3.53
C MET A 24 -5.03 -4.00 -2.13
N ILE A 25 -4.44 -3.23 -1.23
CA ILE A 25 -4.28 -3.66 0.16
C ILE A 25 -4.28 -2.46 1.11
N GLN A 26 -4.95 -2.63 2.24
CA GLN A 26 -5.03 -1.56 3.24
C GLN A 26 -3.90 -1.68 4.26
N CYS A 27 -3.41 -0.54 4.74
CA CYS A 27 -2.34 -0.51 5.72
C CYS A 27 -2.72 -1.29 6.97
N GLU A 28 -1.72 -1.82 7.67
CA GLU A 28 -1.96 -2.58 8.89
C GLU A 28 -1.98 -1.66 10.11
N ASP A 29 -2.12 -0.36 9.86
CA ASP A 29 -2.17 0.62 10.94
C ASP A 29 -3.51 1.33 10.99
N GLN A 30 -4.23 1.16 12.09
CA GLN A 30 -5.54 1.79 12.26
C GLN A 30 -5.42 3.30 12.26
N ARG A 31 -4.22 3.80 12.57
CA ARG A 31 -3.97 5.24 12.60
C ARG A 31 -3.58 5.75 11.23
N CYS A 32 -3.69 4.89 10.22
CA CYS A 32 -3.35 5.26 8.85
C CYS A 32 -4.51 4.98 7.91
N GLN A 33 -4.93 3.72 7.85
CA GLN A 33 -6.03 3.33 6.98
C GLN A 33 -5.80 3.81 5.56
N VAL A 34 -4.63 3.49 5.02
CA VAL A 34 -4.28 3.88 3.66
C VAL A 34 -4.14 2.66 2.75
N TRP A 35 -4.87 2.65 1.64
CA TRP A 35 -4.82 1.55 0.69
C TRP A 35 -3.73 1.78 -0.36
N GLN A 36 -3.11 0.70 -0.80
CA GLN A 36 -2.05 0.77 -1.80
C GLN A 36 -2.08 -0.44 -2.73
N HIS A 37 -1.49 -0.29 -3.91
CA HIS A 37 -1.45 -1.37 -4.88
C HIS A 37 -0.42 -2.43 -4.47
N LEU A 38 -0.90 -3.63 -4.17
CA LEU A 38 -0.02 -4.72 -3.76
C LEU A 38 1.11 -4.91 -4.77
N ASN A 39 0.77 -4.84 -6.06
CA ASN A 39 1.76 -5.00 -7.12
C ASN A 39 2.82 -3.90 -7.05
N CYS A 40 2.42 -2.73 -6.56
CA CYS A 40 3.33 -1.60 -6.44
C CYS A 40 4.24 -1.76 -5.22
N VAL A 41 3.68 -2.34 -4.16
CA VAL A 41 4.44 -2.55 -2.92
C VAL A 41 5.00 -3.96 -2.86
N LEU A 42 4.93 -4.67 -3.98
CA LEU A 42 5.43 -6.04 -4.04
C LEU A 42 6.83 -6.08 -4.62
N ILE A 43 7.79 -6.49 -3.80
CA ILE A 43 9.18 -6.58 -4.23
C ILE A 43 9.70 -8.01 -4.12
N PRO A 44 9.95 -8.64 -5.28
CA PRO A 44 10.45 -10.01 -5.35
C PRO A 44 11.90 -10.12 -4.87
N ASP A 45 12.20 -11.22 -4.20
CA ASP A 45 13.56 -11.45 -3.70
C ASP A 45 14.59 -11.27 -4.80
N LYS A 46 14.19 -11.56 -6.04
CA LYS A 46 15.07 -11.43 -7.19
C LYS A 46 14.35 -10.79 -8.37
N PRO A 47 15.12 -10.27 -9.33
CA PRO A 47 14.58 -9.62 -10.52
C PRO A 47 13.92 -10.62 -11.47
N GLY A 48 12.61 -10.48 -11.66
CA GLY A 48 11.89 -11.37 -12.53
C GLY A 48 11.25 -12.53 -11.79
N GLU A 49 11.69 -12.76 -10.56
CA GLU A 49 11.16 -13.84 -9.74
C GLU A 49 9.75 -13.52 -9.26
N SER A 50 9.22 -14.37 -8.38
CA SER A 50 7.87 -14.18 -7.85
C SER A 50 7.88 -13.20 -6.68
N ALA A 51 7.10 -12.13 -6.81
CA ALA A 51 7.01 -11.12 -5.76
C ALA A 51 6.74 -11.75 -4.40
N GLU A 52 6.94 -10.98 -3.34
CA GLU A 52 6.72 -11.47 -1.98
C GLU A 52 5.59 -10.69 -1.30
N VAL A 53 4.49 -11.38 -1.02
CA VAL A 53 3.34 -10.76 -0.38
C VAL A 53 3.29 -11.11 1.10
N PRO A 54 3.79 -10.19 1.95
CA PRO A 54 3.81 -10.37 3.40
C PRO A 54 2.42 -10.32 4.01
N PRO A 55 2.31 -10.81 5.27
CA PRO A 55 1.03 -10.83 5.98
C PRO A 55 0.56 -9.43 6.38
N VAL A 56 1.48 -8.62 6.88
CA VAL A 56 1.17 -7.26 7.29
C VAL A 56 1.83 -6.24 6.38
N PHE A 57 1.04 -5.29 5.88
CA PHE A 57 1.54 -4.26 4.99
C PHE A 57 1.53 -2.89 5.67
N TYR A 58 2.59 -2.13 5.47
CA TYR A 58 2.70 -0.80 6.07
C TYR A 58 3.16 0.23 5.05
N CYS A 59 2.35 1.26 4.84
CA CYS A 59 2.68 2.32 3.88
C CYS A 59 4.02 2.95 4.23
N GLU A 60 4.39 3.98 3.46
CA GLU A 60 5.65 4.68 3.68
C GLU A 60 5.69 5.29 5.08
N LEU A 61 4.62 5.97 5.46
CA LEU A 61 4.54 6.61 6.76
C LEU A 61 4.86 5.61 7.88
N CYS A 62 4.08 4.54 7.95
CA CYS A 62 4.29 3.51 8.96
C CYS A 62 5.62 2.80 8.75
N ARG A 63 6.09 2.78 7.50
CA ARG A 63 7.35 2.13 7.16
C ARG A 63 8.53 2.86 7.79
N LEU A 64 8.57 4.17 7.60
CA LEU A 64 9.65 4.99 8.15
C LEU A 64 9.46 5.18 9.66
N SER A 65 8.21 5.20 10.10
CA SER A 65 7.91 5.38 11.52
C SER A 65 8.23 4.11 12.31
N ARG A 66 8.08 2.96 11.66
CA ARG A 66 8.35 1.67 12.30
C ARG A 66 9.78 1.22 12.02
N ALA A 67 10.36 1.73 10.95
CA ALA A 67 11.73 1.38 10.57
C ALA A 67 11.86 -0.11 10.31
N ASP A 68 10.79 -0.71 9.81
CA ASP A 68 10.79 -2.15 9.51
C ASP A 68 10.26 -2.41 8.11
N GLY A 1 -8.43 17.04 -5.56
CA GLY A 1 -9.63 16.25 -5.76
C GLY A 1 -9.87 15.27 -4.64
N SER A 2 -10.19 15.81 -3.46
CA SER A 2 -10.44 14.98 -2.29
C SER A 2 -11.94 14.72 -2.12
N ASP A 3 -12.57 14.24 -3.18
CA ASP A 3 -14.00 13.95 -3.17
C ASP A 3 -14.25 12.47 -2.88
N SER A 4 -13.28 11.64 -3.26
CA SER A 4 -13.40 10.19 -3.05
C SER A 4 -12.40 9.72 -2.01
N PHE A 5 -11.99 10.62 -1.12
CA PHE A 5 -11.04 10.29 -0.07
C PHE A 5 -11.75 9.98 1.24
N GLN A 6 -12.04 8.71 1.46
CA GLN A 6 -12.74 8.28 2.67
C GLN A 6 -11.82 8.38 3.88
N PRO A 7 -12.41 8.55 5.07
CA PRO A 7 -11.66 8.66 6.33
C PRO A 7 -11.01 7.35 6.74
N GLU A 8 -11.56 6.24 6.23
CA GLU A 8 -11.02 4.92 6.54
C GLU A 8 -10.51 4.23 5.28
N ALA A 9 -10.96 4.70 4.13
CA ALA A 9 -10.53 4.13 2.85
C ALA A 9 -9.85 5.18 1.99
N LYS A 10 -8.55 5.36 2.21
CA LYS A 10 -7.78 6.34 1.44
C LYS A 10 -6.68 5.65 0.64
N VAL A 11 -6.85 5.62 -0.68
CA VAL A 11 -5.87 4.99 -1.56
C VAL A 11 -4.71 5.93 -1.84
N ARG A 12 -3.57 5.65 -1.21
CA ARG A 12 -2.38 6.47 -1.38
C ARG A 12 -1.19 5.63 -1.83
N CYS A 13 -1.01 5.52 -3.15
CA CYS A 13 0.09 4.73 -3.70
C CYS A 13 1.16 5.65 -4.30
N ILE A 14 2.37 5.12 -4.42
CA ILE A 14 3.49 5.87 -4.97
C ILE A 14 3.18 6.34 -6.40
N CYS A 15 2.25 5.65 -7.05
CA CYS A 15 1.86 5.99 -8.41
C CYS A 15 0.80 7.08 -8.42
N SER A 16 0.37 7.49 -7.23
CA SER A 16 -0.64 8.54 -7.11
C SER A 16 -1.90 8.18 -7.89
N SER A 17 -2.24 6.89 -7.90
CA SER A 17 -3.40 6.42 -8.63
C SER A 17 -4.35 5.68 -7.69
N THR A 18 -5.55 6.21 -7.53
CA THR A 18 -6.55 5.61 -6.66
C THR A 18 -7.49 4.70 -7.45
N MET A 19 -6.97 4.09 -8.52
CA MET A 19 -7.75 3.21 -9.36
C MET A 19 -7.70 1.78 -8.84
N VAL A 20 -8.39 0.87 -9.54
CA VAL A 20 -8.42 -0.53 -9.14
C VAL A 20 -7.31 -1.32 -9.82
N ASN A 21 -6.14 -1.34 -9.19
CA ASN A 21 -5.00 -2.07 -9.75
C ASN A 21 -5.22 -3.57 -9.69
N ASP A 22 -4.17 -4.33 -9.95
CA ASP A 22 -4.25 -5.79 -9.93
C ASP A 22 -4.70 -6.29 -8.56
N SER A 23 -4.22 -5.64 -7.50
CA SER A 23 -4.57 -6.01 -6.15
C SER A 23 -4.22 -4.91 -5.16
N MET A 24 -5.21 -4.48 -4.38
CA MET A 24 -5.02 -3.42 -3.40
C MET A 24 -4.87 -4.00 -2.00
N ILE A 25 -4.30 -3.21 -1.09
CA ILE A 25 -4.11 -3.65 0.28
C ILE A 25 -4.15 -2.47 1.25
N GLN A 26 -4.90 -2.61 2.33
CA GLN A 26 -5.03 -1.55 3.33
C GLN A 26 -3.93 -1.66 4.36
N CYS A 27 -3.38 -0.51 4.74
CA CYS A 27 -2.31 -0.46 5.74
C CYS A 27 -2.70 -1.20 7.01
N GLU A 28 -1.71 -1.76 7.70
CA GLU A 28 -1.95 -2.50 8.93
C GLU A 28 -1.91 -1.57 10.13
N ASP A 29 -2.07 -0.28 9.89
CA ASP A 29 -2.05 0.71 10.96
C ASP A 29 -3.39 1.43 11.06
N GLN A 30 -4.10 1.17 12.15
CA GLN A 30 -5.41 1.79 12.37
C GLN A 30 -5.29 3.32 12.38
N ARG A 31 -4.09 3.81 12.67
CA ARG A 31 -3.84 5.25 12.71
C ARG A 31 -3.45 5.78 11.33
N CYS A 32 -3.59 4.93 10.32
CA CYS A 32 -3.25 5.31 8.95
C CYS A 32 -4.41 5.03 8.00
N GLN A 33 -4.81 3.77 7.93
CA GLN A 33 -5.92 3.37 7.06
C GLN A 33 -5.69 3.88 5.63
N VAL A 34 -4.59 3.45 5.02
CA VAL A 34 -4.26 3.85 3.66
C VAL A 34 -4.10 2.64 2.76
N TRP A 35 -4.88 2.60 1.68
CA TRP A 35 -4.82 1.49 0.73
C TRP A 35 -3.73 1.73 -0.32
N GLN A 36 -3.00 0.68 -0.66
CA GLN A 36 -1.94 0.78 -1.64
C GLN A 36 -1.99 -0.39 -2.62
N HIS A 37 -1.27 -0.26 -3.73
CA HIS A 37 -1.24 -1.30 -4.75
C HIS A 37 -0.21 -2.37 -4.40
N LEU A 38 -0.70 -3.58 -4.12
CA LEU A 38 0.17 -4.69 -3.77
C LEU A 38 1.24 -4.91 -4.84
N ASN A 39 0.83 -4.81 -6.10
CA ASN A 39 1.75 -4.99 -7.23
C ASN A 39 2.83 -3.91 -7.22
N CYS A 40 2.51 -2.77 -6.62
CA CYS A 40 3.45 -1.66 -6.56
C CYS A 40 4.40 -1.81 -5.36
N VAL A 41 3.89 -2.41 -4.29
CA VAL A 41 4.68 -2.63 -3.09
C VAL A 41 5.18 -4.08 -3.00
N LEU A 42 5.07 -4.80 -4.12
CA LEU A 42 5.50 -6.19 -4.17
C LEU A 42 6.92 -6.30 -4.71
N ILE A 43 7.82 -6.83 -3.89
CA ILE A 43 9.22 -6.99 -4.30
C ILE A 43 9.64 -8.45 -4.23
N PRO A 44 9.82 -9.08 -5.40
CA PRO A 44 10.22 -10.48 -5.49
C PRO A 44 11.66 -10.70 -5.05
N ASP A 45 11.93 -11.84 -4.44
CA ASP A 45 13.27 -12.16 -3.97
C ASP A 45 14.29 -12.00 -5.09
N LYS A 46 13.87 -12.28 -6.31
CA LYS A 46 14.75 -12.16 -7.47
C LYS A 46 14.00 -11.59 -8.67
N PRO A 47 14.75 -11.06 -9.64
CA PRO A 47 14.17 -10.47 -10.86
C PRO A 47 13.55 -11.53 -11.77
N GLY A 48 12.24 -11.44 -11.96
CA GLY A 48 11.55 -12.39 -12.80
C GLY A 48 10.82 -13.46 -12.01
N GLU A 49 11.20 -13.61 -10.74
CA GLU A 49 10.57 -14.61 -9.87
C GLU A 49 9.19 -14.14 -9.43
N SER A 50 8.62 -14.86 -8.47
CA SER A 50 7.28 -14.54 -7.96
C SER A 50 7.38 -13.57 -6.79
N ALA A 51 6.70 -12.44 -6.91
CA ALA A 51 6.71 -11.42 -5.86
C ALA A 51 6.37 -12.03 -4.51
N GLU A 52 6.64 -11.28 -3.44
CA GLU A 52 6.35 -11.75 -2.09
C GLU A 52 5.28 -10.89 -1.43
N VAL A 53 4.12 -11.49 -1.17
CA VAL A 53 3.02 -10.79 -0.54
C VAL A 53 2.91 -11.14 0.94
N PRO A 54 3.49 -10.29 1.80
CA PRO A 54 3.48 -10.49 3.25
C PRO A 54 2.09 -10.29 3.84
N PRO A 55 1.88 -10.83 5.05
CA PRO A 55 0.60 -10.72 5.76
C PRO A 55 0.31 -9.30 6.23
N VAL A 56 1.32 -8.66 6.80
CA VAL A 56 1.18 -7.29 7.29
C VAL A 56 1.86 -6.29 6.36
N PHE A 57 1.12 -5.27 5.95
CA PHE A 57 1.66 -4.25 5.06
C PHE A 57 1.60 -2.87 5.71
N TYR A 58 2.64 -2.08 5.50
CA TYR A 58 2.71 -0.74 6.06
C TYR A 58 3.16 0.28 5.02
N CYS A 59 2.35 1.31 4.83
CA CYS A 59 2.67 2.36 3.85
C CYS A 59 4.01 2.99 4.15
N GLU A 60 4.36 4.03 3.38
CA GLU A 60 5.63 4.73 3.57
C GLU A 60 5.69 5.37 4.95
N LEU A 61 4.62 6.05 5.33
CA LEU A 61 4.55 6.71 6.63
C LEU A 61 4.91 5.74 7.76
N CYS A 62 4.14 4.67 7.86
CA CYS A 62 4.37 3.66 8.90
C CYS A 62 5.71 2.97 8.69
N ARG A 63 6.08 2.75 7.43
CA ARG A 63 7.33 2.10 7.10
C ARG A 63 8.51 2.81 7.75
N LEU A 64 8.64 4.11 7.47
CA LEU A 64 9.72 4.92 8.03
C LEU A 64 9.52 5.14 9.52
N SER A 65 8.26 5.24 9.94
CA SER A 65 7.93 5.46 11.34
C SER A 65 8.32 4.25 12.18
N ARG A 66 8.36 3.07 11.55
CA ARG A 66 8.72 1.85 12.23
C ARG A 66 10.17 1.47 11.95
N ALA A 67 10.70 1.98 10.84
CA ALA A 67 12.08 1.69 10.45
C ALA A 67 12.29 0.20 10.26
N ASP A 68 11.23 -0.51 9.88
CA ASP A 68 11.31 -1.94 9.67
C ASP A 68 11.68 -2.68 10.96
N GLY A 1 -7.46 17.51 -6.50
CA GLY A 1 -7.69 17.69 -5.08
C GLY A 1 -8.52 16.57 -4.47
N SER A 2 -9.40 16.91 -3.55
CA SER A 2 -10.25 15.92 -2.90
C SER A 2 -11.44 15.55 -3.77
N ASP A 3 -11.68 14.26 -3.92
CA ASP A 3 -12.80 13.76 -4.72
C ASP A 3 -13.65 12.78 -3.93
N SER A 4 -13.00 11.84 -3.25
CA SER A 4 -13.70 10.84 -2.46
C SER A 4 -12.73 10.11 -1.53
N PHE A 5 -11.90 10.87 -0.84
CA PHE A 5 -10.93 10.30 0.09
C PHE A 5 -11.58 9.95 1.41
N GLN A 6 -12.07 8.71 1.52
CA GLN A 6 -12.73 8.25 2.74
C GLN A 6 -11.76 8.28 3.91
N PRO A 7 -12.31 8.41 5.13
CA PRO A 7 -11.52 8.46 6.37
C PRO A 7 -10.89 7.11 6.69
N GLU A 8 -11.52 6.05 6.22
CA GLU A 8 -11.02 4.69 6.47
C GLU A 8 -10.43 4.09 5.20
N ALA A 9 -10.94 4.52 4.05
CA ALA A 9 -10.48 4.02 2.77
C ALA A 9 -9.76 5.11 1.98
N LYS A 10 -8.48 5.32 2.27
CA LYS A 10 -7.68 6.33 1.60
C LYS A 10 -6.61 5.69 0.73
N VAL A 11 -6.80 5.75 -0.58
CA VAL A 11 -5.84 5.18 -1.52
C VAL A 11 -4.66 6.13 -1.75
N ARG A 12 -3.51 5.75 -1.22
CA ARG A 12 -2.30 6.57 -1.36
C ARG A 12 -1.11 5.72 -1.80
N CYS A 13 -0.92 5.62 -3.11
CA CYS A 13 0.19 4.84 -3.66
C CYS A 13 1.24 5.74 -4.29
N ILE A 14 2.46 5.23 -4.38
CA ILE A 14 3.56 6.00 -4.97
C ILE A 14 3.25 6.39 -6.41
N CYS A 15 2.33 5.65 -7.03
CA CYS A 15 1.94 5.91 -8.41
C CYS A 15 0.88 7.01 -8.48
N SER A 16 0.44 7.47 -7.32
CA SER A 16 -0.58 8.51 -7.23
C SER A 16 -1.80 8.14 -8.06
N SER A 17 -2.17 6.86 -8.03
CA SER A 17 -3.32 6.38 -8.78
C SER A 17 -4.30 5.65 -7.87
N THR A 18 -5.50 6.21 -7.73
CA THR A 18 -6.53 5.61 -6.88
C THR A 18 -7.46 4.73 -7.70
N MET A 19 -6.93 4.12 -8.75
CA MET A 19 -7.72 3.25 -9.61
C MET A 19 -7.75 1.83 -9.06
N VAL A 20 -8.45 0.94 -9.76
CA VAL A 20 -8.55 -0.46 -9.35
C VAL A 20 -7.47 -1.31 -10.01
N ASN A 21 -6.31 -1.40 -9.35
CA ASN A 21 -5.20 -2.18 -9.88
C ASN A 21 -5.51 -3.68 -9.81
N ASP A 22 -4.49 -4.50 -10.02
CA ASP A 22 -4.66 -5.95 -9.99
C ASP A 22 -5.11 -6.41 -8.61
N SER A 23 -4.58 -5.76 -7.57
CA SER A 23 -4.94 -6.11 -6.20
C SER A 23 -4.51 -5.02 -5.23
N MET A 24 -5.46 -4.54 -4.43
CA MET A 24 -5.18 -3.48 -3.47
C MET A 24 -5.03 -4.06 -2.06
N ILE A 25 -4.43 -3.28 -1.16
CA ILE A 25 -4.22 -3.71 0.21
C ILE A 25 -4.23 -2.53 1.17
N GLN A 26 -4.89 -2.70 2.31
CA GLN A 26 -4.98 -1.65 3.31
C GLN A 26 -3.83 -1.74 4.30
N CYS A 27 -3.36 -0.60 4.78
CA CYS A 27 -2.26 -0.56 5.74
C CYS A 27 -2.63 -1.29 7.03
N GLU A 28 -1.62 -1.82 7.71
CA GLU A 28 -1.84 -2.56 8.95
C GLU A 28 -1.81 -1.61 10.15
N ASP A 29 -1.94 -0.32 9.88
CA ASP A 29 -1.92 0.69 10.93
C ASP A 29 -3.28 1.39 11.04
N GLN A 30 -3.96 1.17 12.15
CA GLN A 30 -5.27 1.78 12.37
C GLN A 30 -5.17 3.30 12.34
N ARG A 31 -3.98 3.82 12.61
CA ARG A 31 -3.75 5.26 12.62
C ARG A 31 -3.39 5.75 11.22
N CYS A 32 -3.50 4.87 10.24
CA CYS A 32 -3.18 5.21 8.86
C CYS A 32 -4.37 4.92 7.94
N GLN A 33 -4.79 3.67 7.91
CA GLN A 33 -5.92 3.26 7.08
C GLN A 33 -5.72 3.73 5.64
N VAL A 34 -4.54 3.43 5.08
CA VAL A 34 -4.23 3.82 3.71
C VAL A 34 -4.10 2.59 2.82
N TRP A 35 -4.84 2.59 1.71
CA TRP A 35 -4.81 1.48 0.76
C TRP A 35 -3.76 1.71 -0.31
N GLN A 36 -3.11 0.63 -0.75
CA GLN A 36 -2.08 0.72 -1.77
C GLN A 36 -2.14 -0.48 -2.70
N HIS A 37 -1.51 -0.36 -3.87
CA HIS A 37 -1.49 -1.44 -4.85
C HIS A 37 -0.47 -2.51 -4.46
N LEU A 38 -0.95 -3.74 -4.28
CA LEU A 38 -0.09 -4.84 -3.91
C LEU A 38 1.09 -4.98 -4.87
N ASN A 39 0.80 -4.84 -6.16
CA ASN A 39 1.83 -4.94 -7.18
C ASN A 39 2.86 -3.83 -7.04
N CYS A 40 2.48 -2.76 -6.33
CA CYS A 40 3.36 -1.62 -6.12
C CYS A 40 4.15 -1.79 -4.82
N VAL A 41 3.55 -2.46 -3.85
CA VAL A 41 4.20 -2.69 -2.57
C VAL A 41 4.74 -4.11 -2.47
N LEU A 42 4.78 -4.80 -3.61
CA LEU A 42 5.28 -6.17 -3.66
C LEU A 42 6.79 -6.19 -3.84
N ILE A 43 7.49 -6.72 -2.85
CA ILE A 43 8.95 -6.80 -2.92
C ILE A 43 9.43 -8.22 -2.60
N PRO A 44 10.31 -8.74 -3.45
CA PRO A 44 10.88 -10.08 -3.29
C PRO A 44 11.82 -10.18 -2.10
N ASP A 45 11.84 -11.34 -1.45
CA ASP A 45 12.70 -11.55 -0.29
C ASP A 45 14.16 -11.29 -0.64
N LYS A 46 14.49 -11.42 -1.92
CA LYS A 46 15.85 -11.20 -2.39
C LYS A 46 15.86 -10.41 -3.69
N PRO A 47 17.01 -9.81 -4.02
CA PRO A 47 17.17 -9.00 -5.23
C PRO A 47 17.15 -9.85 -6.50
N GLY A 48 16.14 -9.63 -7.33
CA GLY A 48 16.03 -10.39 -8.57
C GLY A 48 15.06 -11.55 -8.44
N GLU A 49 14.78 -11.97 -7.21
CA GLU A 49 13.87 -13.07 -6.97
C GLU A 49 12.44 -12.69 -7.32
N SER A 50 11.49 -13.55 -6.95
CA SER A 50 10.09 -13.30 -7.23
C SER A 50 9.41 -12.56 -6.07
N ALA A 51 8.73 -11.47 -6.40
CA ALA A 51 8.04 -10.66 -5.39
C ALA A 51 7.21 -11.55 -4.47
N GLU A 52 6.78 -10.99 -3.34
CA GLU A 52 5.98 -11.72 -2.38
C GLU A 52 4.95 -10.80 -1.72
N VAL A 53 3.77 -11.35 -1.42
CA VAL A 53 2.71 -10.58 -0.79
C VAL A 53 2.56 -10.97 0.68
N PRO A 54 3.22 -10.21 1.57
CA PRO A 54 3.17 -10.46 3.01
C PRO A 54 1.81 -10.13 3.61
N PRO A 55 1.51 -10.71 4.78
CA PRO A 55 0.25 -10.48 5.48
C PRO A 55 0.13 -9.07 6.04
N VAL A 56 1.20 -8.59 6.66
CA VAL A 56 1.22 -7.25 7.23
C VAL A 56 1.87 -6.25 6.28
N PHE A 57 1.10 -5.24 5.88
CA PHE A 57 1.60 -4.22 4.97
C PHE A 57 1.61 -2.86 5.64
N TYR A 58 2.67 -2.08 5.39
CA TYR A 58 2.80 -0.76 5.98
C TYR A 58 3.23 0.26 4.93
N CYS A 59 2.42 1.30 4.74
CA CYS A 59 2.71 2.34 3.76
C CYS A 59 4.07 2.97 4.05
N GLU A 60 4.43 3.99 3.25
CA GLU A 60 5.70 4.67 3.43
C GLU A 60 5.80 5.30 4.81
N LEU A 61 4.74 5.99 5.22
CA LEU A 61 4.70 6.64 6.52
C LEU A 61 5.06 5.66 7.62
N CYS A 62 4.27 4.59 7.74
CA CYS A 62 4.51 3.57 8.76
C CYS A 62 5.87 2.91 8.55
N ARG A 63 6.22 2.67 7.29
CA ARG A 63 7.49 2.03 6.97
C ARG A 63 8.65 2.79 7.59
N LEU A 64 8.60 4.11 7.53
CA LEU A 64 9.64 4.96 8.09
C LEU A 64 9.51 5.05 9.61
N SER A 65 8.28 5.10 10.09
CA SER A 65 8.02 5.18 11.52
C SER A 65 8.35 3.86 12.21
N ARG A 66 8.49 2.81 11.43
CA ARG A 66 8.81 1.49 11.96
C ARG A 66 10.27 1.15 11.74
N ALA A 67 10.82 1.60 10.62
CA ALA A 67 12.21 1.34 10.29
C ALA A 67 13.03 2.64 10.28
N ASP A 68 12.61 3.57 9.42
CA ASP A 68 13.30 4.86 9.32
C ASP A 68 14.72 4.67 8.78
N GLY A 1 -11.15 8.49 -4.28
CA GLY A 1 -11.35 8.77 -5.69
C GLY A 1 -11.27 10.26 -6.00
N SER A 2 -10.16 10.88 -5.59
CA SER A 2 -9.96 12.31 -5.82
C SER A 2 -10.87 13.14 -4.91
N ASP A 3 -12.17 13.08 -5.19
CA ASP A 3 -13.14 13.84 -4.40
C ASP A 3 -13.95 12.90 -3.51
N SER A 4 -13.34 11.80 -3.10
CA SER A 4 -14.00 10.81 -2.25
C SER A 4 -12.99 10.08 -1.38
N PHE A 5 -12.09 10.83 -0.75
CA PHE A 5 -11.07 10.25 0.10
C PHE A 5 -11.64 9.92 1.48
N GLN A 6 -12.14 8.71 1.64
CA GLN A 6 -12.72 8.28 2.92
C GLN A 6 -11.67 8.28 4.01
N PRO A 7 -12.12 8.46 5.26
CA PRO A 7 -11.24 8.49 6.43
C PRO A 7 -10.63 7.13 6.73
N GLU A 8 -11.34 6.07 6.37
CA GLU A 8 -10.86 4.71 6.60
C GLU A 8 -10.39 4.07 5.30
N ALA A 9 -10.86 4.61 4.18
CA ALA A 9 -10.49 4.08 2.87
C ALA A 9 -9.79 5.15 2.03
N LYS A 10 -8.48 5.30 2.22
CA LYS A 10 -7.70 6.27 1.48
C LYS A 10 -6.63 5.60 0.63
N VAL A 11 -6.83 5.62 -0.69
CA VAL A 11 -5.88 5.01 -1.61
C VAL A 11 -4.69 5.94 -1.87
N ARG A 12 -3.56 5.61 -1.28
CA ARG A 12 -2.34 6.41 -1.45
C ARG A 12 -1.17 5.54 -1.88
N CYS A 13 -0.97 5.41 -3.18
CA CYS A 13 0.12 4.60 -3.72
C CYS A 13 1.23 5.48 -4.28
N ILE A 14 2.43 4.93 -4.37
CA ILE A 14 3.57 5.68 -4.88
C ILE A 14 3.32 6.15 -6.31
N CYS A 15 2.39 5.48 -7.00
CA CYS A 15 2.05 5.84 -8.36
C CYS A 15 1.02 6.96 -8.39
N SER A 16 0.56 7.37 -7.22
CA SER A 16 -0.43 8.44 -7.11
C SER A 16 -1.66 8.13 -7.96
N SER A 17 -2.04 6.85 -8.01
CA SER A 17 -3.19 6.43 -8.79
C SER A 17 -4.18 5.65 -7.93
N THR A 18 -5.35 6.24 -7.71
CA THR A 18 -6.39 5.61 -6.89
C THR A 18 -7.10 4.51 -7.67
N MET A 19 -6.75 4.36 -8.95
CA MET A 19 -7.34 3.34 -9.81
C MET A 19 -7.20 1.95 -9.18
N VAL A 20 -8.29 1.19 -9.19
CA VAL A 20 -8.29 -0.15 -8.62
C VAL A 20 -7.36 -1.08 -9.41
N ASN A 21 -6.10 -1.13 -9.01
CA ASN A 21 -5.12 -1.97 -9.68
C ASN A 21 -5.53 -3.44 -9.61
N ASP A 22 -4.60 -4.32 -9.98
CA ASP A 22 -4.87 -5.75 -9.95
C ASP A 22 -5.31 -6.22 -8.57
N SER A 23 -4.70 -5.62 -7.54
CA SER A 23 -5.03 -5.96 -6.16
C SER A 23 -4.52 -4.89 -5.20
N MET A 24 -5.42 -4.41 -4.34
CA MET A 24 -5.07 -3.38 -3.37
C MET A 24 -4.87 -3.99 -1.98
N ILE A 25 -4.29 -3.21 -1.08
CA ILE A 25 -4.04 -3.67 0.28
C ILE A 25 -4.09 -2.50 1.27
N GLN A 26 -4.86 -2.67 2.34
CA GLN A 26 -4.99 -1.63 3.35
C GLN A 26 -3.85 -1.73 4.36
N CYS A 27 -3.33 -0.58 4.77
CA CYS A 27 -2.23 -0.53 5.74
C CYS A 27 -2.60 -1.28 7.01
N GLU A 28 -1.58 -1.81 7.69
CA GLU A 28 -1.81 -2.55 8.93
C GLU A 28 -1.77 -1.62 10.14
N ASP A 29 -1.95 -0.33 9.88
CA ASP A 29 -1.95 0.67 10.95
C ASP A 29 -3.31 1.35 11.07
N GLN A 30 -4.00 1.08 12.16
CA GLN A 30 -5.32 1.67 12.40
C GLN A 30 -5.25 3.19 12.40
N ARG A 31 -4.06 3.72 12.67
CA ARG A 31 -3.85 5.16 12.70
C ARG A 31 -3.48 5.69 11.32
N CYS A 32 -3.61 4.84 10.30
CA CYS A 32 -3.29 5.22 8.93
C CYS A 32 -4.45 4.91 8.00
N GLN A 33 -4.81 3.63 7.92
CA GLN A 33 -5.90 3.19 7.07
C GLN A 33 -5.70 3.70 5.64
N VAL A 34 -4.57 3.33 5.04
CA VAL A 34 -4.26 3.74 3.68
C VAL A 34 -4.08 2.54 2.76
N TRP A 35 -4.86 2.49 1.69
CA TRP A 35 -4.80 1.39 0.74
C TRP A 35 -3.72 1.64 -0.30
N GLN A 36 -3.09 0.56 -0.77
CA GLN A 36 -2.04 0.67 -1.78
C GLN A 36 -2.10 -0.50 -2.75
N HIS A 37 -1.41 -0.36 -3.88
CA HIS A 37 -1.38 -1.40 -4.89
C HIS A 37 -0.38 -2.51 -4.51
N LEU A 38 -0.90 -3.71 -4.30
CA LEU A 38 -0.07 -4.84 -3.93
C LEU A 38 1.06 -5.05 -4.95
N ASN A 39 0.71 -4.99 -6.23
CA ASN A 39 1.68 -5.16 -7.30
C ASN A 39 2.77 -4.09 -7.22
N CYS A 40 2.45 -2.98 -6.57
CA CYS A 40 3.39 -1.87 -6.43
C CYS A 40 4.25 -2.05 -5.18
N VAL A 41 3.66 -2.66 -4.15
CA VAL A 41 4.37 -2.89 -2.89
C VAL A 41 4.86 -4.33 -2.80
N LEU A 42 4.83 -5.03 -3.93
CA LEU A 42 5.28 -6.42 -3.97
C LEU A 42 6.73 -6.51 -4.42
N ILE A 43 7.63 -6.70 -3.46
CA ILE A 43 9.05 -6.80 -3.76
C ILE A 43 9.57 -8.22 -3.50
N PRO A 44 10.11 -8.86 -4.54
CA PRO A 44 10.64 -10.22 -4.44
C PRO A 44 11.93 -10.28 -3.62
N ASP A 45 12.14 -11.39 -2.94
CA ASP A 45 13.33 -11.58 -2.12
C ASP A 45 14.59 -11.27 -2.91
N LYS A 46 14.53 -11.49 -4.22
CA LYS A 46 15.67 -11.24 -5.10
C LYS A 46 15.22 -10.55 -6.39
N PRO A 47 16.19 -9.91 -7.07
CA PRO A 47 15.91 -9.21 -8.33
C PRO A 47 15.59 -10.16 -9.48
N GLY A 48 14.37 -10.05 -10.00
CA GLY A 48 13.95 -10.91 -11.10
C GLY A 48 13.16 -12.11 -10.62
N GLU A 49 13.26 -12.41 -9.33
CA GLU A 49 12.56 -13.54 -8.75
C GLU A 49 11.06 -13.27 -8.65
N SER A 50 10.33 -14.17 -8.01
CA SER A 50 8.89 -14.01 -7.85
C SER A 50 8.57 -13.13 -6.65
N ALA A 51 7.81 -12.06 -6.90
CA ALA A 51 7.43 -11.14 -5.84
C ALA A 51 6.83 -11.88 -4.65
N GLU A 52 6.73 -11.19 -3.52
CA GLU A 52 6.18 -11.78 -2.31
C GLU A 52 5.16 -10.85 -1.66
N VAL A 53 3.96 -11.37 -1.42
CA VAL A 53 2.90 -10.58 -0.80
C VAL A 53 2.68 -11.00 0.65
N PRO A 54 3.34 -10.29 1.57
CA PRO A 54 3.23 -10.56 3.01
C PRO A 54 1.86 -10.20 3.56
N PRO A 55 1.52 -10.78 4.72
CA PRO A 55 0.24 -10.53 5.39
C PRO A 55 0.14 -9.12 5.96
N VAL A 56 1.21 -8.67 6.61
CA VAL A 56 1.24 -7.34 7.20
C VAL A 56 1.95 -6.36 6.28
N PHE A 57 1.26 -5.27 5.93
CA PHE A 57 1.81 -4.26 5.06
C PHE A 57 1.73 -2.87 5.71
N TYR A 58 2.76 -2.06 5.50
CA TYR A 58 2.80 -0.72 6.06
C TYR A 58 3.25 0.30 5.02
N CYS A 59 2.42 1.32 4.80
CA CYS A 59 2.73 2.36 3.83
C CYS A 59 4.06 3.03 4.15
N GLU A 60 4.41 4.06 3.38
CA GLU A 60 5.66 4.78 3.59
C GLU A 60 5.68 5.45 4.96
N LEU A 61 4.59 6.12 5.30
CA LEU A 61 4.48 6.81 6.58
C LEU A 61 4.83 5.87 7.73
N CYS A 62 4.10 4.76 7.83
CA CYS A 62 4.33 3.77 8.87
C CYS A 62 5.68 3.09 8.69
N ARG A 63 6.12 2.97 7.45
CA ARG A 63 7.39 2.33 7.13
C ARG A 63 8.55 3.11 7.76
N LEU A 64 8.60 4.41 7.48
CA LEU A 64 9.66 5.27 8.02
C LEU A 64 9.46 5.49 9.51
N SER A 65 8.22 5.59 9.94
CA SER A 65 7.89 5.81 11.34
C SER A 65 8.24 4.58 12.18
N ARG A 66 8.19 3.41 11.54
CA ARG A 66 8.49 2.16 12.23
C ARG A 66 9.94 1.76 12.02
N ALA A 67 10.54 2.26 10.93
CA ALA A 67 11.93 1.96 10.61
C ALA A 67 12.12 0.46 10.40
N ASP A 68 11.07 -0.23 9.98
CA ASP A 68 11.12 -1.66 9.74
C ASP A 68 11.90 -1.96 8.46
N GLY A 1 -19.24 15.79 -6.11
CA GLY A 1 -17.81 15.60 -6.29
C GLY A 1 -17.48 14.17 -6.65
N SER A 2 -16.19 13.83 -6.57
CA SER A 2 -15.73 12.48 -6.88
C SER A 2 -14.27 12.29 -6.47
N ASP A 3 -13.92 12.85 -5.31
CA ASP A 3 -12.56 12.73 -4.80
C ASP A 3 -12.26 11.31 -4.35
N SER A 4 -13.31 10.58 -3.97
CA SER A 4 -13.16 9.20 -3.51
C SER A 4 -12.22 9.13 -2.31
N PHE A 5 -12.12 10.23 -1.57
CA PHE A 5 -11.25 10.29 -0.40
C PHE A 5 -12.03 9.97 0.87
N GLN A 6 -12.04 8.70 1.25
CA GLN A 6 -12.75 8.25 2.45
C GLN A 6 -11.88 8.44 3.69
N PRO A 7 -12.53 8.61 4.84
CA PRO A 7 -11.84 8.79 6.12
C PRO A 7 -11.14 7.51 6.60
N GLU A 8 -11.62 6.37 6.11
CA GLU A 8 -11.04 5.08 6.48
C GLU A 8 -10.45 4.38 5.27
N ALA A 9 -10.86 4.82 4.08
CA ALA A 9 -10.37 4.24 2.83
C ALA A 9 -9.66 5.28 1.98
N LYS A 10 -8.38 5.50 2.26
CA LYS A 10 -7.59 6.47 1.51
C LYS A 10 -6.50 5.77 0.71
N VAL A 11 -6.69 5.72 -0.61
CA VAL A 11 -5.72 5.10 -1.50
C VAL A 11 -4.57 6.04 -1.82
N ARG A 12 -3.40 5.78 -1.23
CA ARG A 12 -2.23 6.61 -1.46
C ARG A 12 -1.05 5.75 -1.93
N CYS A 13 -0.90 5.62 -3.25
CA CYS A 13 0.18 4.84 -3.82
C CYS A 13 1.20 5.74 -4.50
N ILE A 14 2.43 5.24 -4.65
CA ILE A 14 3.49 6.00 -5.29
C ILE A 14 3.11 6.40 -6.71
N CYS A 15 2.18 5.66 -7.30
CA CYS A 15 1.72 5.95 -8.66
C CYS A 15 0.66 7.03 -8.65
N SER A 16 0.28 7.49 -7.47
CA SER A 16 -0.74 8.52 -7.33
C SER A 16 -2.01 8.15 -8.08
N SER A 17 -2.35 6.86 -8.02
CA SER A 17 -3.55 6.36 -8.70
C SER A 17 -4.44 5.60 -7.73
N THR A 18 -5.64 6.12 -7.49
CA THR A 18 -6.58 5.49 -6.58
C THR A 18 -7.56 4.59 -7.34
N MET A 19 -7.08 4.01 -8.43
CA MET A 19 -7.91 3.13 -9.25
C MET A 19 -7.87 1.69 -8.71
N VAL A 20 -8.60 0.79 -9.38
CA VAL A 20 -8.65 -0.60 -8.97
C VAL A 20 -7.57 -1.41 -9.69
N ASN A 21 -6.33 -1.29 -9.23
CA ASN A 21 -5.22 -2.02 -9.82
C ASN A 21 -5.44 -3.52 -9.75
N ASP A 22 -4.41 -4.29 -10.06
CA ASP A 22 -4.49 -5.75 -10.02
C ASP A 22 -4.95 -6.22 -8.66
N SER A 23 -4.45 -5.58 -7.61
CA SER A 23 -4.80 -5.94 -6.24
C SER A 23 -4.41 -4.84 -5.26
N MET A 24 -5.37 -4.39 -4.47
CA MET A 24 -5.12 -3.34 -3.49
C MET A 24 -5.02 -3.92 -2.08
N ILE A 25 -4.42 -3.16 -1.17
CA ILE A 25 -4.26 -3.60 0.21
C ILE A 25 -4.24 -2.41 1.17
N GLN A 26 -4.91 -2.56 2.30
CA GLN A 26 -4.98 -1.50 3.30
C GLN A 26 -3.84 -1.64 4.31
N CYS A 27 -3.34 -0.51 4.79
CA CYS A 27 -2.25 -0.50 5.76
C CYS A 27 -2.64 -1.26 7.02
N GLU A 28 -1.64 -1.81 7.70
CA GLU A 28 -1.87 -2.58 8.92
C GLU A 28 -1.86 -1.66 10.15
N ASP A 29 -2.01 -0.37 9.91
CA ASP A 29 -2.01 0.61 10.99
C ASP A 29 -3.35 1.35 11.05
N GLN A 30 -4.06 1.17 12.16
CA GLN A 30 -5.36 1.82 12.34
C GLN A 30 -5.21 3.34 12.35
N ARG A 31 -4.01 3.81 12.65
CA ARG A 31 -3.73 5.24 12.70
C ARG A 31 -3.34 5.77 11.32
N CYS A 32 -3.47 4.91 10.31
CA CYS A 32 -3.13 5.28 8.95
C CYS A 32 -4.30 5.04 8.00
N GLN A 33 -4.75 3.79 7.95
CA GLN A 33 -5.87 3.42 7.08
C GLN A 33 -5.64 3.90 5.66
N VAL A 34 -4.50 3.51 5.09
CA VAL A 34 -4.16 3.91 3.72
C VAL A 34 -4.04 2.68 2.82
N TRP A 35 -4.76 2.70 1.70
CA TRP A 35 -4.73 1.60 0.74
C TRP A 35 -3.65 1.82 -0.30
N GLN A 36 -3.02 0.73 -0.74
CA GLN A 36 -1.97 0.80 -1.75
C GLN A 36 -2.01 -0.40 -2.68
N HIS A 37 -1.43 -0.26 -3.86
CA HIS A 37 -1.40 -1.34 -4.84
C HIS A 37 -0.38 -2.41 -4.44
N LEU A 38 -0.88 -3.60 -4.14
CA LEU A 38 -0.01 -4.71 -3.74
C LEU A 38 1.10 -4.92 -4.76
N ASN A 39 0.76 -4.82 -6.04
CA ASN A 39 1.74 -4.99 -7.11
C ASN A 39 2.81 -3.90 -7.05
N CYS A 40 2.42 -2.73 -6.55
CA CYS A 40 3.35 -1.61 -6.45
C CYS A 40 4.26 -1.78 -5.23
N VAL A 41 3.72 -2.36 -4.17
CA VAL A 41 4.48 -2.59 -2.94
C VAL A 41 5.02 -4.02 -2.88
N LEU A 42 4.93 -4.72 -4.00
CA LEU A 42 5.41 -6.10 -4.08
C LEU A 42 6.82 -6.16 -4.67
N ILE A 43 7.77 -6.60 -3.85
CA ILE A 43 9.15 -6.72 -4.29
C ILE A 43 9.65 -8.15 -4.20
N PRO A 44 9.85 -8.78 -5.38
CA PRO A 44 10.32 -10.16 -5.46
C PRO A 44 11.78 -10.31 -5.02
N ASP A 45 12.09 -11.44 -4.40
CA ASP A 45 13.44 -11.70 -3.93
C ASP A 45 14.46 -11.48 -5.04
N LYS A 46 14.05 -11.77 -6.27
CA LYS A 46 14.93 -11.61 -7.43
C LYS A 46 14.15 -11.07 -8.63
N PRO A 47 14.88 -10.51 -9.60
CA PRO A 47 14.28 -9.94 -10.81
C PRO A 47 13.71 -11.02 -11.72
N GLY A 48 12.40 -10.99 -11.91
CA GLY A 48 11.74 -11.97 -12.77
C GLY A 48 11.06 -13.06 -11.98
N GLU A 49 11.44 -13.20 -10.71
CA GLU A 49 10.87 -14.23 -9.84
C GLU A 49 9.47 -13.83 -9.39
N SER A 50 8.93 -14.57 -8.44
CA SER A 50 7.59 -14.30 -7.92
C SER A 50 7.65 -13.33 -6.74
N ALA A 51 6.90 -12.24 -6.86
CA ALA A 51 6.86 -11.22 -5.82
C ALA A 51 6.58 -11.85 -4.45
N GLU A 52 6.83 -11.08 -3.40
CA GLU A 52 6.60 -11.57 -2.04
C GLU A 52 5.50 -10.78 -1.35
N VAL A 53 4.38 -11.45 -1.07
CA VAL A 53 3.25 -10.81 -0.41
C VAL A 53 3.21 -11.17 1.07
N PRO A 54 3.71 -10.25 1.91
CA PRO A 54 3.74 -10.44 3.37
C PRO A 54 2.35 -10.38 3.98
N PRO A 55 2.23 -10.86 5.23
CA PRO A 55 0.95 -10.86 5.95
C PRO A 55 0.51 -9.46 6.35
N VAL A 56 1.45 -8.67 6.87
CA VAL A 56 1.16 -7.31 7.28
C VAL A 56 1.84 -6.29 6.37
N PHE A 57 1.05 -5.35 5.87
CA PHE A 57 1.57 -4.31 4.97
C PHE A 57 1.57 -2.95 5.66
N TYR A 58 2.64 -2.19 5.46
CA TYR A 58 2.77 -0.87 6.06
C TYR A 58 3.23 0.15 5.02
N CYS A 59 2.44 1.20 4.84
CA CYS A 59 2.77 2.26 3.89
C CYS A 59 4.13 2.88 4.21
N GLU A 60 4.49 3.92 3.46
CA GLU A 60 5.76 4.60 3.67
C GLU A 60 5.83 5.21 5.06
N LEU A 61 4.76 5.90 5.45
CA LEU A 61 4.70 6.54 6.76
C LEU A 61 5.03 5.54 7.87
N CYS A 62 4.26 4.47 7.95
CA CYS A 62 4.47 3.45 8.96
C CYS A 62 5.80 2.72 8.74
N ARG A 63 6.21 2.64 7.47
CA ARG A 63 7.45 1.97 7.12
C ARG A 63 8.64 2.64 7.80
N LEU A 64 8.75 3.96 7.63
CA LEU A 64 9.83 4.73 8.22
C LEU A 64 9.56 5.01 9.69
N SER A 65 8.27 4.98 10.07
CA SER A 65 7.87 5.24 11.45
C SER A 65 8.09 4.00 12.31
N ARG A 66 8.20 2.85 11.67
CA ARG A 66 8.40 1.60 12.39
C ARG A 66 9.79 1.04 12.13
N ALA A 67 10.38 1.43 11.00
CA ALA A 67 11.72 0.97 10.63
C ALA A 67 12.72 2.11 10.71
N ASP A 68 12.34 3.27 10.19
CA ASP A 68 13.22 4.44 10.20
C ASP A 68 14.57 4.11 9.59
N GLY A 1 -11.11 19.66 -3.47
CA GLY A 1 -11.81 18.52 -2.91
C GLY A 1 -12.36 17.60 -3.99
N SER A 2 -13.37 16.82 -3.63
CA SER A 2 -13.98 15.88 -4.57
C SER A 2 -12.92 15.00 -5.22
N ASP A 3 -12.35 14.09 -4.43
CA ASP A 3 -11.34 13.18 -4.93
C ASP A 3 -11.56 11.77 -4.40
N SER A 4 -12.71 11.55 -3.78
CA SER A 4 -13.04 10.24 -3.22
C SER A 4 -12.01 9.82 -2.17
N PHE A 5 -11.90 10.62 -1.12
CA PHE A 5 -10.96 10.34 -0.04
C PHE A 5 -11.69 10.04 1.26
N GLN A 6 -11.97 8.75 1.49
CA GLN A 6 -12.66 8.34 2.70
C GLN A 6 -11.75 8.40 3.92
N PRO A 7 -12.35 8.58 5.10
CA PRO A 7 -11.60 8.67 6.36
C PRO A 7 -10.98 7.34 6.76
N GLU A 8 -11.54 6.25 6.25
CA GLU A 8 -11.04 4.92 6.56
C GLU A 8 -10.52 4.22 5.30
N ALA A 9 -10.96 4.71 4.13
CA ALA A 9 -10.55 4.14 2.86
C ALA A 9 -9.86 5.20 1.99
N LYS A 10 -8.56 5.38 2.22
CA LYS A 10 -7.79 6.36 1.45
C LYS A 10 -6.69 5.67 0.65
N VAL A 11 -6.87 5.62 -0.66
CA VAL A 11 -5.89 5.01 -1.55
C VAL A 11 -4.73 5.94 -1.84
N ARG A 12 -3.58 5.68 -1.21
CA ARG A 12 -2.40 6.50 -1.41
C ARG A 12 -1.21 5.64 -1.85
N CYS A 13 -1.03 5.53 -3.17
CA CYS A 13 0.06 4.74 -3.72
C CYS A 13 1.13 5.65 -4.31
N ILE A 14 2.35 5.12 -4.42
CA ILE A 14 3.46 5.88 -4.98
C ILE A 14 3.16 6.34 -6.40
N CYS A 15 2.23 5.65 -7.06
CA CYS A 15 1.84 5.99 -8.42
C CYS A 15 0.79 7.10 -8.43
N SER A 16 0.34 7.50 -7.24
CA SER A 16 -0.67 8.53 -7.12
C SER A 16 -1.92 8.18 -7.91
N SER A 17 -2.25 6.89 -7.93
CA SER A 17 -3.43 6.41 -8.65
C SER A 17 -4.36 5.65 -7.72
N THR A 18 -5.56 6.18 -7.53
CA THR A 18 -6.55 5.54 -6.67
C THR A 18 -7.49 4.65 -7.47
N MET A 19 -6.97 4.07 -8.54
CA MET A 19 -7.76 3.18 -9.39
C MET A 19 -7.71 1.75 -8.88
N VAL A 20 -8.40 0.85 -9.58
CA VAL A 20 -8.43 -0.55 -9.20
C VAL A 20 -7.31 -1.33 -9.87
N ASN A 21 -6.13 -1.34 -9.23
CA ASN A 21 -4.99 -2.05 -9.77
C ASN A 21 -5.20 -3.56 -9.72
N ASP A 22 -4.13 -4.31 -9.97
CA ASP A 22 -4.20 -5.76 -9.95
C ASP A 22 -4.67 -6.27 -8.59
N SER A 23 -4.19 -5.62 -7.53
CA SER A 23 -4.55 -6.00 -6.17
C SER A 23 -4.23 -4.89 -5.18
N MET A 24 -5.23 -4.48 -4.41
CA MET A 24 -5.05 -3.41 -3.42
C MET A 24 -4.91 -4.00 -2.03
N ILE A 25 -4.34 -3.21 -1.12
CA ILE A 25 -4.15 -3.65 0.26
C ILE A 25 -4.20 -2.46 1.22
N GLN A 26 -4.93 -2.63 2.32
CA GLN A 26 -5.06 -1.57 3.32
C GLN A 26 -3.94 -1.66 4.35
N CYS A 27 -3.42 -0.51 4.75
CA CYS A 27 -2.34 -0.46 5.73
C CYS A 27 -2.72 -1.20 7.00
N GLU A 28 -1.72 -1.74 7.69
CA GLU A 28 -1.94 -2.48 8.93
C GLU A 28 -1.91 -1.54 10.13
N ASP A 29 -2.08 -0.25 9.88
CA ASP A 29 -2.07 0.74 10.95
C ASP A 29 -3.41 1.44 11.06
N GLN A 30 -4.13 1.18 12.16
CA GLN A 30 -5.44 1.78 12.38
C GLN A 30 -5.34 3.31 12.39
N ARG A 31 -4.15 3.81 12.67
CA ARG A 31 -3.93 5.25 12.72
C ARG A 31 -3.53 5.78 11.33
N CYS A 32 -3.66 4.94 10.32
CA CYS A 32 -3.32 5.32 8.96
C CYS A 32 -4.48 5.03 8.01
N GLN A 33 -4.88 3.76 7.93
CA GLN A 33 -5.98 3.36 7.05
C GLN A 33 -5.75 3.85 5.63
N VAL A 34 -4.62 3.47 5.05
CA VAL A 34 -4.29 3.87 3.68
C VAL A 34 -4.12 2.65 2.78
N TRP A 35 -4.89 2.62 1.70
CA TRP A 35 -4.83 1.51 0.75
C TRP A 35 -3.75 1.76 -0.30
N GLN A 36 -3.02 0.70 -0.64
CA GLN A 36 -1.95 0.80 -1.63
C GLN A 36 -2.00 -0.36 -2.61
N HIS A 37 -1.29 -0.23 -3.73
CA HIS A 37 -1.26 -1.26 -4.74
C HIS A 37 -0.23 -2.34 -4.39
N LEU A 38 -0.72 -3.55 -4.13
CA LEU A 38 0.16 -4.66 -3.77
C LEU A 38 1.22 -4.89 -4.85
N ASN A 39 0.80 -4.81 -6.11
CA ASN A 39 1.70 -5.01 -7.23
C ASN A 39 2.78 -3.92 -7.26
N CYS A 40 2.48 -2.78 -6.62
CA CYS A 40 3.42 -1.67 -6.57
C CYS A 40 4.36 -1.81 -5.38
N VAL A 41 3.86 -2.40 -4.30
CA VAL A 41 4.66 -2.59 -3.09
C VAL A 41 5.15 -4.04 -2.99
N LEU A 42 5.04 -4.77 -4.08
CA LEU A 42 5.48 -6.16 -4.11
C LEU A 42 6.91 -6.27 -4.64
N ILE A 43 7.82 -6.74 -3.79
CA ILE A 43 9.21 -6.89 -4.18
C ILE A 43 9.66 -8.34 -4.02
N PRO A 44 9.92 -9.01 -5.16
CA PRO A 44 10.37 -10.41 -5.17
C PRO A 44 11.79 -10.57 -4.64
N ASP A 45 12.05 -11.72 -4.04
CA ASP A 45 13.37 -12.00 -3.47
C ASP A 45 14.46 -11.80 -4.53
N LYS A 46 14.08 -11.99 -5.79
CA LYS A 46 15.03 -11.83 -6.90
C LYS A 46 14.38 -11.09 -8.06
N PRO A 47 15.23 -10.53 -8.95
CA PRO A 47 14.76 -9.79 -10.12
C PRO A 47 14.10 -10.69 -11.16
N GLY A 48 12.80 -10.46 -11.39
CA GLY A 48 12.07 -11.26 -12.35
C GLY A 48 11.51 -12.53 -11.75
N GLU A 49 11.55 -12.63 -10.42
CA GLU A 49 11.03 -13.80 -9.72
C GLU A 49 9.63 -13.55 -9.20
N SER A 50 9.11 -14.49 -8.42
CA SER A 50 7.76 -14.37 -7.86
C SER A 50 7.75 -13.40 -6.68
N ALA A 51 7.00 -12.33 -6.83
CA ALA A 51 6.89 -11.32 -5.78
C ALA A 51 6.53 -11.96 -4.44
N GLU A 52 6.70 -11.21 -3.35
CA GLU A 52 6.40 -11.70 -2.03
C GLU A 52 5.30 -10.86 -1.37
N VAL A 53 4.16 -11.48 -1.11
CA VAL A 53 3.04 -10.79 -0.48
C VAL A 53 2.93 -11.15 1.00
N PRO A 54 3.51 -10.31 1.86
CA PRO A 54 3.50 -10.51 3.31
C PRO A 54 2.10 -10.31 3.91
N PRO A 55 1.90 -10.84 5.12
CA PRO A 55 0.61 -10.74 5.83
C PRO A 55 0.32 -9.31 6.29
N VAL A 56 1.34 -8.66 6.86
CA VAL A 56 1.19 -7.30 7.35
C VAL A 56 1.88 -6.31 6.42
N PHE A 57 1.13 -5.31 5.97
CA PHE A 57 1.66 -4.29 5.07
C PHE A 57 1.59 -2.91 5.70
N TYR A 58 2.63 -2.11 5.48
CA TYR A 58 2.68 -0.76 6.04
C TYR A 58 3.12 0.25 4.99
N CYS A 59 2.32 1.29 4.80
CA CYS A 59 2.62 2.32 3.82
C CYS A 59 3.98 2.96 4.11
N GLU A 60 4.33 3.98 3.33
CA GLU A 60 5.59 4.68 3.50
C GLU A 60 5.68 5.33 4.88
N LEU A 61 4.61 6.02 5.27
CA LEU A 61 4.57 6.69 6.56
C LEU A 61 4.91 5.73 7.69
N CYS A 62 4.12 4.66 7.82
CA CYS A 62 4.35 3.66 8.84
C CYS A 62 5.69 2.96 8.64
N ARG A 63 6.05 2.72 7.39
CA ARG A 63 7.31 2.06 7.07
C ARG A 63 8.49 2.78 7.70
N LEU A 64 8.59 4.08 7.43
CA LEU A 64 9.67 4.88 7.99
C LEU A 64 9.55 5.01 9.51
N SER A 65 8.32 5.23 9.97
CA SER A 65 8.06 5.36 11.40
C SER A 65 8.43 4.08 12.15
N ARG A 66 8.42 2.96 11.42
CA ARG A 66 8.74 1.67 12.01
C ARG A 66 10.22 1.35 11.83
N ALA A 67 10.81 1.88 10.76
CA ALA A 67 12.22 1.66 10.47
C ALA A 67 12.51 0.17 10.32
N ASP A 68 11.50 -0.60 9.93
CA ASP A 68 11.65 -2.04 9.75
C ASP A 68 11.29 -2.44 8.32
N GLY A 1 -8.99 19.60 0.01
CA GLY A 1 -10.33 19.06 0.13
C GLY A 1 -10.34 17.55 0.11
N SER A 2 -11.47 16.96 0.50
CA SER A 2 -11.60 15.50 0.52
C SER A 2 -13.07 15.09 0.38
N ASP A 3 -13.45 14.76 -0.86
CA ASP A 3 -14.82 14.34 -1.15
C ASP A 3 -14.89 12.84 -1.42
N SER A 4 -13.80 12.30 -1.97
CA SER A 4 -13.75 10.88 -2.29
C SER A 4 -12.83 10.14 -1.31
N PHE A 5 -11.87 10.87 -0.75
CA PHE A 5 -10.93 10.29 0.21
C PHE A 5 -11.64 9.91 1.50
N GLN A 6 -12.10 8.67 1.59
CA GLN A 6 -12.79 8.19 2.78
C GLN A 6 -11.88 8.26 4.00
N PRO A 7 -12.49 8.38 5.19
CA PRO A 7 -11.75 8.45 6.45
C PRO A 7 -11.09 7.12 6.82
N GLU A 8 -11.61 6.03 6.25
CA GLU A 8 -11.06 4.71 6.53
C GLU A 8 -10.51 4.09 5.25
N ALA A 9 -10.95 4.59 4.10
CA ALA A 9 -10.49 4.08 2.82
C ALA A 9 -9.81 5.18 2.01
N LYS A 10 -8.50 5.32 2.19
CA LYS A 10 -7.73 6.34 1.48
C LYS A 10 -6.62 5.69 0.64
N VAL A 11 -6.77 5.76 -0.67
CA VAL A 11 -5.78 5.19 -1.58
C VAL A 11 -4.59 6.12 -1.77
N ARG A 12 -3.45 5.74 -1.21
CA ARG A 12 -2.23 6.55 -1.32
C ARG A 12 -1.04 5.69 -1.75
N CYS A 13 -0.82 5.61 -3.05
CA CYS A 13 0.29 4.82 -3.58
C CYS A 13 1.35 5.73 -4.19
N ILE A 14 2.58 5.22 -4.27
CA ILE A 14 3.69 5.98 -4.84
C ILE A 14 3.40 6.39 -6.28
N CYS A 15 2.50 5.66 -6.92
CA CYS A 15 2.14 5.95 -8.30
C CYS A 15 1.10 7.06 -8.37
N SER A 16 0.63 7.49 -7.20
CA SER A 16 -0.37 8.55 -7.13
C SER A 16 -1.59 8.22 -7.99
N SER A 17 -1.96 6.95 -7.99
CA SER A 17 -3.11 6.49 -8.77
C SER A 17 -4.10 5.74 -7.90
N THR A 18 -5.30 6.30 -7.77
CA THR A 18 -6.35 5.68 -6.96
C THR A 18 -7.25 4.79 -7.80
N MET A 19 -6.68 4.22 -8.85
CA MET A 19 -7.44 3.34 -9.74
C MET A 19 -7.57 1.95 -9.14
N VAL A 20 -8.24 1.05 -9.86
CA VAL A 20 -8.43 -0.32 -9.40
C VAL A 20 -7.41 -1.26 -10.04
N ASN A 21 -6.20 -1.27 -9.48
CA ASN A 21 -5.15 -2.13 -9.99
C ASN A 21 -5.53 -3.60 -9.89
N ASP A 22 -4.54 -4.48 -10.07
CA ASP A 22 -4.79 -5.92 -9.99
C ASP A 22 -5.30 -6.31 -8.61
N SER A 23 -4.74 -5.68 -7.58
CA SER A 23 -5.14 -5.97 -6.20
C SER A 23 -4.63 -4.90 -5.26
N MET A 24 -5.52 -4.41 -4.39
CA MET A 24 -5.16 -3.37 -3.43
C MET A 24 -4.98 -3.97 -2.03
N ILE A 25 -4.39 -3.19 -1.13
CA ILE A 25 -4.17 -3.64 0.24
C ILE A 25 -4.18 -2.47 1.21
N GLN A 26 -4.92 -2.62 2.30
CA GLN A 26 -5.02 -1.57 3.31
C GLN A 26 -3.89 -1.70 4.33
N CYS A 27 -3.36 -0.55 4.75
CA CYS A 27 -2.27 -0.53 5.73
C CYS A 27 -2.65 -1.30 6.98
N GLU A 28 -1.65 -1.83 7.67
CA GLU A 28 -1.88 -2.59 8.89
C GLU A 28 -1.88 -1.68 10.11
N ASP A 29 -2.04 -0.39 9.88
CA ASP A 29 -2.07 0.59 10.95
C ASP A 29 -3.41 1.30 11.02
N GLN A 30 -4.12 1.11 12.13
CA GLN A 30 -5.43 1.74 12.32
C GLN A 30 -5.32 3.26 12.31
N ARG A 31 -4.13 3.76 12.61
CA ARG A 31 -3.90 5.19 12.64
C ARG A 31 -3.50 5.71 11.26
N CYS A 32 -3.62 4.85 10.25
CA CYS A 32 -3.27 5.21 8.88
C CYS A 32 -4.43 4.93 7.94
N GLN A 33 -4.84 3.67 7.88
CA GLN A 33 -5.95 3.26 7.01
C GLN A 33 -5.73 3.75 5.59
N VAL A 34 -4.59 3.38 5.01
CA VAL A 34 -4.27 3.79 3.65
C VAL A 34 -4.10 2.58 2.73
N TRP A 35 -4.87 2.56 1.65
CA TRP A 35 -4.81 1.45 0.70
C TRP A 35 -3.72 1.69 -0.35
N GLN A 36 -3.12 0.61 -0.82
CA GLN A 36 -2.06 0.70 -1.82
C GLN A 36 -2.09 -0.50 -2.76
N HIS A 37 -1.51 -0.33 -3.94
CA HIS A 37 -1.48 -1.41 -4.94
C HIS A 37 -0.49 -2.50 -4.51
N LEU A 38 -1.02 -3.68 -4.25
CA LEU A 38 -0.19 -4.82 -3.84
C LEU A 38 0.98 -5.02 -4.82
N ASN A 39 0.70 -4.87 -6.10
CA ASN A 39 1.72 -5.03 -7.13
C ASN A 39 2.80 -3.97 -6.99
N CYS A 40 2.42 -2.79 -6.51
CA CYS A 40 3.36 -1.70 -6.32
C CYS A 40 4.22 -1.92 -5.08
N VAL A 41 3.62 -2.51 -4.05
CA VAL A 41 4.33 -2.79 -2.81
C VAL A 41 4.88 -4.21 -2.79
N LEU A 42 4.78 -4.88 -3.93
CA LEU A 42 5.28 -6.25 -4.05
C LEU A 42 6.68 -6.28 -4.65
N ILE A 43 7.62 -6.83 -3.89
CA ILE A 43 9.01 -6.92 -4.36
C ILE A 43 9.48 -8.37 -4.39
N PRO A 44 9.57 -8.93 -5.61
CA PRO A 44 10.00 -10.31 -5.82
C PRO A 44 11.49 -10.50 -5.51
N ASP A 45 11.82 -11.61 -4.86
CA ASP A 45 13.20 -11.92 -4.50
C ASP A 45 14.11 -11.80 -5.74
N LYS A 46 13.55 -12.10 -6.90
CA LYS A 46 14.31 -12.04 -8.14
C LYS A 46 13.48 -11.41 -9.26
N PRO A 47 14.15 -10.94 -10.31
CA PRO A 47 13.50 -10.31 -11.47
C PRO A 47 12.72 -11.33 -12.30
N GLY A 48 11.40 -11.15 -12.35
CA GLY A 48 10.57 -12.05 -13.11
C GLY A 48 9.94 -13.14 -12.25
N GLU A 49 10.54 -13.39 -11.10
CA GLU A 49 10.04 -14.41 -10.19
C GLU A 49 8.71 -14.00 -9.58
N SER A 50 8.18 -14.83 -8.69
CA SER A 50 6.91 -14.55 -8.03
C SER A 50 7.11 -13.59 -6.87
N ALA A 51 6.43 -12.44 -6.94
CA ALA A 51 6.53 -11.42 -5.89
C ALA A 51 6.27 -12.04 -4.52
N GLU A 52 6.63 -11.31 -3.47
CA GLU A 52 6.43 -11.77 -2.11
C GLU A 52 5.36 -10.95 -1.39
N VAL A 53 4.24 -11.58 -1.09
CA VAL A 53 3.14 -10.91 -0.41
C VAL A 53 3.13 -11.25 1.07
N PRO A 54 3.66 -10.33 1.89
CA PRO A 54 3.71 -10.51 3.35
C PRO A 54 2.34 -10.42 4.00
N PRO A 55 2.24 -10.89 5.25
CA PRO A 55 0.99 -10.89 6.01
C PRO A 55 0.56 -9.48 6.40
N VAL A 56 1.50 -8.68 6.87
CA VAL A 56 1.22 -7.31 7.28
C VAL A 56 1.90 -6.31 6.35
N PHE A 57 1.13 -5.31 5.92
CA PHE A 57 1.66 -4.28 5.03
C PHE A 57 1.62 -2.90 5.69
N TYR A 58 2.67 -2.13 5.49
CA TYR A 58 2.77 -0.79 6.07
C TYR A 58 3.22 0.22 5.03
N CYS A 59 2.41 1.26 4.83
CA CYS A 59 2.72 2.30 3.86
C CYS A 59 4.05 2.96 4.18
N GLU A 60 4.39 4.01 3.44
CA GLU A 60 5.64 4.73 3.64
C GLU A 60 5.68 5.38 5.02
N LEU A 61 4.59 6.04 5.38
CA LEU A 61 4.49 6.71 6.67
C LEU A 61 4.85 5.75 7.81
N CYS A 62 4.12 4.66 7.91
CA CYS A 62 4.36 3.67 8.94
C CYS A 62 5.73 3.02 8.77
N ARG A 63 6.11 2.77 7.52
CA ARG A 63 7.39 2.15 7.21
C ARG A 63 8.53 2.94 7.86
N LEU A 64 8.57 4.25 7.59
CA LEU A 64 9.61 5.11 8.15
C LEU A 64 9.48 5.23 9.66
N SER A 65 8.24 5.39 10.13
CA SER A 65 7.98 5.52 11.56
C SER A 65 8.40 4.24 12.30
N ARG A 66 8.42 3.13 11.58
CA ARG A 66 8.80 1.85 12.17
C ARG A 66 10.29 1.58 11.97
N ALA A 67 10.86 2.16 10.91
CA ALA A 67 12.27 1.98 10.61
C ALA A 67 12.67 2.78 9.37
N ASP A 68 12.13 2.40 8.22
CA ASP A 68 12.44 3.08 6.97
C ASP A 68 11.43 2.72 5.88
N GLY A 1 -5.73 13.71 -8.50
CA GLY A 1 -6.48 12.54 -8.95
C GLY A 1 -7.28 11.89 -7.84
N SER A 2 -7.82 12.72 -6.95
CA SER A 2 -8.61 12.23 -5.83
C SER A 2 -9.56 13.31 -5.32
N ASP A 3 -10.85 12.99 -5.31
CA ASP A 3 -11.87 13.93 -4.84
C ASP A 3 -12.74 13.30 -3.76
N SER A 4 -12.18 12.33 -3.03
CA SER A 4 -12.91 11.64 -1.98
C SER A 4 -12.01 10.63 -1.27
N PHE A 5 -11.24 11.11 -0.29
CA PHE A 5 -10.34 10.25 0.46
C PHE A 5 -10.86 10.04 1.88
N GLN A 6 -11.66 8.99 2.05
CA GLN A 6 -12.23 8.67 3.37
C GLN A 6 -11.13 8.42 4.39
N PRO A 7 -11.44 8.67 5.66
CA PRO A 7 -10.49 8.48 6.77
C PRO A 7 -10.17 7.02 7.02
N GLU A 8 -11.02 6.13 6.49
CA GLU A 8 -10.84 4.70 6.66
C GLU A 8 -10.46 4.04 5.34
N ALA A 9 -10.85 4.66 4.23
CA ALA A 9 -10.55 4.14 2.91
C ALA A 9 -9.90 5.20 2.04
N LYS A 10 -8.58 5.36 2.19
CA LYS A 10 -7.83 6.35 1.41
C LYS A 10 -6.73 5.67 0.62
N VAL A 11 -6.88 5.67 -0.71
CA VAL A 11 -5.88 5.06 -1.59
C VAL A 11 -4.71 6.00 -1.84
N ARG A 12 -3.56 5.69 -1.24
CA ARG A 12 -2.37 6.52 -1.40
C ARG A 12 -1.18 5.67 -1.83
N CYS A 13 -0.97 5.56 -3.13
CA CYS A 13 0.13 4.78 -3.67
C CYS A 13 1.18 5.68 -4.29
N ILE A 14 2.42 5.18 -4.40
CA ILE A 14 3.51 5.94 -4.97
C ILE A 14 3.20 6.34 -6.41
N CYS A 15 2.28 5.62 -7.04
CA CYS A 15 1.89 5.90 -8.41
C CYS A 15 0.83 7.00 -8.47
N SER A 16 0.39 7.44 -7.30
CA SER A 16 -0.63 8.49 -7.20
C SER A 16 -1.86 8.11 -8.02
N SER A 17 -2.22 6.83 -7.99
CA SER A 17 -3.38 6.34 -8.74
C SER A 17 -4.32 5.56 -7.83
N THR A 18 -5.54 6.07 -7.68
CA THR A 18 -6.54 5.44 -6.83
C THR A 18 -7.44 4.51 -7.65
N MET A 19 -6.88 3.94 -8.70
CA MET A 19 -7.63 3.03 -9.56
C MET A 19 -7.67 1.63 -8.97
N VAL A 20 -8.33 0.71 -9.68
CA VAL A 20 -8.44 -0.67 -9.23
C VAL A 20 -7.39 -1.55 -9.90
N ASN A 21 -6.17 -1.50 -9.40
CA ASN A 21 -5.07 -2.29 -9.94
C ASN A 21 -5.39 -3.79 -9.86
N ASP A 22 -4.38 -4.61 -10.13
CA ASP A 22 -4.56 -6.06 -10.08
C ASP A 22 -5.03 -6.50 -8.71
N SER A 23 -4.53 -5.86 -7.66
CA SER A 23 -4.90 -6.19 -6.29
C SER A 23 -4.49 -5.08 -5.34
N MET A 24 -5.44 -4.60 -4.54
CA MET A 24 -5.18 -3.54 -3.57
C MET A 24 -5.08 -4.11 -2.16
N ILE A 25 -4.48 -3.33 -1.26
CA ILE A 25 -4.34 -3.76 0.12
C ILE A 25 -4.33 -2.56 1.07
N GLN A 26 -4.98 -2.72 2.22
CA GLN A 26 -5.05 -1.65 3.20
C GLN A 26 -3.91 -1.76 4.22
N CYS A 27 -3.46 -0.62 4.71
CA CYS A 27 -2.37 -0.59 5.69
C CYS A 27 -2.76 -1.32 6.96
N GLU A 28 -1.77 -1.86 7.66
CA GLU A 28 -2.02 -2.58 8.90
C GLU A 28 -1.99 -1.64 10.10
N ASP A 29 -2.09 -0.34 9.82
CA ASP A 29 -2.08 0.68 10.86
C ASP A 29 -3.43 1.37 10.96
N GLN A 30 -4.14 1.14 12.06
CA GLN A 30 -5.45 1.76 12.26
C GLN A 30 -5.35 3.28 12.24
N ARG A 31 -4.16 3.80 12.52
CA ARG A 31 -3.94 5.23 12.53
C ARG A 31 -3.57 5.73 11.14
N CYS A 32 -3.67 4.85 10.14
CA CYS A 32 -3.34 5.19 8.77
C CYS A 32 -4.51 4.90 7.83
N GLN A 33 -4.94 3.64 7.80
CA GLN A 33 -6.05 3.24 6.96
C GLN A 33 -5.84 3.69 5.52
N VAL A 34 -4.65 3.42 4.99
CA VAL A 34 -4.32 3.81 3.62
C VAL A 34 -4.19 2.58 2.73
N TRP A 35 -4.92 2.60 1.61
CA TRP A 35 -4.89 1.49 0.66
C TRP A 35 -3.83 1.71 -0.41
N GLN A 36 -3.18 0.62 -0.83
CA GLN A 36 -2.14 0.70 -1.85
C GLN A 36 -2.20 -0.50 -2.78
N HIS A 37 -1.52 -0.40 -3.92
CA HIS A 37 -1.50 -1.48 -4.90
C HIS A 37 -0.48 -2.55 -4.49
N LEU A 38 -0.96 -3.78 -4.34
CA LEU A 38 -0.09 -4.89 -3.95
C LEU A 38 1.10 -5.01 -4.91
N ASN A 39 0.82 -4.86 -6.19
CA ASN A 39 1.86 -4.96 -7.21
C ASN A 39 2.88 -3.83 -7.06
N CYS A 40 2.48 -2.77 -6.36
CA CYS A 40 3.36 -1.64 -6.13
C CYS A 40 4.14 -1.80 -4.83
N VAL A 41 3.54 -2.48 -3.86
CA VAL A 41 4.18 -2.71 -2.57
C VAL A 41 4.73 -4.13 -2.48
N LEU A 42 4.77 -4.82 -3.61
CA LEU A 42 5.28 -6.19 -3.66
C LEU A 42 6.79 -6.21 -3.83
N ILE A 43 7.51 -6.40 -2.74
CA ILE A 43 8.96 -6.44 -2.77
C ILE A 43 9.48 -7.81 -2.35
N PRO A 44 10.40 -8.37 -3.15
CA PRO A 44 10.99 -9.68 -2.88
C PRO A 44 11.93 -9.66 -1.68
N ASP A 45 11.89 -10.72 -0.88
CA ASP A 45 12.73 -10.83 0.29
C ASP A 45 14.20 -10.54 -0.05
N LYS A 46 14.58 -10.88 -1.27
CA LYS A 46 15.95 -10.66 -1.73
C LYS A 46 15.97 -10.12 -3.16
N PRO A 47 17.08 -9.47 -3.53
CA PRO A 47 17.25 -8.91 -4.88
C PRO A 47 17.40 -9.98 -5.95
N GLY A 48 16.71 -9.80 -7.07
CA GLY A 48 16.78 -10.77 -8.14
C GLY A 48 15.72 -11.84 -8.04
N GLU A 49 15.14 -11.99 -6.86
CA GLU A 49 14.10 -12.97 -6.63
C GLU A 49 12.73 -12.46 -7.06
N SER A 50 11.69 -13.22 -6.75
CA SER A 50 10.33 -12.84 -7.11
C SER A 50 9.62 -12.18 -5.94
N ALA A 51 9.00 -11.03 -6.19
CA ALA A 51 8.28 -10.30 -5.15
C ALA A 51 7.35 -11.23 -4.38
N GLU A 52 6.93 -10.79 -3.19
CA GLU A 52 6.05 -11.58 -2.35
C GLU A 52 4.99 -10.69 -1.69
N VAL A 53 3.83 -11.28 -1.42
CA VAL A 53 2.74 -10.55 -0.79
C VAL A 53 2.58 -10.95 0.67
N PRO A 54 3.22 -10.17 1.56
CA PRO A 54 3.16 -10.42 3.02
C PRO A 54 1.79 -10.13 3.59
N PRO A 55 1.51 -10.70 4.78
CA PRO A 55 0.23 -10.52 5.47
C PRO A 55 0.06 -9.11 6.01
N VAL A 56 1.12 -8.57 6.62
CA VAL A 56 1.09 -7.23 7.18
C VAL A 56 1.74 -6.23 6.24
N PHE A 57 0.97 -5.23 5.82
CA PHE A 57 1.46 -4.20 4.91
C PHE A 57 1.51 -2.84 5.61
N TYR A 58 2.58 -2.09 5.36
CA TYR A 58 2.73 -0.77 5.95
C TYR A 58 3.17 0.25 4.90
N CYS A 59 2.35 1.27 4.71
CA CYS A 59 2.64 2.32 3.74
C CYS A 59 3.99 2.97 4.03
N GLU A 60 4.33 3.99 3.25
CA GLU A 60 5.59 4.70 3.42
C GLU A 60 5.69 5.30 4.82
N LEU A 61 4.62 5.97 5.25
CA LEU A 61 4.59 6.59 6.56
C LEU A 61 4.94 5.60 7.65
N CYS A 62 4.16 4.52 7.74
CA CYS A 62 4.39 3.48 8.73
C CYS A 62 5.72 2.78 8.50
N ARG A 63 6.17 2.79 7.24
CA ARG A 63 7.43 2.15 6.88
C ARG A 63 8.61 2.90 7.47
N LEU A 64 8.64 4.22 7.26
CA LEU A 64 9.72 5.05 7.77
C LEU A 64 9.60 5.21 9.29
N SER A 65 8.37 5.19 9.79
CA SER A 65 8.14 5.33 11.22
C SER A 65 8.51 4.06 11.96
N ARG A 66 8.29 2.91 11.31
CA ARG A 66 8.61 1.62 11.91
C ARG A 66 10.04 1.22 11.62
N ALA A 67 10.61 1.78 10.55
CA ALA A 67 11.98 1.49 10.17
C ALA A 67 12.96 1.84 11.28
N ASP A 68 12.56 2.79 12.13
CA ASP A 68 13.41 3.21 13.24
C ASP A 68 12.58 3.91 14.32
N GLY A 1 -15.29 17.78 -1.90
CA GLY A 1 -16.65 17.38 -1.57
C GLY A 1 -16.87 15.90 -1.78
N SER A 2 -16.44 15.39 -2.93
CA SER A 2 -16.61 13.98 -3.26
C SER A 2 -15.47 13.49 -4.15
N ASP A 3 -14.26 13.45 -3.59
CA ASP A 3 -13.09 13.00 -4.33
C ASP A 3 -12.75 11.56 -3.97
N SER A 4 -13.76 10.78 -3.60
CA SER A 4 -13.56 9.38 -3.24
C SER A 4 -12.59 9.26 -2.07
N PHE A 5 -12.49 10.32 -1.29
CA PHE A 5 -11.59 10.34 -0.13
C PHE A 5 -12.33 9.95 1.14
N GLN A 6 -12.31 8.66 1.47
CA GLN A 6 -12.99 8.15 2.65
C GLN A 6 -12.10 8.31 3.89
N PRO A 7 -12.73 8.41 5.07
CA PRO A 7 -12.03 8.56 6.34
C PRO A 7 -11.28 7.30 6.74
N GLU A 8 -11.75 6.16 6.24
CA GLU A 8 -11.13 4.88 6.55
C GLU A 8 -10.55 4.23 5.29
N ALA A 9 -11.05 4.66 4.13
CA ALA A 9 -10.58 4.12 2.86
C ALA A 9 -9.88 5.20 2.04
N LYS A 10 -8.58 5.36 2.27
CA LYS A 10 -7.79 6.35 1.56
C LYS A 10 -6.68 5.68 0.74
N VAL A 11 -6.83 5.71 -0.58
CA VAL A 11 -5.85 5.10 -1.46
C VAL A 11 -4.66 6.03 -1.68
N ARG A 12 -3.53 5.70 -1.07
CA ARG A 12 -2.32 6.51 -1.20
C ARG A 12 -1.13 5.66 -1.62
N CYS A 13 -0.91 5.56 -2.93
CA CYS A 13 0.19 4.76 -3.46
C CYS A 13 1.30 5.67 -4.00
N ILE A 14 2.51 5.13 -4.09
CA ILE A 14 3.64 5.89 -4.60
C ILE A 14 3.39 6.37 -6.02
N CYS A 15 2.49 5.69 -6.72
CA CYS A 15 2.15 6.06 -8.09
C CYS A 15 1.09 7.16 -8.13
N SER A 16 0.64 7.57 -6.94
CA SER A 16 -0.37 8.62 -6.84
C SER A 16 -1.59 8.29 -7.69
N SER A 17 -1.96 7.01 -7.72
CA SER A 17 -3.10 6.57 -8.50
C SER A 17 -4.10 5.82 -7.62
N THR A 18 -5.30 6.38 -7.47
CA THR A 18 -6.34 5.78 -6.66
C THR A 18 -7.26 4.89 -7.51
N MET A 19 -6.71 4.31 -8.56
CA MET A 19 -7.47 3.44 -9.44
C MET A 19 -7.48 2.01 -8.94
N VAL A 20 -8.14 1.12 -9.67
CA VAL A 20 -8.23 -0.29 -9.30
C VAL A 20 -7.10 -1.08 -9.93
N ASN A 21 -5.96 -1.14 -9.25
CA ASN A 21 -4.80 -1.88 -9.75
C ASN A 21 -5.06 -3.38 -9.72
N ASP A 22 -4.01 -4.16 -9.94
CA ASP A 22 -4.12 -5.62 -9.95
C ASP A 22 -4.64 -6.12 -8.60
N SER A 23 -4.19 -5.49 -7.52
CA SER A 23 -4.61 -5.88 -6.17
C SER A 23 -4.26 -4.79 -5.16
N MET A 24 -5.27 -4.36 -4.42
CA MET A 24 -5.07 -3.31 -3.41
C MET A 24 -4.97 -3.92 -2.02
N ILE A 25 -4.40 -3.16 -1.08
CA ILE A 25 -4.23 -3.62 0.29
C ILE A 25 -4.27 -2.46 1.27
N GLN A 26 -5.04 -2.61 2.34
CA GLN A 26 -5.15 -1.56 3.35
C GLN A 26 -4.04 -1.70 4.39
N CYS A 27 -3.47 -0.56 4.79
CA CYS A 27 -2.41 -0.55 5.78
C CYS A 27 -2.82 -1.31 7.04
N GLU A 28 -1.84 -1.89 7.72
CA GLU A 28 -2.10 -2.65 8.93
C GLU A 28 -2.04 -1.75 10.16
N ASP A 29 -2.17 -0.44 9.93
CA ASP A 29 -2.14 0.53 11.02
C ASP A 29 -3.47 1.27 11.13
N GLN A 30 -4.19 1.01 12.21
CA GLN A 30 -5.48 1.64 12.44
C GLN A 30 -5.34 3.15 12.48
N ARG A 31 -4.13 3.63 12.77
CA ARG A 31 -3.86 5.06 12.84
C ARG A 31 -3.47 5.61 11.47
N CYS A 32 -3.66 4.79 10.44
CA CYS A 32 -3.32 5.20 9.08
C CYS A 32 -4.48 4.92 8.13
N GLN A 33 -4.89 3.67 8.03
CA GLN A 33 -5.99 3.27 7.16
C GLN A 33 -5.77 3.81 5.75
N VAL A 34 -4.68 3.36 5.12
CA VAL A 34 -4.36 3.79 3.76
C VAL A 34 -4.19 2.59 2.83
N TRP A 35 -4.95 2.57 1.75
CA TRP A 35 -4.89 1.48 0.78
C TRP A 35 -3.79 1.73 -0.24
N GLN A 36 -3.07 0.67 -0.60
CA GLN A 36 -1.97 0.78 -1.57
C GLN A 36 -2.02 -0.38 -2.56
N HIS A 37 -1.28 -0.24 -3.65
CA HIS A 37 -1.24 -1.27 -4.67
C HIS A 37 -0.24 -2.36 -4.31
N LEU A 38 -0.74 -3.55 -4.03
CA LEU A 38 0.10 -4.68 -3.65
C LEU A 38 1.21 -4.89 -4.68
N ASN A 39 0.85 -4.78 -5.96
CA ASN A 39 1.82 -4.96 -7.04
C ASN A 39 2.91 -3.91 -6.97
N CYS A 40 2.56 -2.73 -6.44
CA CYS A 40 3.53 -1.64 -6.31
C CYS A 40 4.43 -1.85 -5.10
N VAL A 41 3.88 -2.42 -4.05
CA VAL A 41 4.64 -2.68 -2.82
C VAL A 41 5.11 -4.13 -2.77
N LEU A 42 5.02 -4.82 -3.90
CA LEU A 42 5.45 -6.22 -3.98
C LEU A 42 6.87 -6.32 -4.52
N ILE A 43 7.78 -6.84 -3.71
CA ILE A 43 9.17 -7.00 -4.11
C ILE A 43 9.59 -8.46 -4.05
N PRO A 44 9.79 -9.07 -5.23
CA PRO A 44 10.20 -10.47 -5.34
C PRO A 44 11.64 -10.69 -4.87
N ASP A 45 11.89 -11.84 -4.26
CA ASP A 45 13.22 -12.17 -3.76
C ASP A 45 14.26 -11.99 -4.85
N LYS A 46 13.86 -12.23 -6.09
CA LYS A 46 14.77 -12.09 -7.22
C LYS A 46 14.05 -11.47 -8.42
N PRO A 47 14.83 -10.93 -9.37
CA PRO A 47 14.30 -10.30 -10.58
C PRO A 47 13.67 -11.31 -11.53
N GLY A 48 12.36 -11.18 -11.74
CA GLY A 48 11.67 -12.08 -12.63
C GLY A 48 10.93 -13.18 -11.88
N GLU A 49 11.29 -13.38 -10.62
CA GLU A 49 10.67 -14.40 -9.79
C GLU A 49 9.27 -13.97 -9.35
N SER A 50 8.67 -14.75 -8.46
CA SER A 50 7.33 -14.45 -7.96
C SER A 50 7.41 -13.50 -6.76
N ALA A 51 6.72 -12.36 -6.86
CA ALA A 51 6.71 -11.37 -5.79
C ALA A 51 6.36 -12.02 -4.46
N GLU A 52 6.61 -11.30 -3.37
CA GLU A 52 6.32 -11.80 -2.03
C GLU A 52 5.25 -10.96 -1.35
N VAL A 53 4.09 -11.58 -1.11
CA VAL A 53 2.98 -10.89 -0.46
C VAL A 53 2.87 -11.27 1.01
N PRO A 54 3.44 -10.42 1.88
CA PRO A 54 3.42 -10.64 3.33
C PRO A 54 2.02 -10.48 3.92
N PRO A 55 1.83 -11.01 5.14
CA PRO A 55 0.55 -10.94 5.85
C PRO A 55 0.22 -9.52 6.30
N VAL A 56 1.21 -8.83 6.86
CA VAL A 56 1.03 -7.47 7.34
C VAL A 56 1.72 -6.46 6.42
N PHE A 57 0.97 -5.46 5.98
CA PHE A 57 1.51 -4.43 5.10
C PHE A 57 1.51 -3.07 5.78
N TYR A 58 2.57 -2.30 5.55
CA TYR A 58 2.69 -0.97 6.15
C TYR A 58 3.11 0.06 5.10
N CYS A 59 2.24 1.02 4.84
CA CYS A 59 2.52 2.06 3.86
C CYS A 59 3.90 2.67 4.10
N GLU A 60 4.44 3.33 3.07
CA GLU A 60 5.76 3.96 3.17
C GLU A 60 5.84 4.84 4.42
N LEU A 61 4.81 5.64 4.65
CA LEU A 61 4.76 6.53 5.80
C LEU A 61 5.09 5.77 7.08
N CYS A 62 4.44 4.64 7.28
CA CYS A 62 4.66 3.81 8.46
C CYS A 62 5.99 3.08 8.37
N ARG A 63 6.38 2.70 7.16
CA ARG A 63 7.62 1.99 6.93
C ARG A 63 8.82 2.86 7.29
N LEU A 64 8.70 4.16 7.03
CA LEU A 64 9.77 5.11 7.32
C LEU A 64 9.68 5.60 8.76
N SER A 65 8.46 5.76 9.25
CA SER A 65 8.24 6.22 10.62
C SER A 65 8.53 5.11 11.63
N ARG A 66 8.50 3.87 11.14
CA ARG A 66 8.75 2.71 12.00
C ARG A 66 10.08 2.05 11.63
N ALA A 67 10.51 2.24 10.40
CA ALA A 67 11.77 1.66 9.92
C ALA A 67 11.74 0.14 10.02
N ASP A 68 10.56 -0.44 9.80
CA ASP A 68 10.39 -1.89 9.85
C ASP A 68 9.39 -2.36 8.81
N GLY A 1 -6.24 14.83 -8.96
CA GLY A 1 -5.77 14.26 -7.72
C GLY A 1 -6.89 13.62 -6.92
N SER A 2 -6.60 13.25 -5.67
CA SER A 2 -7.59 12.63 -4.81
C SER A 2 -8.54 13.67 -4.22
N ASP A 3 -9.83 13.49 -4.46
CA ASP A 3 -10.84 14.41 -3.96
C ASP A 3 -11.61 13.79 -2.79
N SER A 4 -11.97 12.52 -2.94
CA SER A 4 -12.71 11.82 -1.89
C SER A 4 -11.83 10.77 -1.21
N PHE A 5 -11.05 11.21 -0.23
CA PHE A 5 -10.16 10.32 0.51
C PHE A 5 -10.68 10.08 1.92
N GLN A 6 -11.51 9.05 2.07
CA GLN A 6 -12.08 8.70 3.37
C GLN A 6 -10.97 8.37 4.38
N PRO A 7 -11.27 8.58 5.67
CA PRO A 7 -10.32 8.31 6.75
C PRO A 7 -10.08 6.82 6.94
N GLU A 8 -10.96 6.00 6.40
CA GLU A 8 -10.84 4.55 6.51
C GLU A 8 -10.49 3.93 5.17
N ALA A 9 -10.87 4.60 4.09
CA ALA A 9 -10.58 4.11 2.74
C ALA A 9 -9.90 5.18 1.91
N LYS A 10 -8.59 5.32 2.07
CA LYS A 10 -7.81 6.30 1.34
C LYS A 10 -6.74 5.63 0.49
N VAL A 11 -6.93 5.65 -0.83
CA VAL A 11 -5.98 5.05 -1.75
C VAL A 11 -4.80 5.97 -2.01
N ARG A 12 -3.66 5.64 -1.42
CA ARG A 12 -2.45 6.45 -1.59
C ARG A 12 -1.28 5.58 -2.04
N CYS A 13 -1.10 5.48 -3.36
CA CYS A 13 -0.01 4.68 -3.91
C CYS A 13 1.07 5.57 -4.52
N ILE A 14 2.28 5.04 -4.63
CA ILE A 14 3.39 5.79 -5.19
C ILE A 14 3.09 6.23 -6.61
N CYS A 15 2.15 5.56 -7.26
CA CYS A 15 1.76 5.89 -8.63
C CYS A 15 0.70 6.99 -8.64
N SER A 16 0.31 7.42 -7.45
CA SER A 16 -0.71 8.47 -7.33
C SER A 16 -1.96 8.12 -8.14
N SER A 17 -2.32 6.84 -8.12
CA SER A 17 -3.49 6.38 -8.86
C SER A 17 -4.51 5.77 -7.91
N THR A 18 -5.65 6.45 -7.74
CA THR A 18 -6.71 5.98 -6.86
C THR A 18 -7.46 4.82 -7.49
N MET A 19 -7.14 4.52 -8.74
CA MET A 19 -7.79 3.42 -9.46
C MET A 19 -7.62 2.10 -8.71
N VAL A 20 -8.12 1.02 -9.30
CA VAL A 20 -8.03 -0.30 -8.68
C VAL A 20 -7.13 -1.22 -9.50
N ASN A 21 -5.87 -1.31 -9.09
CA ASN A 21 -4.90 -2.16 -9.79
C ASN A 21 -5.34 -3.62 -9.75
N ASP A 22 -4.41 -4.51 -10.09
CA ASP A 22 -4.69 -5.94 -10.09
C ASP A 22 -5.10 -6.41 -8.70
N SER A 23 -4.53 -5.77 -7.67
CA SER A 23 -4.83 -6.14 -6.29
C SER A 23 -4.38 -5.03 -5.33
N MET A 24 -5.31 -4.58 -4.50
CA MET A 24 -5.02 -3.52 -3.54
C MET A 24 -4.88 -4.09 -2.13
N ILE A 25 -4.31 -3.30 -1.23
CA ILE A 25 -4.13 -3.73 0.15
C ILE A 25 -4.16 -2.54 1.11
N GLN A 26 -4.87 -2.70 2.22
CA GLN A 26 -4.98 -1.65 3.22
C GLN A 26 -3.87 -1.74 4.25
N CYS A 27 -3.41 -0.60 4.73
CA CYS A 27 -2.35 -0.56 5.73
C CYS A 27 -2.76 -1.30 6.99
N GLU A 28 -1.77 -1.84 7.71
CA GLU A 28 -2.03 -2.58 8.94
C GLU A 28 -2.04 -1.64 10.14
N ASP A 29 -2.22 -0.34 9.87
CA ASP A 29 -2.25 0.66 10.93
C ASP A 29 -3.61 1.35 10.98
N GLN A 30 -4.34 1.15 12.07
CA GLN A 30 -5.66 1.76 12.23
C GLN A 30 -5.56 3.28 12.20
N ARG A 31 -4.38 3.80 12.51
CA ARG A 31 -4.16 5.23 12.52
C ARG A 31 -3.75 5.74 11.14
N CYS A 32 -3.82 4.85 10.16
CA CYS A 32 -3.47 5.19 8.78
C CYS A 32 -4.62 4.89 7.82
N GLN A 33 -5.02 3.63 7.77
CA GLN A 33 -6.11 3.21 6.91
C GLN A 33 -5.88 3.68 5.47
N VAL A 34 -4.69 3.38 4.94
CA VAL A 34 -4.35 3.77 3.58
C VAL A 34 -4.18 2.55 2.68
N TRP A 35 -4.90 2.55 1.57
CA TRP A 35 -4.84 1.44 0.62
C TRP A 35 -3.76 1.69 -0.43
N GLN A 36 -3.06 0.62 -0.81
CA GLN A 36 -2.01 0.72 -1.81
C GLN A 36 -2.06 -0.46 -2.78
N HIS A 37 -1.35 -0.32 -3.90
CA HIS A 37 -1.31 -1.39 -4.91
C HIS A 37 -0.32 -2.47 -4.52
N LEU A 38 -0.82 -3.68 -4.30
CA LEU A 38 0.03 -4.80 -3.92
C LEU A 38 1.09 -5.06 -4.98
N ASN A 39 0.76 -4.76 -6.24
CA ASN A 39 1.70 -4.95 -7.33
C ASN A 39 2.77 -3.87 -7.34
N CYS A 40 2.46 -2.74 -6.70
CA CYS A 40 3.39 -1.62 -6.64
C CYS A 40 4.27 -1.72 -5.40
N VAL A 41 3.76 -2.38 -4.36
CA VAL A 41 4.50 -2.55 -3.12
C VAL A 41 5.06 -3.96 -2.99
N LEU A 42 5.05 -4.69 -4.10
CA LEU A 42 5.57 -6.05 -4.13
C LEU A 42 7.01 -6.09 -4.64
N ILE A 43 7.89 -6.74 -3.88
CA ILE A 43 9.29 -6.84 -4.26
C ILE A 43 9.70 -8.31 -4.44
N PRO A 44 9.59 -8.81 -5.68
CA PRO A 44 9.95 -10.19 -6.01
C PRO A 44 11.45 -10.43 -5.93
N ASP A 45 11.83 -11.60 -5.44
CA ASP A 45 13.24 -11.96 -5.32
C ASP A 45 13.95 -11.84 -6.67
N LYS A 46 13.18 -11.92 -7.74
CA LYS A 46 13.73 -11.82 -9.09
C LYS A 46 12.72 -11.21 -10.05
N PRO A 47 13.21 -10.71 -11.19
CA PRO A 47 12.36 -10.09 -12.21
C PRO A 47 11.48 -11.11 -12.93
N GLY A 48 10.17 -10.97 -12.77
CA GLY A 48 9.25 -11.89 -13.41
C GLY A 48 8.98 -13.12 -12.57
N GLU A 49 9.42 -13.08 -11.32
CA GLU A 49 9.22 -14.22 -10.41
C GLU A 49 8.03 -13.97 -9.49
N SER A 50 7.80 -14.89 -8.56
CA SER A 50 6.70 -14.78 -7.62
C SER A 50 7.00 -13.74 -6.55
N ALA A 51 6.31 -12.60 -6.64
CA ALA A 51 6.49 -11.52 -5.68
C ALA A 51 6.25 -12.00 -4.26
N GLU A 52 6.79 -11.27 -3.28
CA GLU A 52 6.64 -11.62 -1.87
C GLU A 52 5.56 -10.77 -1.22
N VAL A 53 4.40 -11.37 -0.98
CA VAL A 53 3.29 -10.67 -0.34
C VAL A 53 3.17 -11.04 1.13
N PRO A 54 3.74 -10.19 2.00
CA PRO A 54 3.70 -10.42 3.46
C PRO A 54 2.30 -10.24 4.04
N PRO A 55 2.10 -10.76 5.26
CA PRO A 55 0.81 -10.67 5.95
C PRO A 55 0.48 -9.25 6.39
N VAL A 56 1.47 -8.56 6.95
CA VAL A 56 1.28 -7.20 7.42
C VAL A 56 1.92 -6.20 6.45
N PHE A 57 1.12 -5.26 5.96
CA PHE A 57 1.61 -4.25 5.03
C PHE A 57 1.55 -2.85 5.66
N TYR A 58 2.68 -2.16 5.64
CA TYR A 58 2.75 -0.82 6.22
C TYR A 58 3.20 0.19 5.16
N CYS A 59 2.36 1.19 4.93
CA CYS A 59 2.65 2.23 3.94
C CYS A 59 3.98 2.92 4.27
N GLU A 60 4.33 3.92 3.46
CA GLU A 60 5.57 4.66 3.66
C GLU A 60 5.60 5.30 5.05
N LEU A 61 4.51 5.97 5.41
CA LEU A 61 4.40 6.63 6.70
C LEU A 61 4.76 5.67 7.83
N CYS A 62 4.03 4.58 7.93
CA CYS A 62 4.26 3.58 8.96
C CYS A 62 5.61 2.91 8.77
N ARG A 63 6.08 2.87 7.53
CA ARG A 63 7.36 2.26 7.20
C ARG A 63 8.51 3.06 7.80
N LEU A 64 8.51 4.36 7.57
CA LEU A 64 9.55 5.24 8.09
C LEU A 64 9.41 5.44 9.59
N SER A 65 8.16 5.44 10.06
CA SER A 65 7.88 5.62 11.48
C SER A 65 8.27 4.38 12.27
N ARG A 66 8.12 3.21 11.64
CA ARG A 66 8.47 1.95 12.30
C ARG A 66 9.93 1.58 12.04
N ALA A 67 10.49 2.11 10.96
CA ALA A 67 11.87 1.84 10.61
C ALA A 67 12.10 0.35 10.40
N ASP A 68 11.06 -0.36 9.99
CA ASP A 68 11.14 -1.79 9.75
C ASP A 68 10.79 -2.12 8.31
N GLY A 1 -8.11 11.12 -10.15
CA GLY A 1 -9.41 10.82 -9.57
C GLY A 1 -9.42 10.95 -8.06
N SER A 2 -8.86 12.06 -7.56
CA SER A 2 -8.81 12.31 -6.13
C SER A 2 -9.99 13.15 -5.68
N ASP A 3 -11.20 12.71 -6.01
CA ASP A 3 -12.41 13.43 -5.62
C ASP A 3 -13.23 12.62 -4.63
N SER A 4 -12.55 11.82 -3.82
CA SER A 4 -13.22 10.99 -2.82
C SER A 4 -12.20 10.26 -1.94
N PHE A 5 -11.74 10.94 -0.90
CA PHE A 5 -10.76 10.36 0.01
C PHE A 5 -11.40 10.04 1.35
N GLN A 6 -11.94 8.83 1.48
CA GLN A 6 -12.58 8.40 2.72
C GLN A 6 -11.59 8.41 3.88
N PRO A 7 -12.11 8.59 5.10
CA PRO A 7 -11.30 8.61 6.32
C PRO A 7 -10.70 7.25 6.65
N GLU A 8 -11.39 6.19 6.23
CA GLU A 8 -10.94 4.82 6.49
C GLU A 8 -10.44 4.17 5.21
N ALA A 9 -10.92 4.66 4.07
CA ALA A 9 -10.51 4.12 2.77
C ALA A 9 -9.81 5.18 1.94
N LYS A 10 -8.52 5.35 2.18
CA LYS A 10 -7.73 6.33 1.45
C LYS A 10 -6.64 5.65 0.62
N VAL A 11 -6.84 5.64 -0.70
CA VAL A 11 -5.87 5.02 -1.61
C VAL A 11 -4.71 5.95 -1.90
N ARG A 12 -3.55 5.66 -1.29
CA ARG A 12 -2.36 6.48 -1.48
C ARG A 12 -1.19 5.62 -1.93
N CYS A 13 -1.01 5.51 -3.25
CA CYS A 13 0.07 4.72 -3.81
C CYS A 13 1.14 5.62 -4.41
N ILE A 14 2.36 5.09 -4.53
CA ILE A 14 3.47 5.84 -5.08
C ILE A 14 3.16 6.31 -6.51
N CYS A 15 2.23 5.61 -7.16
CA CYS A 15 1.85 5.94 -8.52
C CYS A 15 0.79 7.04 -8.53
N SER A 16 0.37 7.47 -7.34
CA SER A 16 -0.64 8.51 -7.20
C SER A 16 -1.90 8.15 -8.00
N SER A 17 -2.25 6.87 -7.99
CA SER A 17 -3.42 6.40 -8.70
C SER A 17 -4.39 5.69 -7.75
N THR A 18 -5.58 6.27 -7.58
CA THR A 18 -6.59 5.70 -6.71
C THR A 18 -7.55 4.80 -7.48
N MET A 19 -7.04 4.18 -8.54
CA MET A 19 -7.85 3.29 -9.36
C MET A 19 -7.81 1.86 -8.83
N VAL A 20 -8.51 0.96 -9.50
CA VAL A 20 -8.55 -0.45 -9.10
C VAL A 20 -7.48 -1.26 -9.81
N ASN A 21 -6.28 -1.28 -9.22
CA ASN A 21 -5.16 -2.02 -9.80
C ASN A 21 -5.42 -3.52 -9.73
N ASP A 22 -4.38 -4.29 -10.02
CA ASP A 22 -4.48 -5.76 -9.98
C ASP A 22 -4.92 -6.23 -8.61
N SER A 23 -4.40 -5.59 -7.57
CA SER A 23 -4.73 -5.96 -6.20
C SER A 23 -4.32 -4.88 -5.23
N MET A 24 -5.28 -4.42 -4.42
CA MET A 24 -5.02 -3.37 -3.44
C MET A 24 -4.87 -3.96 -2.03
N ILE A 25 -4.29 -3.18 -1.13
CA ILE A 25 -4.10 -3.62 0.25
C ILE A 25 -4.11 -2.45 1.21
N GLN A 26 -4.86 -2.59 2.31
CA GLN A 26 -4.97 -1.54 3.31
C GLN A 26 -3.86 -1.67 4.34
N CYS A 27 -3.35 -0.53 4.79
CA CYS A 27 -2.28 -0.50 5.78
C CYS A 27 -2.69 -1.27 7.04
N GLU A 28 -1.70 -1.83 7.73
CA GLU A 28 -1.95 -2.58 8.95
C GLU A 28 -1.94 -1.66 10.17
N ASP A 29 -2.12 -0.37 9.93
CA ASP A 29 -2.12 0.61 11.01
C ASP A 29 -3.46 1.34 11.08
N GLN A 30 -4.21 1.09 12.15
CA GLN A 30 -5.51 1.73 12.32
C GLN A 30 -5.38 3.25 12.34
N ARG A 31 -4.18 3.73 12.65
CA ARG A 31 -3.93 5.17 12.70
C ARG A 31 -3.51 5.70 11.34
N CYS A 32 -3.64 4.85 10.32
CA CYS A 32 -3.27 5.22 8.96
C CYS A 32 -4.43 4.95 8.00
N GLN A 33 -4.85 3.69 7.92
CA GLN A 33 -5.94 3.30 7.04
C GLN A 33 -5.70 3.82 5.63
N VAL A 34 -4.61 3.37 5.02
CA VAL A 34 -4.27 3.78 3.66
C VAL A 34 -4.11 2.59 2.73
N TRP A 35 -4.87 2.58 1.64
CA TRP A 35 -4.81 1.47 0.69
C TRP A 35 -3.73 1.72 -0.35
N GLN A 36 -3.03 0.66 -0.74
CA GLN A 36 -1.97 0.77 -1.74
C GLN A 36 -2.02 -0.40 -2.72
N HIS A 37 -1.31 -0.26 -3.83
CA HIS A 37 -1.28 -1.31 -4.86
C HIS A 37 -0.27 -2.39 -4.49
N LEU A 38 -0.76 -3.59 -4.21
CA LEU A 38 0.10 -4.70 -3.85
C LEU A 38 1.15 -4.95 -4.92
N ASN A 39 0.75 -4.87 -6.18
CA ASN A 39 1.66 -5.08 -7.30
C ASN A 39 2.73 -4.00 -7.33
N CYS A 40 2.44 -2.86 -6.71
CA CYS A 40 3.39 -1.75 -6.67
C CYS A 40 4.33 -1.88 -5.47
N VAL A 41 3.82 -2.48 -4.39
CA VAL A 41 4.61 -2.66 -3.19
C VAL A 41 5.11 -4.10 -3.06
N LEU A 42 5.00 -4.85 -4.16
CA LEU A 42 5.43 -6.25 -4.18
C LEU A 42 6.85 -6.37 -4.72
N ILE A 43 7.77 -6.76 -3.85
CA ILE A 43 9.16 -6.92 -4.23
C ILE A 43 9.64 -8.35 -4.01
N PRO A 44 9.92 -9.06 -5.11
CA PRO A 44 10.39 -10.45 -5.06
C PRO A 44 11.81 -10.57 -4.49
N ASP A 45 12.11 -11.71 -3.89
CA ASP A 45 13.42 -11.94 -3.31
C ASP A 45 14.52 -11.68 -4.34
N LYS A 46 14.19 -11.87 -5.61
CA LYS A 46 15.15 -11.66 -6.69
C LYS A 46 14.50 -10.90 -7.85
N PRO A 47 15.34 -10.31 -8.71
CA PRO A 47 14.87 -9.56 -9.88
C PRO A 47 14.25 -10.45 -10.94
N GLY A 48 12.96 -10.25 -11.19
CA GLY A 48 12.27 -11.06 -12.19
C GLY A 48 11.73 -12.35 -11.61
N GLU A 49 11.76 -12.48 -10.29
CA GLU A 49 11.27 -13.68 -9.63
C GLU A 49 9.84 -13.50 -9.14
N SER A 50 9.35 -14.47 -8.37
CA SER A 50 7.98 -14.41 -7.85
C SER A 50 7.90 -13.43 -6.68
N ALA A 51 7.09 -12.39 -6.86
CA ALA A 51 6.90 -11.38 -5.82
C ALA A 51 6.57 -12.02 -4.48
N GLU A 52 6.68 -11.25 -3.41
CA GLU A 52 6.39 -11.75 -2.07
C GLU A 52 5.31 -10.90 -1.40
N VAL A 53 4.18 -11.54 -1.11
CA VAL A 53 3.06 -10.85 -0.47
C VAL A 53 2.98 -11.19 1.01
N PRO A 54 3.56 -10.33 1.85
CA PRO A 54 3.57 -10.51 3.30
C PRO A 54 2.19 -10.33 3.92
N PRO A 55 2.01 -10.84 5.15
CA PRO A 55 0.74 -10.74 5.87
C PRO A 55 0.43 -9.32 6.31
N VAL A 56 1.44 -8.64 6.85
CA VAL A 56 1.27 -7.27 7.32
C VAL A 56 1.92 -6.29 6.35
N PHE A 57 1.15 -5.27 5.95
CA PHE A 57 1.66 -4.25 5.03
C PHE A 57 1.60 -2.86 5.65
N TYR A 58 2.73 -2.17 5.66
CA TYR A 58 2.80 -0.83 6.22
C TYR A 58 3.24 0.18 5.17
N CYS A 59 2.41 1.20 4.96
CA CYS A 59 2.71 2.24 3.98
C CYS A 59 4.03 2.92 4.30
N GLU A 60 4.37 3.93 3.50
CA GLU A 60 5.61 4.66 3.70
C GLU A 60 5.66 5.31 5.08
N LEU A 61 4.57 5.97 5.45
CA LEU A 61 4.48 6.64 6.74
C LEU A 61 4.84 5.68 7.88
N CYS A 62 4.11 4.57 7.97
CA CYS A 62 4.36 3.57 9.00
C CYS A 62 5.71 2.90 8.80
N ARG A 63 6.15 2.83 7.55
CA ARG A 63 7.43 2.22 7.21
C ARG A 63 8.58 3.01 7.81
N LEU A 64 8.61 4.31 7.54
CA LEU A 64 9.66 5.18 8.06
C LEU A 64 9.51 5.39 9.57
N SER A 65 8.27 5.43 10.03
CA SER A 65 7.99 5.62 11.45
C SER A 65 8.37 4.38 12.25
N ARG A 66 8.27 3.22 11.62
CA ARG A 66 8.60 1.96 12.28
C ARG A 66 10.06 1.59 12.02
N ALA A 67 10.63 2.12 10.95
CA ALA A 67 12.01 1.84 10.60
C ALA A 67 12.24 0.35 10.37
N ASP A 68 11.18 -0.35 9.97
CA ASP A 68 11.26 -1.78 9.71
C ASP A 68 10.90 -2.08 8.26
N GLY A 1 -11.67 20.33 1.43
CA GLY A 1 -11.30 19.54 0.28
C GLY A 1 -11.81 18.12 0.36
N SER A 2 -10.89 17.16 0.31
CA SER A 2 -11.25 15.75 0.37
C SER A 2 -12.15 15.36 -0.80
N ASP A 3 -11.52 15.08 -1.94
CA ASP A 3 -12.26 14.70 -3.13
C ASP A 3 -12.81 13.28 -3.00
N SER A 4 -11.91 12.33 -2.75
CA SER A 4 -12.31 10.93 -2.61
C SER A 4 -11.41 10.21 -1.61
N PHE A 5 -10.82 10.98 -0.68
CA PHE A 5 -9.95 10.43 0.33
C PHE A 5 -10.69 10.21 1.65
N GLN A 6 -11.24 9.01 1.83
CA GLN A 6 -11.99 8.69 3.05
C GLN A 6 -11.04 8.53 4.23
N PRO A 7 -11.56 8.76 5.44
CA PRO A 7 -10.79 8.64 6.68
C PRO A 7 -10.43 7.19 7.00
N GLU A 8 -11.17 6.26 6.40
CA GLU A 8 -10.93 4.84 6.64
C GLU A 8 -10.51 4.15 5.35
N ALA A 9 -10.85 4.75 4.21
CA ALA A 9 -10.50 4.19 2.92
C ALA A 9 -9.83 5.24 2.03
N LYS A 10 -8.53 5.42 2.23
CA LYS A 10 -7.76 6.39 1.45
C LYS A 10 -6.68 5.70 0.63
N VAL A 11 -6.88 5.65 -0.69
CA VAL A 11 -5.93 5.02 -1.59
C VAL A 11 -4.78 5.96 -1.92
N ARG A 12 -3.62 5.71 -1.33
CA ARG A 12 -2.45 6.54 -1.57
C ARG A 12 -1.25 5.68 -2.00
N CYS A 13 -1.10 5.53 -3.31
CA CYS A 13 0.00 4.74 -3.86
C CYS A 13 1.06 5.64 -4.48
N ILE A 14 2.28 5.11 -4.60
CA ILE A 14 3.37 5.86 -5.18
C ILE A 14 3.07 6.30 -6.61
N CYS A 15 2.13 5.59 -7.24
CA CYS A 15 1.73 5.90 -8.61
C CYS A 15 0.66 6.99 -8.63
N SER A 16 0.23 7.42 -7.44
CA SER A 16 -0.79 8.46 -7.32
C SER A 16 -2.04 8.07 -8.11
N SER A 17 -2.36 6.79 -8.09
CA SER A 17 -3.54 6.28 -8.80
C SER A 17 -4.46 5.51 -7.85
N THR A 18 -5.66 6.03 -7.64
CA THR A 18 -6.63 5.39 -6.77
C THR A 18 -7.57 4.49 -7.56
N MET A 19 -7.07 3.92 -8.64
CA MET A 19 -7.87 3.03 -9.48
C MET A 19 -7.81 1.59 -8.96
N VAL A 20 -8.50 0.70 -9.65
CA VAL A 20 -8.52 -0.71 -9.26
C VAL A 20 -7.42 -1.49 -9.95
N ASN A 21 -6.24 -1.51 -9.33
CA ASN A 21 -5.09 -2.22 -9.89
C ASN A 21 -5.31 -3.73 -9.82
N ASP A 22 -4.25 -4.49 -10.09
CA ASP A 22 -4.31 -5.94 -10.08
C ASP A 22 -4.77 -6.44 -8.70
N SER A 23 -4.29 -5.77 -7.65
CA SER A 23 -4.65 -6.15 -6.29
C SER A 23 -4.33 -5.02 -5.31
N MET A 24 -5.33 -4.60 -4.55
CA MET A 24 -5.16 -3.53 -3.57
C MET A 24 -5.00 -4.09 -2.17
N ILE A 25 -4.42 -3.29 -1.28
CA ILE A 25 -4.22 -3.72 0.11
C ILE A 25 -4.25 -2.53 1.05
N GLN A 26 -4.91 -2.71 2.19
CA GLN A 26 -5.01 -1.64 3.19
C GLN A 26 -3.89 -1.75 4.22
N CYS A 27 -3.44 -0.60 4.72
CA CYS A 27 -2.38 -0.57 5.71
C CYS A 27 -2.78 -1.31 6.98
N GLU A 28 -1.80 -1.86 7.69
CA GLU A 28 -2.06 -2.59 8.92
C GLU A 28 -2.06 -1.66 10.12
N ASP A 29 -2.20 -0.35 9.87
CA ASP A 29 -2.22 0.64 10.92
C ASP A 29 -3.56 1.35 10.99
N GLN A 30 -4.30 1.14 12.08
CA GLN A 30 -5.60 1.75 12.26
C GLN A 30 -5.50 3.28 12.24
N ARG A 31 -4.31 3.78 12.57
CA ARG A 31 -4.08 5.22 12.60
C ARG A 31 -3.68 5.73 11.21
N CYS A 32 -3.72 4.84 10.22
CA CYS A 32 -3.38 5.21 8.85
C CYS A 32 -4.54 4.93 7.91
N GLN A 33 -4.96 3.68 7.84
CA GLN A 33 -6.06 3.28 6.97
C GLN A 33 -5.82 3.75 5.53
N VAL A 34 -4.63 3.46 5.02
CA VAL A 34 -4.27 3.85 3.66
C VAL A 34 -4.14 2.62 2.76
N TRP A 35 -4.85 2.65 1.63
CA TRP A 35 -4.82 1.54 0.69
C TRP A 35 -3.75 1.76 -0.37
N GLN A 36 -3.11 0.69 -0.81
CA GLN A 36 -2.07 0.78 -1.82
C GLN A 36 -2.12 -0.43 -2.76
N HIS A 37 -1.43 -0.32 -3.90
CA HIS A 37 -1.39 -1.40 -4.87
C HIS A 37 -0.37 -2.45 -4.49
N LEU A 38 -0.83 -3.67 -4.23
CA LEU A 38 0.05 -4.76 -3.85
C LEU A 38 1.16 -4.94 -4.89
N ASN A 39 0.80 -4.87 -6.17
CA ASN A 39 1.76 -5.03 -7.25
C ASN A 39 2.81 -3.93 -7.21
N CYS A 40 2.46 -2.80 -6.59
CA CYS A 40 3.36 -1.67 -6.49
C CYS A 40 4.27 -1.81 -5.27
N VAL A 41 3.74 -2.43 -4.22
CA VAL A 41 4.51 -2.64 -2.99
C VAL A 41 5.04 -4.07 -2.90
N LEU A 42 4.98 -4.78 -4.03
CA LEU A 42 5.46 -6.15 -4.08
C LEU A 42 6.85 -6.23 -4.70
N ILE A 43 7.80 -6.76 -3.95
CA ILE A 43 9.18 -6.90 -4.43
C ILE A 43 9.62 -8.36 -4.43
N PRO A 44 9.70 -8.95 -5.63
CA PRO A 44 10.12 -10.34 -5.80
C PRO A 44 11.59 -10.54 -5.49
N ASP A 45 11.90 -11.65 -4.82
CA ASP A 45 13.27 -11.98 -4.46
C ASP A 45 14.19 -11.88 -5.66
N LYS A 46 13.65 -12.17 -6.84
CA LYS A 46 14.42 -12.13 -8.08
C LYS A 46 13.59 -11.50 -9.21
N PRO A 47 14.29 -11.04 -10.26
CA PRO A 47 13.65 -10.41 -11.42
C PRO A 47 12.86 -11.42 -12.26
N GLY A 48 11.55 -11.23 -12.32
CA GLY A 48 10.71 -12.13 -13.09
C GLY A 48 10.08 -13.21 -12.23
N GLU A 49 10.65 -13.43 -11.05
CA GLU A 49 10.14 -14.45 -10.14
C GLU A 49 8.80 -14.04 -9.55
N SER A 50 8.30 -14.82 -8.60
CA SER A 50 7.02 -14.53 -7.96
C SER A 50 7.19 -13.54 -6.81
N ALA A 51 6.53 -12.39 -6.93
CA ALA A 51 6.60 -11.37 -5.90
C ALA A 51 6.31 -11.94 -4.52
N GLU A 52 6.73 -11.23 -3.48
CA GLU A 52 6.51 -11.68 -2.11
C GLU A 52 5.55 -10.75 -1.38
N VAL A 53 4.30 -11.20 -1.22
CA VAL A 53 3.28 -10.41 -0.53
C VAL A 53 3.13 -10.84 0.91
N PRO A 54 3.69 -10.04 1.84
CA PRO A 54 3.63 -10.31 3.27
C PRO A 54 2.23 -10.13 3.83
N PRO A 55 2.00 -10.67 5.04
CA PRO A 55 0.70 -10.59 5.71
C PRO A 55 0.39 -9.17 6.18
N VAL A 56 1.38 -8.52 6.78
CA VAL A 56 1.21 -7.16 7.28
C VAL A 56 1.86 -6.15 6.34
N PHE A 57 1.07 -5.18 5.87
CA PHE A 57 1.57 -4.16 4.97
C PHE A 57 1.52 -2.78 5.63
N TYR A 58 2.65 -2.08 5.63
CA TYR A 58 2.74 -0.76 6.23
C TYR A 58 3.22 0.27 5.20
N CYS A 59 2.38 1.26 4.95
CA CYS A 59 2.72 2.32 4.00
C CYS A 59 4.04 2.98 4.35
N GLU A 60 4.45 3.96 3.55
CA GLU A 60 5.70 4.67 3.78
C GLU A 60 5.73 5.30 5.17
N LEU A 61 4.63 5.99 5.51
CA LEU A 61 4.52 6.64 6.81
C LEU A 61 4.85 5.67 7.94
N CYS A 62 4.08 4.58 8.02
CA CYS A 62 4.29 3.57 9.05
C CYS A 62 5.66 2.93 8.91
N ARG A 63 6.07 2.69 7.67
CA ARG A 63 7.37 2.07 7.41
C ARG A 63 8.50 2.85 8.07
N LEU A 64 8.51 4.16 7.83
CA LEU A 64 9.54 5.02 8.40
C LEU A 64 9.39 5.11 9.91
N SER A 65 8.15 5.26 10.38
CA SER A 65 7.88 5.35 11.80
C SER A 65 8.27 4.07 12.53
N ARG A 66 8.29 2.96 11.78
CA ARG A 66 8.65 1.67 12.35
C ARG A 66 10.13 1.39 12.16
N ALA A 67 10.72 2.00 11.14
CA ALA A 67 12.13 1.81 10.84
C ALA A 67 12.57 2.66 9.66
N ASP A 68 12.06 2.32 8.47
CA ASP A 68 12.39 3.06 7.26
C ASP A 68 11.39 2.76 6.15
N GLY A 1 -7.89 12.55 -8.81
CA GLY A 1 -6.76 12.59 -7.89
C GLY A 1 -7.19 12.71 -6.44
N SER A 2 -8.05 13.67 -6.16
CA SER A 2 -8.53 13.89 -4.80
C SER A 2 -9.99 14.34 -4.81
N ASP A 3 -10.89 13.38 -4.98
CA ASP A 3 -12.32 13.68 -5.01
C ASP A 3 -13.05 12.92 -3.90
N SER A 4 -12.88 11.60 -3.88
CA SER A 4 -13.53 10.76 -2.89
C SER A 4 -12.50 10.09 -1.98
N PHE A 5 -12.06 10.82 -0.95
CA PHE A 5 -11.07 10.29 -0.02
C PHE A 5 -11.71 9.97 1.33
N GLN A 6 -12.19 8.74 1.48
CA GLN A 6 -12.83 8.31 2.71
C GLN A 6 -11.85 8.37 3.88
N PRO A 7 -12.40 8.54 5.09
CA PRO A 7 -11.59 8.63 6.31
C PRO A 7 -10.95 7.29 6.68
N GLU A 8 -11.59 6.21 6.26
CA GLU A 8 -11.09 4.86 6.55
C GLU A 8 -10.54 4.21 5.28
N ALA A 9 -11.01 4.68 4.13
CA ALA A 9 -10.56 4.14 2.85
C ALA A 9 -9.87 5.21 2.01
N LYS A 10 -8.57 5.35 2.20
CA LYS A 10 -7.78 6.33 1.46
C LYS A 10 -6.69 5.66 0.64
N VAL A 11 -6.84 5.67 -0.67
CA VAL A 11 -5.87 5.05 -1.57
C VAL A 11 -4.69 5.99 -1.81
N ARG A 12 -3.56 5.67 -1.20
CA ARG A 12 -2.35 6.48 -1.35
C ARG A 12 -1.17 5.63 -1.79
N CYS A 13 -0.97 5.54 -3.10
CA CYS A 13 0.12 4.75 -3.65
C CYS A 13 1.21 5.65 -4.23
N ILE A 14 2.42 5.13 -4.33
CA ILE A 14 3.55 5.89 -4.87
C ILE A 14 3.27 6.34 -6.30
N CYS A 15 2.34 5.66 -6.96
CA CYS A 15 1.97 5.99 -8.33
C CYS A 15 0.92 7.08 -8.36
N SER A 16 0.47 7.50 -7.18
CA SER A 16 -0.55 8.54 -7.07
C SER A 16 -1.77 8.19 -7.91
N SER A 17 -2.12 6.90 -7.91
CA SER A 17 -3.28 6.43 -8.67
C SER A 17 -4.26 5.70 -7.76
N THR A 18 -5.46 6.26 -7.61
CA THR A 18 -6.49 5.66 -6.77
C THR A 18 -7.41 4.78 -7.59
N MET A 19 -6.89 4.18 -8.65
CA MET A 19 -7.67 3.31 -9.51
C MET A 19 -7.70 1.88 -8.96
N VAL A 20 -8.37 0.99 -9.68
CA VAL A 20 -8.48 -0.40 -9.27
C VAL A 20 -7.42 -1.27 -9.95
N ASN A 21 -6.25 -1.37 -9.33
CA ASN A 21 -5.16 -2.16 -9.88
C ASN A 21 -5.49 -3.65 -9.83
N ASP A 22 -4.46 -4.48 -10.00
CA ASP A 22 -4.64 -5.93 -9.97
C ASP A 22 -5.05 -6.40 -8.57
N SER A 23 -4.49 -5.75 -7.55
CA SER A 23 -4.78 -6.10 -6.17
C SER A 23 -4.35 -5.01 -5.21
N MET A 24 -5.27 -4.55 -4.37
CA MET A 24 -4.98 -3.50 -3.41
C MET A 24 -4.87 -4.06 -2.00
N ILE A 25 -4.30 -3.27 -1.09
CA ILE A 25 -4.15 -3.69 0.30
C ILE A 25 -4.20 -2.50 1.24
N GLN A 26 -4.92 -2.65 2.35
CA GLN A 26 -5.05 -1.60 3.33
C GLN A 26 -3.92 -1.67 4.37
N CYS A 27 -3.40 -0.51 4.75
CA CYS A 27 -2.32 -0.46 5.73
C CYS A 27 -2.70 -1.20 7.01
N GLU A 28 -1.69 -1.74 7.70
CA GLU A 28 -1.93 -2.48 8.93
C GLU A 28 -1.89 -1.55 10.14
N ASP A 29 -2.07 -0.26 9.88
CA ASP A 29 -2.06 0.74 10.95
C ASP A 29 -3.41 1.43 11.05
N GLN A 30 -4.12 1.17 12.16
CA GLN A 30 -5.43 1.77 12.37
C GLN A 30 -5.33 3.29 12.39
N ARG A 31 -4.14 3.80 12.67
CA ARG A 31 -3.91 5.25 12.72
C ARG A 31 -3.52 5.78 11.34
N CYS A 32 -3.65 4.93 10.33
CA CYS A 32 -3.31 5.32 8.96
C CYS A 32 -4.47 5.05 8.01
N GLN A 33 -4.86 3.78 7.92
CA GLN A 33 -5.96 3.38 7.05
C GLN A 33 -5.73 3.87 5.63
N VAL A 34 -4.60 3.46 5.05
CA VAL A 34 -4.25 3.87 3.68
C VAL A 34 -4.08 2.65 2.78
N TRP A 35 -4.85 2.60 1.70
CA TRP A 35 -4.79 1.49 0.76
C TRP A 35 -3.70 1.73 -0.28
N GLN A 36 -2.97 0.67 -0.62
CA GLN A 36 -1.90 0.76 -1.61
C GLN A 36 -1.97 -0.39 -2.61
N HIS A 37 -1.25 -0.25 -3.71
CA HIS A 37 -1.24 -1.28 -4.75
C HIS A 37 -0.24 -2.39 -4.40
N LEU A 38 -0.76 -3.58 -4.15
CA LEU A 38 0.08 -4.72 -3.80
C LEU A 38 1.10 -5.00 -4.89
N ASN A 39 0.71 -4.75 -6.14
CA ASN A 39 1.60 -4.97 -7.28
C ASN A 39 2.69 -3.90 -7.32
N CYS A 40 2.44 -2.78 -6.65
CA CYS A 40 3.40 -1.68 -6.62
C CYS A 40 4.34 -1.82 -5.42
N VAL A 41 3.85 -2.46 -4.37
CA VAL A 41 4.64 -2.65 -3.16
C VAL A 41 5.14 -4.09 -3.05
N LEU A 42 5.04 -4.83 -4.15
CA LEU A 42 5.48 -6.22 -4.18
C LEU A 42 6.90 -6.33 -4.72
N ILE A 43 7.81 -6.79 -3.87
CA ILE A 43 9.21 -6.93 -4.26
C ILE A 43 9.67 -8.38 -4.09
N PRO A 44 9.92 -9.05 -5.23
CA PRO A 44 10.37 -10.44 -5.24
C PRO A 44 11.79 -10.60 -4.72
N ASP A 45 12.08 -11.74 -4.11
CA ASP A 45 13.41 -12.01 -3.57
C ASP A 45 14.48 -11.81 -4.64
N LYS A 46 14.09 -12.02 -5.89
CA LYS A 46 15.02 -11.86 -7.01
C LYS A 46 14.36 -11.12 -8.17
N PRO A 47 15.19 -10.58 -9.08
CA PRO A 47 14.70 -9.85 -10.25
C PRO A 47 14.04 -10.77 -11.27
N GLY A 48 12.74 -10.56 -11.49
CA GLY A 48 12.01 -11.38 -12.43
C GLY A 48 11.45 -12.64 -11.81
N GLU A 49 11.51 -12.71 -10.48
CA GLU A 49 11.01 -13.88 -9.76
C GLU A 49 9.60 -13.63 -9.24
N SER A 50 9.10 -14.57 -8.43
CA SER A 50 7.77 -14.46 -7.86
C SER A 50 7.75 -13.47 -6.70
N ALA A 51 7.00 -12.39 -6.85
CA ALA A 51 6.90 -11.37 -5.81
C ALA A 51 6.54 -12.00 -4.47
N GLU A 52 6.72 -11.24 -3.39
CA GLU A 52 6.41 -11.72 -2.05
C GLU A 52 5.32 -10.88 -1.41
N VAL A 53 4.17 -11.51 -1.14
CA VAL A 53 3.06 -10.82 -0.52
C VAL A 53 2.94 -11.17 0.96
N PRO A 54 3.52 -10.32 1.82
CA PRO A 54 3.49 -10.52 3.27
C PRO A 54 2.11 -10.31 3.87
N PRO A 55 1.89 -10.84 5.07
CA PRO A 55 0.61 -10.73 5.77
C PRO A 55 0.33 -9.31 6.25
N VAL A 56 1.34 -8.67 6.82
CA VAL A 56 1.20 -7.31 7.32
C VAL A 56 1.88 -6.31 6.38
N PHE A 57 1.13 -5.31 5.96
CA PHE A 57 1.64 -4.29 5.05
C PHE A 57 1.59 -2.90 5.69
N TYR A 58 2.63 -2.11 5.48
CA TYR A 58 2.69 -0.77 6.04
C TYR A 58 3.13 0.24 4.99
N CYS A 59 2.33 1.29 4.80
CA CYS A 59 2.65 2.33 3.83
C CYS A 59 4.00 2.96 4.12
N GLU A 60 4.35 3.98 3.35
CA GLU A 60 5.62 4.68 3.52
C GLU A 60 5.71 5.32 4.90
N LEU A 61 4.64 6.01 5.29
CA LEU A 61 4.59 6.68 6.59
C LEU A 61 4.94 5.72 7.71
N CYS A 62 4.15 4.65 7.84
CA CYS A 62 4.36 3.65 8.87
C CYS A 62 5.71 2.95 8.67
N ARG A 63 6.06 2.70 7.41
CA ARG A 63 7.32 2.04 7.08
C ARG A 63 8.50 2.75 7.74
N LEU A 64 8.62 4.04 7.47
CA LEU A 64 9.71 4.85 8.02
C LEU A 64 9.56 4.97 9.54
N SER A 65 8.33 5.19 9.99
CA SER A 65 8.07 5.33 11.42
C SER A 65 8.42 4.05 12.17
N ARG A 66 8.43 2.93 11.45
CA ARG A 66 8.74 1.64 12.04
C ARG A 66 10.22 1.32 11.87
N ALA A 67 10.82 1.83 10.80
CA ALA A 67 12.23 1.60 10.53
C ALA A 67 13.11 2.52 11.36
N ASP A 68 12.54 3.65 11.78
CA ASP A 68 13.28 4.61 12.59
C ASP A 68 12.70 4.71 14.00
N GLY A 1 -14.86 20.06 -7.16
CA GLY A 1 -14.68 19.99 -5.71
C GLY A 1 -15.02 18.63 -5.16
N SER A 2 -14.38 17.60 -5.68
CA SER A 2 -14.62 16.23 -5.23
C SER A 2 -13.33 15.60 -4.71
N ASP A 3 -13.39 15.11 -3.48
CA ASP A 3 -12.22 14.48 -2.86
C ASP A 3 -12.34 12.95 -2.91
N SER A 4 -13.47 12.43 -2.43
CA SER A 4 -13.70 11.00 -2.43
C SER A 4 -12.69 10.29 -1.54
N PHE A 5 -12.14 11.02 -0.57
CA PHE A 5 -11.15 10.46 0.34
C PHE A 5 -11.80 10.01 1.65
N GLN A 6 -12.20 8.74 1.69
CA GLN A 6 -12.83 8.18 2.87
C GLN A 6 -11.92 8.27 4.09
N PRO A 7 -12.52 8.31 5.29
CA PRO A 7 -11.77 8.40 6.53
C PRO A 7 -11.02 7.11 6.86
N GLU A 8 -11.53 6.00 6.34
CA GLU A 8 -10.91 4.69 6.57
C GLU A 8 -10.41 4.08 5.26
N ALA A 9 -10.92 4.60 4.15
CA ALA A 9 -10.53 4.11 2.83
C ALA A 9 -9.81 5.20 2.04
N LYS A 10 -8.51 5.33 2.26
CA LYS A 10 -7.70 6.31 1.57
C LYS A 10 -6.61 5.65 0.74
N VAL A 11 -6.80 5.66 -0.58
CA VAL A 11 -5.83 5.06 -1.50
C VAL A 11 -4.67 6.00 -1.77
N ARG A 12 -3.52 5.68 -1.18
CA ARG A 12 -2.32 6.50 -1.36
C ARG A 12 -1.13 5.66 -1.80
N CYS A 13 -0.95 5.54 -3.11
CA CYS A 13 0.15 4.76 -3.66
C CYS A 13 1.24 5.66 -4.23
N ILE A 14 2.45 5.13 -4.34
CA ILE A 14 3.57 5.89 -4.88
C ILE A 14 3.29 6.37 -6.30
N CYS A 15 2.37 5.70 -6.97
CA CYS A 15 1.99 6.05 -8.33
C CYS A 15 0.94 7.15 -8.34
N SER A 16 0.50 7.56 -7.15
CA SER A 16 -0.52 8.60 -7.02
C SER A 16 -1.76 8.25 -7.84
N SER A 17 -2.10 6.97 -7.87
CA SER A 17 -3.26 6.51 -8.62
C SER A 17 -4.23 5.75 -7.71
N THR A 18 -5.42 6.29 -7.54
CA THR A 18 -6.43 5.67 -6.69
C THR A 18 -7.37 4.79 -7.52
N MET A 19 -6.85 4.22 -8.59
CA MET A 19 -7.63 3.35 -9.46
C MET A 19 -7.61 1.91 -8.97
N VAL A 20 -8.30 1.03 -9.69
CA VAL A 20 -8.34 -0.38 -9.33
C VAL A 20 -7.22 -1.16 -10.01
N ASN A 21 -6.05 -1.19 -9.37
CA ASN A 21 -4.90 -1.90 -9.90
C ASN A 21 -5.14 -3.40 -9.87
N ASP A 22 -4.07 -4.16 -10.14
CA ASP A 22 -4.16 -5.62 -10.13
C ASP A 22 -4.65 -6.14 -8.80
N SER A 23 -4.20 -5.52 -7.72
CA SER A 23 -4.58 -5.92 -6.37
C SER A 23 -4.25 -4.83 -5.36
N MET A 24 -5.25 -4.40 -4.60
CA MET A 24 -5.06 -3.37 -3.59
C MET A 24 -4.94 -3.97 -2.20
N ILE A 25 -4.37 -3.22 -1.27
CA ILE A 25 -4.20 -3.69 0.09
C ILE A 25 -4.22 -2.52 1.08
N GLN A 26 -4.96 -2.70 2.17
CA GLN A 26 -5.07 -1.66 3.20
C GLN A 26 -3.94 -1.77 4.21
N CYS A 27 -3.50 -0.63 4.72
CA CYS A 27 -2.42 -0.59 5.70
C CYS A 27 -2.83 -1.31 6.98
N GLU A 28 -1.85 -1.88 7.67
CA GLU A 28 -2.10 -2.60 8.91
C GLU A 28 -1.99 -1.66 10.11
N ASP A 29 -2.16 -0.37 9.86
CA ASP A 29 -2.07 0.63 10.92
C ASP A 29 -3.42 1.33 11.12
N GLN A 30 -4.06 1.06 12.25
CA GLN A 30 -5.36 1.67 12.55
C GLN A 30 -5.27 3.19 12.54
N ARG A 31 -4.06 3.71 12.75
CA ARG A 31 -3.84 5.14 12.77
C ARG A 31 -3.44 5.65 11.38
N CYS A 32 -3.68 4.83 10.37
CA CYS A 32 -3.34 5.19 9.00
C CYS A 32 -4.50 4.85 8.06
N GLN A 33 -4.83 3.57 7.96
CA GLN A 33 -5.91 3.13 7.09
C GLN A 33 -5.72 3.65 5.67
N VAL A 34 -4.61 3.28 5.06
CA VAL A 34 -4.30 3.71 3.70
C VAL A 34 -4.15 2.51 2.77
N TRP A 35 -4.88 2.53 1.65
CA TRP A 35 -4.83 1.44 0.68
C TRP A 35 -3.74 1.71 -0.36
N GLN A 36 -3.03 0.65 -0.75
CA GLN A 36 -1.96 0.77 -1.74
C GLN A 36 -2.00 -0.39 -2.72
N HIS A 37 -1.29 -0.24 -3.83
CA HIS A 37 -1.24 -1.29 -4.85
C HIS A 37 -0.23 -2.36 -4.48
N LEU A 38 -0.73 -3.57 -4.21
CA LEU A 38 0.13 -4.69 -3.85
C LEU A 38 1.24 -4.87 -4.86
N ASN A 39 0.89 -4.78 -6.14
CA ASN A 39 1.87 -4.94 -7.21
C ASN A 39 2.95 -3.86 -7.13
N CYS A 40 2.59 -2.71 -6.58
CA CYS A 40 3.52 -1.60 -6.44
C CYS A 40 4.42 -1.80 -5.22
N VAL A 41 3.86 -2.39 -4.17
CA VAL A 41 4.60 -2.64 -2.94
C VAL A 41 5.11 -4.08 -2.88
N LEU A 42 5.06 -4.76 -4.03
CA LEU A 42 5.50 -6.14 -4.11
C LEU A 42 6.92 -6.22 -4.70
N ILE A 43 7.80 -6.92 -4.00
CA ILE A 43 9.18 -7.07 -4.46
C ILE A 43 9.55 -8.55 -4.58
N PRO A 44 9.41 -9.09 -5.81
CA PRO A 44 9.74 -10.49 -6.09
C PRO A 44 11.23 -10.77 -6.03
N ASP A 45 11.59 -11.94 -5.51
CA ASP A 45 12.99 -12.33 -5.40
C ASP A 45 13.69 -12.28 -6.75
N LYS A 46 12.91 -12.39 -7.82
CA LYS A 46 13.44 -12.36 -9.18
C LYS A 46 12.36 -12.00 -10.18
N PRO A 47 12.78 -11.47 -11.34
CA PRO A 47 11.85 -11.07 -12.41
C PRO A 47 11.19 -12.27 -13.08
N GLY A 48 9.87 -12.37 -12.94
CA GLY A 48 9.14 -13.47 -13.54
C GLY A 48 8.53 -14.40 -12.50
N GLU A 49 9.08 -14.36 -11.28
CA GLU A 49 8.59 -15.19 -10.20
C GLU A 49 7.42 -14.53 -9.48
N SER A 50 6.89 -15.22 -8.47
CA SER A 50 5.76 -14.70 -7.70
C SER A 50 6.25 -13.76 -6.60
N ALA A 51 5.84 -12.50 -6.67
CA ALA A 51 6.23 -11.51 -5.69
C ALA A 51 5.95 -12.00 -4.27
N GLU A 52 6.53 -11.32 -3.29
CA GLU A 52 6.35 -11.69 -1.89
C GLU A 52 5.25 -10.86 -1.24
N VAL A 53 4.10 -11.48 -1.01
CA VAL A 53 2.98 -10.79 -0.39
C VAL A 53 2.82 -11.18 1.08
N PRO A 54 3.41 -10.36 1.96
CA PRO A 54 3.35 -10.60 3.42
C PRO A 54 1.95 -10.39 3.98
N PRO A 55 1.73 -10.92 5.19
CA PRO A 55 0.43 -10.81 5.88
C PRO A 55 0.15 -9.38 6.34
N VAL A 56 1.16 -8.74 6.93
CA VAL A 56 1.02 -7.37 7.42
C VAL A 56 1.68 -6.38 6.47
N PHE A 57 0.89 -5.44 5.98
CA PHE A 57 1.39 -4.42 5.06
C PHE A 57 1.44 -3.05 5.73
N TYR A 58 2.60 -2.41 5.69
CA TYR A 58 2.77 -1.10 6.29
C TYR A 58 3.24 -0.08 5.26
N CYS A 59 2.36 0.85 4.91
CA CYS A 59 2.68 1.88 3.93
C CYS A 59 4.04 2.52 4.24
N GLU A 60 4.65 3.12 3.23
CA GLU A 60 5.95 3.76 3.39
C GLU A 60 5.93 4.72 4.58
N LEU A 61 4.86 5.50 4.68
CA LEU A 61 4.72 6.46 5.78
C LEU A 61 4.97 5.79 7.12
N CYS A 62 4.32 4.65 7.34
CA CYS A 62 4.46 3.91 8.59
C CYS A 62 5.83 3.22 8.66
N ARG A 63 6.17 2.51 7.59
CA ARG A 63 7.45 1.80 7.53
C ARG A 63 8.60 2.73 7.89
N LEU A 64 8.55 3.96 7.38
CA LEU A 64 9.58 4.94 7.64
C LEU A 64 9.50 5.48 9.07
N SER A 65 8.27 5.84 9.47
CA SER A 65 8.05 6.36 10.81
C SER A 65 8.41 5.33 11.88
N ARG A 66 8.46 4.06 11.46
CA ARG A 66 8.79 2.98 12.37
C ARG A 66 10.25 2.54 12.20
N ALA A 67 10.78 2.77 11.00
CA ALA A 67 12.16 2.41 10.71
C ALA A 67 12.37 0.90 10.80
N ASP A 68 11.30 0.16 10.56
CA ASP A 68 11.36 -1.30 10.60
C ASP A 68 11.97 -1.78 11.91
N GLY A 1 -8.99 19.71 4.15
CA GLY A 1 -7.95 19.08 3.36
C GLY A 1 -8.35 17.70 2.87
N SER A 2 -9.65 17.48 2.71
CA SER A 2 -10.15 16.20 2.26
C SER A 2 -11.45 16.37 1.47
N ASP A 3 -11.39 16.09 0.17
CA ASP A 3 -12.56 16.21 -0.69
C ASP A 3 -13.15 14.85 -1.01
N SER A 4 -12.31 13.81 -0.96
CA SER A 4 -12.76 12.46 -1.24
C SER A 4 -11.79 11.44 -0.65
N PHE A 5 -11.08 11.85 0.39
CA PHE A 5 -10.11 10.97 1.06
C PHE A 5 -10.72 10.36 2.31
N GLN A 6 -11.31 9.17 2.16
CA GLN A 6 -11.94 8.48 3.28
C GLN A 6 -10.90 8.13 4.35
N PRO A 7 -11.26 8.37 5.62
CA PRO A 7 -10.37 8.09 6.76
C PRO A 7 -10.18 6.60 6.99
N GLU A 8 -11.04 5.79 6.36
CA GLU A 8 -10.96 4.34 6.50
C GLU A 8 -10.69 3.68 5.15
N ALA A 9 -10.73 4.49 4.09
CA ALA A 9 -10.50 3.98 2.74
C ALA A 9 -9.88 5.05 1.85
N LYS A 10 -8.57 5.23 1.97
CA LYS A 10 -7.86 6.22 1.18
C LYS A 10 -6.77 5.56 0.34
N VAL A 11 -6.94 5.60 -0.98
CA VAL A 11 -5.97 5.00 -1.89
C VAL A 11 -4.79 5.94 -2.12
N ARG A 12 -3.67 5.65 -1.46
CA ARG A 12 -2.47 6.47 -1.59
C ARG A 12 -1.28 5.61 -2.01
N CYS A 13 -1.06 5.53 -3.32
CA CYS A 13 0.05 4.74 -3.86
C CYS A 13 1.11 5.65 -4.48
N ILE A 14 2.34 5.16 -4.56
CA ILE A 14 3.44 5.92 -5.14
C ILE A 14 3.13 6.32 -6.57
N CYS A 15 2.23 5.60 -7.22
CA CYS A 15 1.84 5.88 -8.59
C CYS A 15 0.78 6.98 -8.64
N SER A 16 0.35 7.43 -7.47
CA SER A 16 -0.66 8.47 -7.38
C SER A 16 -1.90 8.10 -8.20
N SER A 17 -2.27 6.82 -8.16
CA SER A 17 -3.42 6.34 -8.90
C SER A 17 -4.44 5.70 -7.96
N THR A 18 -5.62 6.31 -7.88
CA THR A 18 -6.68 5.80 -7.03
C THR A 18 -7.61 4.87 -7.79
N MET A 19 -7.07 4.16 -8.78
CA MET A 19 -7.85 3.24 -9.59
C MET A 19 -7.78 1.83 -9.01
N VAL A 20 -8.46 0.90 -9.66
CA VAL A 20 -8.48 -0.50 -9.22
C VAL A 20 -7.39 -1.30 -9.90
N ASN A 21 -6.20 -1.34 -9.29
CA ASN A 21 -5.07 -2.08 -9.84
C ASN A 21 -5.34 -3.57 -9.79
N ASP A 22 -4.29 -4.36 -10.04
CA ASP A 22 -4.40 -5.81 -10.02
C ASP A 22 -4.83 -6.31 -8.65
N SER A 23 -4.32 -5.66 -7.60
CA SER A 23 -4.65 -6.03 -6.24
C SER A 23 -4.27 -4.93 -5.26
N MET A 24 -5.24 -4.49 -4.46
CA MET A 24 -4.99 -3.44 -3.47
C MET A 24 -4.87 -4.03 -2.07
N ILE A 25 -4.31 -3.23 -1.16
CA ILE A 25 -4.12 -3.67 0.22
C ILE A 25 -4.18 -2.49 1.18
N GLN A 26 -4.93 -2.66 2.26
CA GLN A 26 -5.07 -1.61 3.27
C GLN A 26 -3.96 -1.69 4.30
N CYS A 27 -3.46 -0.53 4.72
CA CYS A 27 -2.39 -0.49 5.72
C CYS A 27 -2.79 -1.23 6.99
N GLU A 28 -1.80 -1.78 7.69
CA GLU A 28 -2.05 -2.52 8.92
C GLU A 28 -2.03 -1.59 10.12
N ASP A 29 -2.21 -0.29 9.87
CA ASP A 29 -2.22 0.70 10.94
C ASP A 29 -3.57 1.41 11.02
N GLN A 30 -4.31 1.16 12.09
CA GLN A 30 -5.61 1.78 12.28
C GLN A 30 -5.51 3.29 12.27
N ARG A 31 -4.32 3.80 12.59
CA ARG A 31 -4.09 5.24 12.61
C ARG A 31 -3.68 5.76 11.24
N CYS A 32 -3.78 4.89 10.23
CA CYS A 32 -3.43 5.25 8.87
C CYS A 32 -4.58 4.97 7.91
N GLN A 33 -4.99 3.70 7.85
CA GLN A 33 -6.08 3.30 6.97
C GLN A 33 -5.84 3.79 5.55
N VAL A 34 -4.70 3.42 4.98
CA VAL A 34 -4.36 3.82 3.62
C VAL A 34 -4.18 2.61 2.71
N TRP A 35 -4.93 2.57 1.63
CA TRP A 35 -4.85 1.46 0.68
C TRP A 35 -3.77 1.71 -0.36
N GLN A 36 -3.04 0.66 -0.71
CA GLN A 36 -1.97 0.77 -1.70
C GLN A 36 -2.01 -0.40 -2.68
N HIS A 37 -1.30 -0.27 -3.78
CA HIS A 37 -1.25 -1.31 -4.80
C HIS A 37 -0.25 -2.40 -4.42
N LEU A 38 -0.74 -3.60 -4.19
CA LEU A 38 0.11 -4.72 -3.81
C LEU A 38 1.19 -4.97 -4.87
N ASN A 39 0.80 -4.86 -6.13
CA ASN A 39 1.73 -5.06 -7.24
C ASN A 39 2.79 -3.98 -7.26
N CYS A 40 2.50 -2.86 -6.60
CA CYS A 40 3.44 -1.74 -6.55
C CYS A 40 4.34 -1.85 -5.32
N VAL A 41 3.82 -2.46 -4.27
CA VAL A 41 4.58 -2.63 -3.03
C VAL A 41 5.07 -4.07 -2.88
N LEU A 42 4.99 -4.83 -3.97
CA LEU A 42 5.43 -6.22 -3.97
C LEU A 42 6.88 -6.34 -4.42
N ILE A 43 7.76 -6.72 -3.50
CA ILE A 43 9.17 -6.87 -3.81
C ILE A 43 9.63 -8.30 -3.56
N PRO A 44 10.05 -8.98 -4.64
CA PRO A 44 10.52 -10.36 -4.57
C PRO A 44 11.87 -10.48 -3.86
N ASP A 45 12.12 -11.63 -3.25
CA ASP A 45 13.37 -11.87 -2.54
C ASP A 45 14.57 -11.57 -3.45
N LYS A 46 14.38 -11.75 -4.75
CA LYS A 46 15.44 -11.51 -5.71
C LYS A 46 14.90 -10.78 -6.94
N PRO A 47 15.81 -10.15 -7.70
CA PRO A 47 15.45 -9.42 -8.92
C PRO A 47 15.00 -10.34 -10.04
N GLY A 48 13.74 -10.21 -10.44
CA GLY A 48 13.20 -11.04 -11.51
C GLY A 48 12.41 -12.22 -10.99
N GLU A 49 12.62 -12.56 -9.72
CA GLU A 49 11.93 -13.68 -9.10
C GLU A 49 10.46 -13.34 -8.86
N SER A 50 9.75 -14.24 -8.18
CA SER A 50 8.34 -14.03 -7.89
C SER A 50 8.15 -13.17 -6.64
N ALA A 51 7.42 -12.07 -6.79
CA ALA A 51 7.17 -11.16 -5.69
C ALA A 51 6.66 -11.91 -4.46
N GLU A 52 6.70 -11.26 -3.31
CA GLU A 52 6.24 -11.87 -2.06
C GLU A 52 5.20 -10.98 -1.38
N VAL A 53 4.03 -11.56 -1.11
CA VAL A 53 2.95 -10.83 -0.46
C VAL A 53 2.87 -11.18 1.02
N PRO A 54 3.46 -10.32 1.87
CA PRO A 54 3.45 -10.51 3.32
C PRO A 54 2.08 -10.33 3.93
N PRO A 55 1.90 -10.86 5.15
CA PRO A 55 0.62 -10.77 5.87
C PRO A 55 0.32 -9.36 6.34
N VAL A 56 1.32 -8.67 6.88
CA VAL A 56 1.16 -7.31 7.36
C VAL A 56 1.85 -6.32 6.43
N PHE A 57 1.10 -5.30 6.01
CA PHE A 57 1.62 -4.29 5.11
C PHE A 57 1.54 -2.90 5.75
N TYR A 58 2.58 -2.10 5.54
CA TYR A 58 2.62 -0.75 6.10
C TYR A 58 3.07 0.26 5.04
N CYS A 59 2.27 1.29 4.85
CA CYS A 59 2.58 2.33 3.87
C CYS A 59 3.92 2.99 4.18
N GLU A 60 4.26 4.02 3.41
CA GLU A 60 5.52 4.73 3.60
C GLU A 60 5.58 5.38 4.99
N LEU A 61 4.50 6.05 5.36
CA LEU A 61 4.43 6.71 6.66
C LEU A 61 4.78 5.74 7.79
N CYS A 62 4.01 4.67 7.89
CA CYS A 62 4.24 3.66 8.93
C CYS A 62 5.60 3.00 8.74
N ARG A 63 5.96 2.75 7.49
CA ARG A 63 7.23 2.10 7.17
C ARG A 63 8.39 2.85 7.82
N LEU A 64 8.50 4.14 7.53
CA LEU A 64 9.56 4.97 8.09
C LEU A 64 9.41 5.10 9.60
N SER A 65 8.18 5.30 10.05
CA SER A 65 7.90 5.45 11.47
C SER A 65 8.27 4.19 12.24
N ARG A 66 8.31 3.06 11.53
CA ARG A 66 8.65 1.77 12.14
C ARG A 66 10.13 1.48 11.97
N ALA A 67 10.73 2.02 10.91
CA ALA A 67 12.15 1.81 10.63
C ALA A 67 12.60 2.63 9.43
N ASP A 68 12.12 2.26 8.25
CA ASP A 68 12.48 2.96 7.02
C ASP A 68 11.47 2.67 5.92
N GLY A 1 -11.60 19.84 -4.72
CA GLY A 1 -12.02 20.13 -3.35
C GLY A 1 -13.21 19.31 -2.92
N SER A 2 -12.94 18.08 -2.49
CA SER A 2 -14.00 17.17 -2.05
C SER A 2 -13.55 16.38 -0.82
N ASP A 3 -14.40 15.45 -0.38
CA ASP A 3 -14.10 14.62 0.78
C ASP A 3 -13.88 13.17 0.36
N SER A 4 -13.29 12.98 -0.81
CA SER A 4 -13.02 11.64 -1.33
C SER A 4 -12.01 10.91 -0.45
N PHE A 5 -11.16 11.69 0.23
CA PHE A 5 -10.15 11.11 1.10
C PHE A 5 -10.77 10.53 2.36
N GLN A 6 -11.10 9.24 2.32
CA GLN A 6 -11.71 8.57 3.46
C GLN A 6 -10.66 8.25 4.53
N PRO A 7 -11.01 8.51 5.80
CA PRO A 7 -10.11 8.25 6.93
C PRO A 7 -9.91 6.76 7.18
N GLU A 8 -10.80 5.94 6.62
CA GLU A 8 -10.71 4.50 6.80
C GLU A 8 -10.41 3.82 5.47
N ALA A 9 -10.48 4.58 4.39
CA ALA A 9 -10.22 4.05 3.06
C ALA A 9 -9.60 5.11 2.15
N LYS A 10 -8.30 5.33 2.29
CA LYS A 10 -7.59 6.32 1.49
C LYS A 10 -6.53 5.66 0.62
N VAL A 11 -6.73 5.68 -0.69
CA VAL A 11 -5.79 5.09 -1.62
C VAL A 11 -4.62 6.04 -1.90
N ARG A 12 -3.45 5.69 -1.38
CA ARG A 12 -2.26 6.51 -1.57
C ARG A 12 -1.08 5.65 -2.01
N CYS A 13 -0.91 5.51 -3.33
CA CYS A 13 0.17 4.72 -3.89
C CYS A 13 1.22 5.62 -4.54
N ILE A 14 2.44 5.11 -4.66
CA ILE A 14 3.53 5.87 -5.27
C ILE A 14 3.19 6.24 -6.71
N CYS A 15 2.27 5.50 -7.31
CA CYS A 15 1.85 5.77 -8.68
C CYS A 15 0.80 6.87 -8.73
N SER A 16 0.38 7.33 -7.56
CA SER A 16 -0.63 8.39 -7.46
C SER A 16 -1.87 8.02 -8.26
N SER A 17 -2.25 6.74 -8.21
CA SER A 17 -3.41 6.25 -8.93
C SER A 17 -4.37 5.53 -7.99
N THR A 18 -5.56 6.09 -7.82
CA THR A 18 -6.57 5.51 -6.95
C THR A 18 -7.52 4.61 -7.73
N MET A 19 -7.02 4.00 -8.79
CA MET A 19 -7.82 3.11 -9.62
C MET A 19 -7.83 1.69 -9.06
N VAL A 20 -8.51 0.79 -9.76
CA VAL A 20 -8.59 -0.60 -9.33
C VAL A 20 -7.54 -1.46 -10.03
N ASN A 21 -6.36 -1.53 -9.43
CA ASN A 21 -5.26 -2.31 -9.99
C ASN A 21 -5.56 -3.81 -9.90
N ASP A 22 -4.54 -4.62 -10.16
CA ASP A 22 -4.70 -6.07 -10.11
C ASP A 22 -5.14 -6.52 -8.72
N SER A 23 -4.61 -5.88 -7.69
CA SER A 23 -4.95 -6.22 -6.31
C SER A 23 -4.53 -5.11 -5.36
N MET A 24 -5.47 -4.63 -4.55
CA MET A 24 -5.20 -3.57 -3.60
C MET A 24 -5.07 -4.13 -2.18
N ILE A 25 -4.36 -3.40 -1.32
CA ILE A 25 -4.16 -3.84 0.05
C ILE A 25 -4.21 -2.65 1.01
N GLN A 26 -4.89 -2.83 2.14
CA GLN A 26 -5.01 -1.77 3.14
C GLN A 26 -3.86 -1.84 4.14
N CYS A 27 -3.46 -0.69 4.66
CA CYS A 27 -2.38 -0.61 5.63
C CYS A 27 -2.76 -1.33 6.93
N GLU A 28 -1.75 -1.84 7.64
CA GLU A 28 -1.98 -2.53 8.89
C GLU A 28 -1.96 -1.57 10.06
N ASP A 29 -2.14 -0.29 9.77
CA ASP A 29 -2.14 0.74 10.82
C ASP A 29 -3.51 1.40 10.92
N GLN A 30 -4.16 1.23 12.07
CA GLN A 30 -5.48 1.81 12.30
C GLN A 30 -5.43 3.33 12.23
N ARG A 31 -4.25 3.90 12.51
CA ARG A 31 -4.07 5.34 12.48
C ARG A 31 -3.71 5.81 11.06
N CYS A 32 -3.76 4.89 10.11
CA CYS A 32 -3.43 5.21 8.72
C CYS A 32 -4.60 4.85 7.79
N GLN A 33 -4.94 3.57 7.76
CA GLN A 33 -6.03 3.09 6.92
C GLN A 33 -5.81 3.51 5.47
N VAL A 34 -4.57 3.41 5.00
CA VAL A 34 -4.23 3.78 3.63
C VAL A 34 -4.10 2.54 2.75
N TRP A 35 -4.80 2.56 1.62
CA TRP A 35 -4.76 1.44 0.68
C TRP A 35 -3.70 1.66 -0.39
N GLN A 36 -3.09 0.57 -0.85
CA GLN A 36 -2.06 0.65 -1.88
C GLN A 36 -2.10 -0.57 -2.79
N HIS A 37 -1.58 -0.42 -4.00
CA HIS A 37 -1.55 -1.51 -4.97
C HIS A 37 -0.52 -2.58 -4.57
N LEU A 38 -0.99 -3.80 -4.38
CA LEU A 38 -0.11 -4.90 -3.99
C LEU A 38 1.03 -5.06 -4.99
N ASN A 39 0.71 -5.03 -6.27
CA ASN A 39 1.71 -5.17 -7.32
C ASN A 39 2.75 -4.04 -7.23
N CYS A 40 2.38 -2.95 -6.56
CA CYS A 40 3.28 -1.82 -6.40
C CYS A 40 4.10 -1.95 -5.12
N VAL A 41 3.52 -2.57 -4.11
CA VAL A 41 4.20 -2.77 -2.83
C VAL A 41 4.74 -4.18 -2.71
N LEU A 42 4.77 -4.90 -3.83
CA LEU A 42 5.27 -6.27 -3.86
C LEU A 42 6.74 -6.30 -4.25
N ILE A 43 7.61 -6.45 -3.26
CA ILE A 43 9.05 -6.51 -3.50
C ILE A 43 9.61 -7.89 -3.20
N PRO A 44 10.23 -8.51 -4.22
CA PRO A 44 10.82 -9.85 -4.10
C PRO A 44 12.06 -9.85 -3.22
N ASP A 45 12.27 -10.95 -2.50
CA ASP A 45 13.42 -11.09 -1.62
C ASP A 45 14.71 -10.75 -2.36
N LYS A 46 14.72 -10.99 -3.66
CA LYS A 46 15.90 -10.71 -4.48
C LYS A 46 15.51 -10.02 -5.77
N PRO A 47 16.48 -9.36 -6.42
CA PRO A 47 16.27 -8.65 -7.69
C PRO A 47 16.01 -9.60 -8.85
N GLY A 48 14.86 -9.45 -9.49
CA GLY A 48 14.51 -10.30 -10.61
C GLY A 48 13.74 -11.53 -10.19
N GLU A 49 13.80 -11.86 -8.91
CA GLU A 49 13.10 -13.02 -8.37
C GLU A 49 11.59 -12.79 -8.36
N SER A 50 10.86 -13.73 -7.76
CA SER A 50 9.41 -13.62 -7.68
C SER A 50 8.99 -12.77 -6.48
N ALA A 51 8.20 -11.74 -6.75
CA ALA A 51 7.72 -10.85 -5.69
C ALA A 51 7.10 -11.64 -4.54
N GLU A 52 6.91 -10.98 -3.41
CA GLU A 52 6.33 -11.62 -2.24
C GLU A 52 5.27 -10.74 -1.60
N VAL A 53 4.08 -11.30 -1.40
CA VAL A 53 2.97 -10.56 -0.80
C VAL A 53 2.74 -11.00 0.64
N PRO A 54 3.36 -10.27 1.59
CA PRO A 54 3.22 -10.57 3.02
C PRO A 54 1.83 -10.26 3.55
N PRO A 55 1.50 -10.83 4.71
CA PRO A 55 0.19 -10.63 5.35
C PRO A 55 0.02 -9.21 5.90
N VAL A 56 1.07 -8.72 6.55
CA VAL A 56 1.03 -7.37 7.12
C VAL A 56 1.76 -6.38 6.22
N PHE A 57 1.05 -5.32 5.83
CA PHE A 57 1.62 -4.30 4.96
C PHE A 57 1.54 -2.92 5.62
N TYR A 58 2.59 -2.13 5.46
CA TYR A 58 2.63 -0.79 6.04
C TYR A 58 3.14 0.23 5.02
N CYS A 59 2.36 1.28 4.79
CA CYS A 59 2.73 2.32 3.84
C CYS A 59 4.08 2.94 4.21
N GLU A 60 4.47 3.97 3.47
CA GLU A 60 5.74 4.65 3.72
C GLU A 60 5.72 5.33 5.08
N LEU A 61 4.63 6.05 5.36
CA LEU A 61 4.49 6.76 6.64
C LEU A 61 4.79 5.84 7.81
N CYS A 62 4.02 4.74 7.91
CA CYS A 62 4.20 3.78 8.99
C CYS A 62 5.57 3.13 8.91
N ARG A 63 6.03 2.86 7.69
CA ARG A 63 7.33 2.23 7.48
C ARG A 63 8.45 3.09 8.07
N LEU A 64 8.36 4.39 7.85
CA LEU A 64 9.36 5.32 8.35
C LEU A 64 9.27 5.45 9.86
N SER A 65 8.06 5.64 10.36
CA SER A 65 7.83 5.77 11.80
C SER A 65 8.12 4.46 12.52
N ARG A 66 8.15 3.37 11.77
CA ARG A 66 8.42 2.06 12.35
C ARG A 66 9.92 1.78 12.37
N ALA A 67 10.62 2.18 11.31
CA ALA A 67 12.06 1.97 11.22
C ALA A 67 12.61 2.55 9.93
N ASP A 68 12.36 3.84 9.70
CA ASP A 68 12.84 4.51 8.50
C ASP A 68 12.41 3.76 7.25
N GLY A 1 -6.52 12.82 -9.72
CA GLY A 1 -7.94 12.96 -9.56
C GLY A 1 -8.47 12.22 -8.34
N SER A 2 -8.79 12.97 -7.29
CA SER A 2 -9.29 12.38 -6.06
C SER A 2 -10.46 13.19 -5.49
N ASP A 3 -11.67 12.76 -5.79
CA ASP A 3 -12.86 13.45 -5.31
C ASP A 3 -13.64 12.58 -4.33
N SER A 4 -12.92 11.76 -3.57
CA SER A 4 -13.54 10.87 -2.60
C SER A 4 -12.49 10.20 -1.72
N PHE A 5 -12.07 10.90 -0.66
CA PHE A 5 -11.06 10.37 0.24
C PHE A 5 -11.69 9.98 1.59
N GLN A 6 -12.15 8.74 1.69
CA GLN A 6 -12.77 8.25 2.92
C GLN A 6 -11.79 8.31 4.08
N PRO A 7 -12.33 8.43 5.31
CA PRO A 7 -11.51 8.49 6.52
C PRO A 7 -10.84 7.16 6.84
N GLU A 8 -11.49 6.07 6.44
CA GLU A 8 -10.96 4.73 6.69
C GLU A 8 -10.46 4.10 5.39
N ALA A 9 -10.89 4.65 4.26
CA ALA A 9 -10.48 4.14 2.96
C ALA A 9 -9.79 5.23 2.14
N LYS A 10 -8.48 5.37 2.33
CA LYS A 10 -7.70 6.36 1.61
C LYS A 10 -6.63 5.70 0.75
N VAL A 11 -6.82 5.75 -0.57
CA VAL A 11 -5.87 5.16 -1.50
C VAL A 11 -4.69 6.08 -1.75
N ARG A 12 -3.53 5.72 -1.21
CA ARG A 12 -2.32 6.52 -1.37
C ARG A 12 -1.14 5.64 -1.77
N CYS A 13 -0.92 5.49 -3.07
CA CYS A 13 0.18 4.69 -3.58
C CYS A 13 1.29 5.57 -4.14
N ILE A 14 2.49 5.02 -4.22
CA ILE A 14 3.64 5.75 -4.73
C ILE A 14 3.40 6.22 -6.16
N CYS A 15 2.48 5.54 -6.84
CA CYS A 15 2.15 5.89 -8.23
C CYS A 15 1.12 7.02 -8.27
N SER A 16 0.65 7.44 -7.10
CA SER A 16 -0.33 8.51 -7.00
C SER A 16 -1.56 8.19 -7.86
N SER A 17 -1.93 6.92 -7.88
CA SER A 17 -3.08 6.48 -8.66
C SER A 17 -4.09 5.75 -7.77
N THR A 18 -5.28 6.32 -7.64
CA THR A 18 -6.33 5.72 -6.82
C THR A 18 -7.27 4.86 -7.66
N MET A 19 -6.71 4.26 -8.72
CA MET A 19 -7.50 3.41 -9.60
C MET A 19 -7.53 1.98 -9.09
N VAL A 20 -8.21 1.11 -9.83
CA VAL A 20 -8.32 -0.30 -9.45
C VAL A 20 -7.20 -1.12 -10.08
N ASN A 21 -6.07 -1.20 -9.41
CA ASN A 21 -4.93 -1.95 -9.90
C ASN A 21 -5.21 -3.46 -9.88
N ASP A 22 -4.17 -4.25 -10.10
CA ASP A 22 -4.30 -5.70 -10.09
C ASP A 22 -4.84 -6.19 -8.75
N SER A 23 -4.37 -5.58 -7.67
CA SER A 23 -4.79 -5.95 -6.33
C SER A 23 -4.43 -4.87 -5.32
N MET A 24 -5.43 -4.42 -4.56
CA MET A 24 -5.21 -3.38 -3.56
C MET A 24 -5.12 -3.99 -2.16
N ILE A 25 -4.52 -3.26 -1.24
CA ILE A 25 -4.36 -3.72 0.14
C ILE A 25 -4.34 -2.55 1.12
N GLN A 26 -5.03 -2.72 2.24
CA GLN A 26 -5.09 -1.68 3.25
C GLN A 26 -3.94 -1.81 4.24
N CYS A 27 -3.53 -0.69 4.82
CA CYS A 27 -2.43 -0.68 5.79
C CYS A 27 -2.83 -1.41 7.06
N GLU A 28 -1.84 -2.00 7.74
CA GLU A 28 -2.09 -2.72 8.98
C GLU A 28 -2.01 -1.79 10.19
N ASP A 29 -2.13 -0.50 9.93
CA ASP A 29 -2.07 0.50 11.00
C ASP A 29 -3.40 1.23 11.14
N GLN A 30 -4.09 0.98 12.25
CA GLN A 30 -5.38 1.61 12.50
C GLN A 30 -5.24 3.13 12.51
N ARG A 31 -4.02 3.62 12.75
CA ARG A 31 -3.77 5.05 12.79
C ARG A 31 -3.42 5.57 11.41
N CYS A 32 -3.63 4.75 10.39
CA CYS A 32 -3.33 5.13 9.02
C CYS A 32 -4.51 4.82 8.10
N GLN A 33 -4.88 3.54 8.01
CA GLN A 33 -5.99 3.11 7.17
C GLN A 33 -5.81 3.60 5.74
N VAL A 34 -4.65 3.29 5.16
CA VAL A 34 -4.35 3.71 3.80
C VAL A 34 -4.24 2.50 2.88
N TRP A 35 -4.91 2.57 1.73
CA TRP A 35 -4.88 1.48 0.75
C TRP A 35 -3.82 1.72 -0.30
N GLN A 36 -3.10 0.67 -0.66
CA GLN A 36 -2.05 0.77 -1.67
C GLN A 36 -2.10 -0.42 -2.63
N HIS A 37 -1.40 -0.29 -3.76
CA HIS A 37 -1.38 -1.35 -4.76
C HIS A 37 -0.38 -2.44 -4.37
N LEU A 38 -0.90 -3.65 -4.17
CA LEU A 38 -0.06 -4.78 -3.79
C LEU A 38 1.08 -4.97 -4.79
N ASN A 39 0.76 -4.91 -6.07
CA ASN A 39 1.75 -5.06 -7.13
C ASN A 39 2.83 -3.99 -7.02
N CYS A 40 2.49 -2.88 -6.38
CA CYS A 40 3.43 -1.78 -6.22
C CYS A 40 4.29 -1.98 -4.96
N VAL A 41 3.69 -2.58 -3.94
CA VAL A 41 4.40 -2.83 -2.68
C VAL A 41 4.89 -4.27 -2.61
N LEU A 42 4.85 -4.96 -3.75
CA LEU A 42 5.30 -6.35 -3.81
C LEU A 42 6.75 -6.43 -4.27
N ILE A 43 7.66 -6.59 -3.32
CA ILE A 43 9.08 -6.70 -3.63
C ILE A 43 9.60 -8.10 -3.37
N PRO A 44 10.12 -8.74 -4.43
CA PRO A 44 10.67 -10.10 -4.34
C PRO A 44 11.97 -10.16 -3.55
N ASP A 45 12.19 -11.26 -2.86
CA ASP A 45 13.40 -11.45 -2.06
C ASP A 45 14.65 -11.16 -2.88
N LYS A 46 14.55 -11.41 -4.19
CA LYS A 46 15.67 -11.17 -5.10
C LYS A 46 15.20 -10.50 -6.39
N PRO A 47 16.14 -9.89 -7.11
CA PRO A 47 15.85 -9.21 -8.38
C PRO A 47 15.49 -10.18 -9.50
N GLY A 48 14.28 -10.04 -10.03
CA GLY A 48 13.83 -10.92 -11.09
C GLY A 48 13.03 -12.10 -10.59
N GLU A 49 13.17 -12.39 -9.29
CA GLU A 49 12.45 -13.50 -8.68
C GLU A 49 10.96 -13.20 -8.56
N SER A 50 10.23 -14.08 -7.90
CA SER A 50 8.79 -13.90 -7.72
C SER A 50 8.50 -13.02 -6.50
N ALA A 51 7.77 -11.94 -6.73
CA ALA A 51 7.42 -11.01 -5.66
C ALA A 51 6.81 -11.75 -4.47
N GLU A 52 6.78 -11.09 -3.32
CA GLU A 52 6.22 -11.69 -2.11
C GLU A 52 5.16 -10.79 -1.49
N VAL A 53 3.96 -11.33 -1.31
CA VAL A 53 2.86 -10.56 -0.72
C VAL A 53 2.58 -11.02 0.70
N PRO A 54 3.20 -10.33 1.67
CA PRO A 54 3.03 -10.63 3.09
C PRO A 54 1.63 -10.28 3.61
N PRO A 55 1.25 -10.88 4.74
CA PRO A 55 -0.05 -10.65 5.35
C PRO A 55 -0.18 -9.24 5.94
N VAL A 56 0.86 -8.81 6.65
CA VAL A 56 0.87 -7.48 7.25
C VAL A 56 1.54 -6.47 6.34
N PHE A 57 0.77 -5.49 5.87
CA PHE A 57 1.28 -4.45 4.99
C PHE A 57 1.39 -3.11 5.72
N TYR A 58 2.50 -2.43 5.52
CA TYR A 58 2.72 -1.12 6.16
C TYR A 58 3.18 -0.08 5.15
N CYS A 59 2.29 0.86 4.84
CA CYS A 59 2.60 1.92 3.89
C CYS A 59 3.97 2.53 4.18
N GLU A 60 4.58 3.15 3.17
CA GLU A 60 5.88 3.77 3.32
C GLU A 60 5.89 4.72 4.51
N LEU A 61 4.82 5.49 4.66
CA LEU A 61 4.70 6.45 5.76
C LEU A 61 4.99 5.77 7.09
N CYS A 62 4.35 4.64 7.34
CA CYS A 62 4.53 3.90 8.58
C CYS A 62 5.89 3.20 8.59
N ARG A 63 6.20 2.48 7.51
CA ARG A 63 7.46 1.77 7.39
C ARG A 63 8.63 2.68 7.72
N LEU A 64 8.57 3.91 7.22
CA LEU A 64 9.63 4.89 7.46
C LEU A 64 9.58 5.41 8.90
N SER A 65 8.37 5.79 9.33
CA SER A 65 8.18 6.31 10.68
C SER A 65 8.57 5.27 11.73
N ARG A 66 8.60 4.01 11.31
CA ARG A 66 8.95 2.91 12.21
C ARG A 66 10.39 2.47 11.99
N ALA A 67 10.90 2.67 10.79
CA ALA A 67 12.27 2.29 10.45
C ALA A 67 13.19 3.51 10.51
N ASP A 68 12.80 4.51 11.29
CA ASP A 68 13.60 5.73 11.43
C ASP A 68 13.86 6.37 10.08
#